data_7PWY
#
_entry.id   7PWY
#
_cell.length_a   153.410
_cell.length_b   92.579
_cell.length_c   103.970
_cell.angle_alpha   90.000
_cell.angle_beta   90.000
_cell.angle_gamma   90.000
#
_symmetry.space_group_name_H-M   'P 21 21 2'
#
loop_
_entity.id
_entity.type
_entity.pdbx_description
1 polymer '2-amino-3-carboxymuconate-6-semialdehyde decarboxylase'
2 non-polymer 'ZINC ION'
3 non-polymer '2-[3-[(5-cyano-6-oxidanylidene-4-thiophen-2-yl-1H-pyrimidin-2-yl)sulfanylmethyl]phenyl]ethanoic acid'
4 non-polymer 'POTASSIUM ION'
5 water water
#
_entity_poly.entity_id   1
_entity_poly.type   'polypeptide(L)'
_entity_poly.pdbx_seq_one_letter_code
;MKIDIHSHILPKEWPDLKKRFGYGGWVQLQHHSKGEAKLLKDGKVFRVVRENCWDPEVRIREMDQKGVTVQALSTVPVMF
SYWAKPEDTLNLCQLLNNDLASTVVSYPRRFVGLGTLPMQAPELAVKEMERCVKELGFPGVQIGTHVNEWDLNAQELFPV
YAAAERLKCSLFVHPWDMQMDGRMAKYWLPWLVGMPAETTIAICSMIMGGVFEKFPKLKVCFAHGGGAFPFTVGRISHGF
SMRPDLCAQDNPMNPKKYLGSFYTDALVHDPLSLKLLTDVIGKDKVILGTDYPFPLGELEPGKLIESMEEFDEETKNKLK
AGNALAFLGLERKQFE
;
_entity_poly.pdbx_strand_id   A,B,C,D
#
# COMPACT_ATOMS: atom_id res chain seq x y z
N LYS A 2 4.58 -47.99 17.87
CA LYS A 2 3.69 -48.40 18.95
C LYS A 2 2.97 -47.20 19.56
N ILE A 3 3.70 -46.10 19.81
CA ILE A 3 3.12 -44.90 20.41
C ILE A 3 3.45 -43.70 19.53
N ASP A 4 2.44 -42.89 19.25
CA ASP A 4 2.56 -41.67 18.46
C ASP A 4 2.37 -40.48 19.40
N ILE A 5 3.44 -39.73 19.65
CA ILE A 5 3.37 -38.62 20.58
C ILE A 5 2.83 -37.35 19.95
N HIS A 6 2.80 -37.28 18.62
CA HIS A 6 2.50 -36.05 17.89
C HIS A 6 1.32 -36.32 16.96
N SER A 7 0.12 -36.06 17.45
CA SER A 7 -1.09 -36.15 16.63
C SER A 7 -2.10 -35.14 17.14
N HIS A 8 -2.92 -34.62 16.22
CA HIS A 8 -3.85 -33.54 16.50
C HIS A 8 -5.28 -34.00 16.32
N ILE A 9 -6.18 -33.39 17.08
CA ILE A 9 -7.60 -33.71 17.00
C ILE A 9 -8.38 -32.45 17.35
N LEU A 10 -9.56 -32.31 16.75
CA LEU A 10 -10.49 -31.23 17.00
C LEU A 10 -11.82 -31.79 17.50
N PRO A 11 -12.60 -31.00 18.24
CA PRO A 11 -13.97 -31.42 18.53
C PRO A 11 -14.79 -31.48 17.25
N LYS A 12 -15.82 -32.32 17.27
CA LYS A 12 -16.69 -32.42 16.10
C LYS A 12 -17.46 -31.12 15.88
N GLU A 13 -17.76 -30.40 16.95
CA GLU A 13 -18.49 -29.13 16.89
C GLU A 13 -18.02 -28.24 18.02
N TRP A 14 -18.16 -26.94 17.82
CA TRP A 14 -18.05 -25.96 18.89
C TRP A 14 -18.77 -24.69 18.46
N PRO A 15 -19.26 -23.88 19.41
CA PRO A 15 -20.12 -22.76 19.05
C PRO A 15 -19.39 -21.67 18.28
N ASP A 16 -20.19 -20.76 17.72
CA ASP A 16 -19.65 -19.56 17.07
C ASP A 16 -18.83 -18.79 18.08
N LEU A 17 -17.51 -18.76 17.89
CA LEU A 17 -16.65 -18.10 18.87
C LEU A 17 -16.68 -16.58 18.74
N LYS A 18 -16.96 -16.06 17.54
CA LYS A 18 -17.06 -14.61 17.39
C LYS A 18 -18.22 -14.05 18.20
N LYS A 19 -19.32 -14.80 18.29
CA LYS A 19 -20.45 -14.37 19.12
C LYS A 19 -20.23 -14.71 20.59
N ARG A 20 -19.50 -15.78 20.88
CA ARG A 20 -19.25 -16.16 22.27
C ARG A 20 -18.38 -15.13 22.98
N PHE A 21 -17.45 -14.49 22.25
CA PHE A 21 -16.45 -13.64 22.87
C PHE A 21 -16.49 -12.18 22.41
N GLY A 22 -17.25 -11.85 21.38
CA GLY A 22 -17.45 -10.47 21.00
C GLY A 22 -16.49 -9.91 19.98
N TYR A 23 -15.54 -10.70 19.51
CA TYR A 23 -14.59 -10.25 18.50
C TYR A 23 -14.24 -11.44 17.60
N GLY A 24 -13.61 -11.13 16.46
CA GLY A 24 -13.29 -12.12 15.47
C GLY A 24 -11.86 -12.60 15.56
N GLY A 25 -11.47 -13.40 14.57
CA GLY A 25 -10.16 -13.99 14.50
C GLY A 25 -10.08 -15.44 14.92
N TRP A 26 -11.22 -16.08 15.19
CA TRP A 26 -11.23 -17.44 15.69
C TRP A 26 -11.39 -18.44 14.54
N VAL A 27 -11.35 -19.73 14.90
CA VAL A 27 -11.42 -20.82 13.94
C VAL A 27 -12.73 -21.58 14.16
N GLN A 28 -13.40 -21.91 13.07
CA GLN A 28 -14.63 -22.70 13.10
C GLN A 28 -14.49 -23.90 12.18
N LEU A 29 -15.21 -24.96 12.52
CA LEU A 29 -15.25 -26.18 11.72
C LEU A 29 -16.65 -26.34 11.12
N GLN A 30 -16.72 -26.42 9.80
CA GLN A 30 -17.99 -26.54 9.08
CA GLN A 30 -17.98 -26.55 9.09
C GLN A 30 -17.97 -27.81 8.23
N HIS A 31 -18.99 -28.64 8.41
CA HIS A 31 -19.11 -29.89 7.65
C HIS A 31 -19.85 -29.60 6.36
N HIS A 32 -19.15 -29.74 5.23
CA HIS A 32 -19.73 -29.49 3.91
C HIS A 32 -20.11 -30.76 3.18
N SER A 33 -19.40 -31.85 3.38
CA SER A 33 -19.73 -33.14 2.77
C SER A 33 -19.59 -34.24 3.83
N LYS A 34 -19.89 -35.47 3.43
CA LYS A 34 -19.73 -36.60 4.33
C LYS A 34 -18.27 -37.04 4.36
N GLY A 35 -17.74 -37.20 5.56
CA GLY A 35 -16.34 -37.52 5.74
C GLY A 35 -15.38 -36.37 5.52
N GLU A 36 -15.88 -35.15 5.31
CA GLU A 36 -15.04 -34.00 5.08
C GLU A 36 -15.62 -32.78 5.81
N ALA A 37 -14.75 -31.82 6.10
CA ALA A 37 -15.15 -30.61 6.80
C ALA A 37 -14.20 -29.49 6.43
N LYS A 38 -14.67 -28.26 6.60
CA LYS A 38 -13.89 -27.06 6.29
C LYS A 38 -13.51 -26.34 7.58
N LEU A 39 -12.27 -25.88 7.64
CA LEU A 39 -11.82 -24.98 8.69
C LEU A 39 -11.92 -23.54 8.19
N LEU A 40 -12.65 -22.71 8.92
CA LEU A 40 -12.87 -21.32 8.55
C LEU A 40 -12.19 -20.40 9.54
N LYS A 41 -11.61 -19.32 9.02
CA LYS A 41 -11.14 -18.21 9.84
C LYS A 41 -11.94 -16.98 9.41
N ASP A 42 -13.03 -16.72 10.13
CA ASP A 42 -13.95 -15.62 9.80
C ASP A 42 -14.51 -15.79 8.39
N GLY A 43 -15.02 -16.99 8.11
CA GLY A 43 -15.67 -17.30 6.85
C GLY A 43 -14.75 -17.81 5.76
N LYS A 44 -13.44 -17.55 5.86
CA LYS A 44 -12.51 -17.91 4.79
C LYS A 44 -11.88 -19.26 5.10
N VAL A 45 -12.01 -20.21 4.17
CA VAL A 45 -11.41 -21.53 4.33
C VAL A 45 -9.90 -21.41 4.28
N PHE A 46 -9.21 -22.24 5.06
CA PHE A 46 -7.77 -22.40 4.91
C PHE A 46 -7.32 -23.85 4.81
N ARG A 47 -8.16 -24.83 5.14
CA ARG A 47 -7.92 -26.21 4.73
C ARG A 47 -9.19 -27.03 4.94
N VAL A 48 -9.29 -28.11 4.16
CA VAL A 48 -10.36 -29.10 4.28
C VAL A 48 -9.79 -30.32 4.99
N VAL A 49 -10.47 -30.77 6.03
CA VAL A 49 -10.02 -31.92 6.81
C VAL A 49 -11.01 -33.06 6.64
N ARG A 50 -10.53 -34.28 6.89
CA ARG A 50 -11.35 -35.48 6.82
C ARG A 50 -11.91 -35.83 8.19
N GLU A 51 -12.74 -36.87 8.23
CA GLU A 51 -13.41 -37.24 9.48
C GLU A 51 -12.42 -37.72 10.53
N ASN A 52 -11.27 -38.26 10.12
CA ASN A 52 -10.27 -38.71 11.08
C ASN A 52 -9.67 -37.58 11.91
N CYS A 53 -10.03 -36.33 11.63
CA CYS A 53 -9.59 -35.21 12.45
C CYS A 53 -10.46 -35.01 13.69
N TRP A 54 -11.62 -35.65 13.77
CA TRP A 54 -12.48 -35.48 14.93
C TRP A 54 -13.08 -36.78 15.44
N ASP A 55 -13.37 -37.73 14.53
CA ASP A 55 -14.11 -38.94 14.89
C ASP A 55 -13.16 -39.98 15.45
N PRO A 56 -13.23 -40.30 16.75
CA PRO A 56 -12.28 -41.27 17.32
C PRO A 56 -12.45 -42.67 16.76
N GLU A 57 -13.67 -43.06 16.37
CA GLU A 57 -13.88 -44.35 15.73
C GLU A 57 -12.99 -44.49 14.49
N VAL A 58 -12.98 -43.47 13.64
CA VAL A 58 -12.17 -43.50 12.42
C VAL A 58 -10.69 -43.59 12.78
N ARG A 59 -10.26 -42.84 13.80
CA ARG A 59 -8.87 -42.90 14.23
C ARG A 59 -8.48 -44.30 14.69
N ILE A 60 -9.36 -44.96 15.46
CA ILE A 60 -9.07 -46.30 15.95
C ILE A 60 -8.83 -47.26 14.78
N ARG A 61 -9.72 -47.22 13.78
CA ARG A 61 -9.56 -48.08 12.61
C ARG A 61 -8.22 -47.82 11.93
N GLU A 62 -7.88 -46.55 11.72
CA GLU A 62 -6.60 -46.25 11.07
C GLU A 62 -5.42 -46.64 11.95
N MET A 63 -5.56 -46.53 13.27
CA MET A 63 -4.46 -46.91 14.16
C MET A 63 -4.19 -48.40 14.11
N ASP A 64 -5.25 -49.21 14.15
CA ASP A 64 -5.08 -50.66 14.01
C ASP A 64 -4.42 -50.99 12.68
N GLN A 65 -4.82 -50.31 11.60
CA GLN A 65 -4.30 -50.63 10.27
C GLN A 65 -2.84 -50.19 10.11
N LYS A 66 -2.42 -49.17 10.86
CA LYS A 66 -1.04 -48.70 10.82
C LYS A 66 -0.17 -49.26 11.93
N GLY A 67 -0.77 -49.95 12.90
CA GLY A 67 -0.01 -50.56 13.98
C GLY A 67 0.25 -49.67 15.17
N VAL A 68 -0.54 -48.62 15.37
CA VAL A 68 -0.32 -47.67 16.45
C VAL A 68 -1.11 -48.12 17.67
N THR A 69 -0.41 -48.35 18.77
CA THR A 69 -1.09 -48.74 20.01
C THR A 69 -1.79 -47.55 20.64
N VAL A 70 -1.08 -46.42 20.77
CA VAL A 70 -1.57 -45.26 21.50
C VAL A 70 -1.24 -43.99 20.73
N GLN A 71 -2.19 -43.07 20.68
CA GLN A 71 -1.98 -41.71 20.19
C GLN A 71 -2.04 -40.74 21.36
N ALA A 72 -1.09 -39.81 21.41
CA ALA A 72 -1.16 -38.69 22.34
C ALA A 72 -1.97 -37.59 21.66
N LEU A 73 -3.20 -37.38 22.10
CA LEU A 73 -4.08 -36.41 21.47
C LEU A 73 -3.76 -35.01 21.98
N SER A 74 -3.55 -34.09 21.03
CA SER A 74 -3.40 -32.68 21.34
C SER A 74 -4.26 -31.87 20.37
N THR A 75 -4.63 -30.67 20.77
CA THR A 75 -5.42 -29.83 19.89
C THR A 75 -4.56 -29.36 18.71
N VAL A 76 -5.22 -28.74 17.74
CA VAL A 76 -4.50 -28.20 16.59
C VAL A 76 -3.93 -26.84 16.96
N PRO A 77 -2.63 -26.60 16.72
CA PRO A 77 -1.98 -25.38 17.24
C PRO A 77 -2.68 -24.08 16.87
N VAL A 78 -3.45 -24.05 15.78
CA VAL A 78 -4.18 -22.83 15.42
C VAL A 78 -5.19 -22.46 16.49
N MET A 79 -5.56 -23.39 17.36
CA MET A 79 -6.49 -23.14 18.45
C MET A 79 -5.81 -22.62 19.71
N PHE A 80 -4.48 -22.46 19.69
CA PHE A 80 -3.77 -21.95 20.87
C PHE A 80 -4.41 -20.68 21.41
N SER A 81 -4.68 -19.72 20.51
CA SER A 81 -5.44 -18.51 20.83
C SER A 81 -4.75 -17.67 21.91
N TYR A 82 -3.42 -17.65 21.91
CA TYR A 82 -2.70 -16.85 22.91
C TYR A 82 -2.92 -15.35 22.69
N TRP A 83 -3.36 -14.95 21.50
CA TRP A 83 -3.56 -13.55 21.17
C TRP A 83 -4.83 -12.96 21.77
N ALA A 84 -5.79 -13.80 22.17
CA ALA A 84 -7.08 -13.32 22.60
C ALA A 84 -7.03 -12.91 24.07
N LYS A 85 -8.17 -12.46 24.58
CA LYS A 85 -8.27 -12.11 25.99
C LYS A 85 -7.99 -13.34 26.84
N PRO A 86 -7.34 -13.19 28.00
CA PRO A 86 -7.06 -14.36 28.85
C PRO A 86 -8.30 -15.15 29.24
N GLU A 87 -9.36 -14.47 29.71
CA GLU A 87 -10.55 -15.18 30.14
C GLU A 87 -11.29 -15.84 28.99
N ASP A 88 -11.06 -15.39 27.75
CA ASP A 88 -11.68 -16.03 26.59
C ASP A 88 -10.87 -17.24 26.14
N THR A 89 -9.54 -17.11 26.10
CA THR A 89 -8.69 -18.26 25.77
C THR A 89 -8.86 -19.37 26.80
N LEU A 90 -9.01 -19.01 28.07
CA LEU A 90 -9.26 -20.02 29.09
C LEU A 90 -10.61 -20.70 28.88
N ASN A 91 -11.63 -19.93 28.53
CA ASN A 91 -12.93 -20.51 28.17
C ASN A 91 -12.77 -21.54 27.05
N LEU A 92 -11.95 -21.22 26.04
CA LEU A 92 -11.73 -22.15 24.96
C LEU A 92 -10.92 -23.36 25.42
N CYS A 93 -9.99 -23.17 26.35
CA CYS A 93 -9.21 -24.29 26.86
C CYS A 93 -10.08 -25.28 27.62
N GLN A 94 -11.05 -24.79 28.38
CA GLN A 94 -11.98 -25.70 29.06
CA GLN A 94 -12.00 -25.68 29.06
C GLN A 94 -12.78 -26.51 28.05
N LEU A 95 -13.24 -25.87 26.98
CA LEU A 95 -13.98 -26.58 25.95
C LEU A 95 -13.12 -27.63 25.27
N LEU A 96 -11.90 -27.26 24.89
CA LEU A 96 -11.03 -28.20 24.19
C LEU A 96 -10.56 -29.33 25.10
N ASN A 97 -10.17 -29.00 26.34
CA ASN A 97 -9.63 -30.02 27.22
C ASN A 97 -10.70 -31.03 27.65
N ASN A 98 -11.91 -30.55 27.91
CA ASN A 98 -13.01 -31.46 28.26
C ASN A 98 -13.31 -32.41 27.11
N ASP A 99 -13.45 -31.87 25.90
CA ASP A 99 -13.67 -32.73 24.73
C ASP A 99 -12.51 -33.70 24.54
N LEU A 100 -11.28 -33.24 24.76
CA LEU A 100 -10.14 -34.15 24.75
C LEU A 100 -10.29 -35.22 25.83
N ALA A 101 -10.79 -34.82 27.00
CA ALA A 101 -10.93 -35.76 28.11
C ALA A 101 -11.98 -36.81 27.83
N SER A 102 -13.09 -36.42 27.19
CA SER A 102 -14.15 -37.39 26.89
C SER A 102 -13.72 -38.40 25.85
N THR A 103 -12.82 -38.03 24.94
CA THR A 103 -12.33 -38.99 23.96
C THR A 103 -11.38 -39.99 24.61
N VAL A 104 -10.65 -39.58 25.65
CA VAL A 104 -9.73 -40.50 26.32
C VAL A 104 -10.49 -41.55 27.12
N VAL A 105 -11.57 -41.16 27.81
CA VAL A 105 -12.31 -42.11 28.63
C VAL A 105 -13.05 -43.13 27.78
N SER A 106 -13.33 -42.82 26.50
CA SER A 106 -14.03 -43.76 25.64
C SER A 106 -13.12 -44.85 25.08
N TYR A 107 -11.81 -44.60 24.99
CA TYR A 107 -10.84 -45.59 24.56
C TYR A 107 -9.56 -45.39 25.37
N PRO A 108 -9.56 -45.80 26.63
CA PRO A 108 -8.45 -45.42 27.54
C PRO A 108 -7.16 -46.19 27.35
N ARG A 109 -7.06 -47.11 26.40
CA ARG A 109 -5.78 -47.72 26.06
C ARG A 109 -5.32 -47.38 24.66
N ARG A 110 -6.00 -46.44 23.99
CA ARG A 110 -5.56 -45.95 22.70
C ARG A 110 -5.23 -44.48 22.71
N PHE A 111 -5.62 -43.74 23.76
CA PHE A 111 -5.43 -42.30 23.80
C PHE A 111 -4.95 -41.85 25.17
N VAL A 112 -4.02 -40.89 25.17
CA VAL A 112 -3.74 -40.07 26.33
C VAL A 112 -3.80 -38.62 25.86
N GLY A 113 -4.21 -37.73 26.76
CA GLY A 113 -4.48 -36.36 26.41
C GLY A 113 -3.32 -35.42 26.70
N LEU A 114 -3.16 -34.42 25.84
CA LEU A 114 -2.24 -33.31 26.06
C LEU A 114 -3.06 -32.03 25.90
N GLY A 115 -3.46 -31.44 27.02
CA GLY A 115 -4.36 -30.31 26.99
C GLY A 115 -3.69 -29.04 26.47
N THR A 116 -4.50 -28.01 26.33
CA THR A 116 -4.04 -26.70 25.90
C THR A 116 -4.25 -25.67 27.01
N LEU A 117 -3.37 -24.68 27.06
CA LEU A 117 -3.35 -23.73 28.16
C LEU A 117 -3.43 -22.30 27.64
N PRO A 118 -4.02 -21.39 28.43
CA PRO A 118 -4.00 -19.96 28.09
C PRO A 118 -2.69 -19.30 28.53
N MET A 119 -1.66 -19.47 27.69
CA MET A 119 -0.29 -19.13 28.09
C MET A 119 -0.06 -17.62 28.21
N GLN A 120 -0.95 -16.78 27.71
CA GLN A 120 -0.78 -15.34 27.88
C GLN A 120 -1.19 -14.86 29.26
N ALA A 121 -1.72 -15.74 30.11
CA ALA A 121 -2.04 -15.44 31.50
C ALA A 121 -1.51 -16.57 32.36
N PRO A 122 -0.23 -16.52 32.74
CA PRO A 122 0.37 -17.64 33.47
C PRO A 122 -0.40 -18.09 34.69
N GLU A 123 -1.05 -17.18 35.41
CA GLU A 123 -1.80 -17.60 36.60
C GLU A 123 -3.02 -18.43 36.23
N LEU A 124 -3.71 -18.07 35.15
CA LEU A 124 -4.82 -18.89 34.68
C LEU A 124 -4.29 -20.20 34.10
N ALA A 125 -3.17 -20.15 33.39
CA ALA A 125 -2.58 -21.36 32.82
C ALA A 125 -2.26 -22.38 33.89
N VAL A 126 -1.71 -21.94 35.03
CA VAL A 126 -1.41 -22.87 36.11
C VAL A 126 -2.69 -23.50 36.65
N LYS A 127 -3.75 -22.70 36.79
CA LYS A 127 -5.03 -23.22 37.25
C LYS A 127 -5.54 -24.31 36.32
N GLU A 128 -5.67 -23.98 35.03
CA GLU A 128 -6.25 -24.92 34.07
C GLU A 128 -5.38 -26.15 33.89
N MET A 129 -4.06 -25.99 34.00
CA MET A 129 -3.17 -27.13 33.91
C MET A 129 -3.33 -28.05 35.11
N GLU A 130 -3.43 -27.47 36.31
CA GLU A 130 -3.71 -28.27 37.50
C GLU A 130 -5.02 -29.03 37.34
N ARG A 131 -6.03 -28.37 36.78
CA ARG A 131 -7.30 -29.05 36.50
C ARG A 131 -7.10 -30.18 35.48
N CYS A 132 -6.21 -29.97 34.50
CA CYS A 132 -5.95 -30.99 33.50
C CYS A 132 -5.32 -32.23 34.10
N VAL A 133 -4.39 -32.04 35.04
CA VAL A 133 -3.67 -33.19 35.61
C VAL A 133 -4.51 -33.90 36.66
N LYS A 134 -5.10 -33.15 37.59
CA LYS A 134 -5.79 -33.79 38.70
C LYS A 134 -7.21 -34.22 38.32
N GLU A 135 -7.99 -33.32 37.71
CA GLU A 135 -9.38 -33.61 37.43
C GLU A 135 -9.59 -34.35 36.11
N LEU A 136 -8.74 -34.10 35.11
CA LEU A 136 -8.88 -34.73 33.80
C LEU A 136 -7.92 -35.88 33.58
N GLY A 137 -6.79 -35.93 34.30
CA GLY A 137 -5.87 -37.04 34.21
C GLY A 137 -4.86 -36.97 33.08
N PHE A 138 -4.65 -35.79 32.49
CA PHE A 138 -3.70 -35.66 31.40
C PHE A 138 -2.27 -35.80 31.92
N PRO A 139 -1.40 -36.51 31.21
CA PRO A 139 0.02 -36.55 31.58
C PRO A 139 0.83 -35.38 31.07
N GLY A 140 0.23 -34.41 30.39
CA GLY A 140 0.97 -33.28 29.90
C GLY A 140 0.08 -32.33 29.12
N VAL A 141 0.70 -31.28 28.58
CA VAL A 141 0.03 -30.29 27.75
C VAL A 141 0.90 -29.98 26.54
N GLN A 142 0.26 -29.38 25.53
CA GLN A 142 0.97 -28.88 24.36
C GLN A 142 0.92 -27.36 24.36
N ILE A 143 2.09 -26.74 24.19
CA ILE A 143 2.20 -25.28 24.16
C ILE A 143 2.98 -24.88 22.92
N GLY A 144 2.85 -23.60 22.57
CA GLY A 144 3.56 -23.08 21.41
C GLY A 144 5.01 -22.78 21.70
N THR A 145 5.74 -22.40 20.64
CA THR A 145 7.14 -22.04 20.78
C THR A 145 7.34 -20.65 21.37
N HIS A 146 6.28 -19.85 21.45
CA HIS A 146 6.36 -18.51 22.02
C HIS A 146 4.94 -18.03 22.30
N VAL A 147 4.83 -17.10 23.23
CA VAL A 147 3.55 -16.52 23.62
C VAL A 147 3.66 -15.02 23.36
N ASN A 148 3.20 -14.59 22.19
CA ASN A 148 3.19 -13.18 21.76
C ASN A 148 4.64 -12.69 21.75
N GLU A 149 5.00 -11.68 22.54
CA GLU A 149 6.37 -11.21 22.58
C GLU A 149 7.26 -12.00 23.53
N TRP A 150 6.69 -12.93 24.29
CA TRP A 150 7.49 -13.77 25.19
C TRP A 150 8.03 -14.98 24.43
N ASP A 151 9.31 -15.26 24.62
CA ASP A 151 9.85 -16.56 24.27
C ASP A 151 9.81 -17.46 25.48
N LEU A 152 10.20 -18.71 25.28
CA LEU A 152 10.11 -19.63 26.43
C LEU A 152 11.19 -19.38 27.48
N ASN A 153 11.95 -18.29 27.37
CA ASN A 153 12.88 -17.88 28.41
C ASN A 153 12.27 -16.84 29.35
N ALA A 154 11.16 -16.24 28.95
CA ALA A 154 10.55 -15.16 29.70
C ALA A 154 10.23 -15.59 31.13
N GLN A 155 10.60 -14.76 32.09
CA GLN A 155 10.37 -15.10 33.49
C GLN A 155 8.88 -15.09 33.84
N GLU A 156 8.04 -14.45 33.03
CA GLU A 156 6.61 -14.47 33.27
C GLU A 156 6.05 -15.88 33.17
N LEU A 157 6.65 -16.74 32.36
CA LEU A 157 6.18 -18.11 32.17
C LEU A 157 6.76 -19.09 33.18
N PHE A 158 7.68 -18.65 34.04
CA PHE A 158 8.25 -19.55 35.03
C PHE A 158 7.22 -20.16 35.99
N PRO A 159 6.15 -19.47 36.39
CA PRO A 159 5.10 -20.15 37.16
C PRO A 159 4.53 -21.37 36.44
N VAL A 160 4.47 -21.35 35.11
CA VAL A 160 3.99 -22.50 34.36
C VAL A 160 5.00 -23.65 34.46
N TYR A 161 6.28 -23.34 34.31
CA TYR A 161 7.31 -24.38 34.43
C TYR A 161 7.37 -24.94 35.84
N ALA A 162 7.33 -24.08 36.85
CA ALA A 162 7.42 -24.53 38.23
C ALA A 162 6.25 -25.44 38.59
N ALA A 163 5.05 -25.10 38.12
CA ALA A 163 3.89 -25.96 38.33
C ALA A 163 4.02 -27.27 37.55
N ALA A 164 4.76 -27.25 36.44
CA ALA A 164 4.91 -28.45 35.63
C ALA A 164 5.86 -29.44 36.28
N GLU A 165 6.97 -28.96 36.83
CA GLU A 165 7.86 -29.82 37.59
C GLU A 165 7.14 -30.43 38.79
N ARG A 166 6.29 -29.64 39.45
CA ARG A 166 5.59 -30.12 40.65
C ARG A 166 4.50 -31.11 40.29
N LEU A 167 3.65 -30.77 39.33
CA LEU A 167 2.52 -31.62 38.96
C LEU A 167 2.92 -32.86 38.17
N LYS A 168 4.21 -33.03 37.85
CA LYS A 168 4.68 -34.10 36.97
C LYS A 168 3.93 -34.06 35.64
N CYS A 169 3.94 -32.88 35.02
CA CYS A 169 3.22 -32.62 33.77
C CYS A 169 4.23 -32.33 32.67
N SER A 170 4.23 -33.15 31.64
CA SER A 170 5.19 -33.03 30.55
C SER A 170 4.76 -31.95 29.57
N LEU A 171 5.74 -31.34 28.91
CA LEU A 171 5.51 -30.24 27.98
C LEU A 171 5.90 -30.67 26.57
N PHE A 172 4.91 -30.70 25.67
CA PHE A 172 5.17 -30.88 24.25
C PHE A 172 5.08 -29.51 23.59
N VAL A 173 6.21 -29.01 23.11
CA VAL A 173 6.32 -27.67 22.55
C VAL A 173 6.16 -27.76 21.04
N HIS A 174 5.10 -27.15 20.52
CA HIS A 174 4.78 -27.23 19.10
C HIS A 174 4.96 -25.88 18.45
N PRO A 175 5.66 -25.80 17.32
CA PRO A 175 5.85 -24.50 16.65
C PRO A 175 4.53 -23.94 16.13
N TRP A 176 4.31 -22.65 16.39
CA TRP A 176 3.16 -21.95 15.83
C TRP A 176 3.47 -20.46 15.84
N ASP A 177 2.58 -19.71 15.18
CA ASP A 177 2.65 -18.24 15.13
C ASP A 177 3.93 -17.76 14.47
N MET A 178 4.31 -18.41 13.38
CA MET A 178 5.37 -17.90 12.54
C MET A 178 4.81 -16.83 11.61
N GLN A 179 5.72 -16.09 10.96
CA GLN A 179 5.28 -15.10 9.99
C GLN A 179 4.57 -15.78 8.84
N MET A 180 3.38 -15.28 8.51
CA MET A 180 2.53 -15.90 7.49
C MET A 180 2.43 -15.08 6.21
N ASP A 181 2.86 -13.83 6.22
CA ASP A 181 2.70 -12.93 5.08
C ASP A 181 4.07 -12.45 4.59
N GLY A 182 4.04 -11.46 3.71
CA GLY A 182 5.28 -10.88 3.21
C GLY A 182 6.10 -11.89 2.43
N ARG A 183 7.37 -12.03 2.81
CA ARG A 183 8.25 -12.95 2.11
C ARG A 183 7.88 -14.41 2.39
N MET A 184 7.25 -14.69 3.52
CA MET A 184 6.88 -16.05 3.87
C MET A 184 5.57 -16.50 3.24
N ALA A 185 4.91 -15.65 2.45
CA ALA A 185 3.60 -15.99 1.91
C ALA A 185 3.66 -16.97 0.74
N LYS A 186 4.82 -17.55 0.44
CA LYS A 186 4.98 -18.36 -0.74
C LYS A 186 5.57 -19.73 -0.38
N TYR A 187 5.35 -20.68 -1.29
CA TYR A 187 6.02 -21.99 -1.28
C TYR A 187 5.83 -22.74 0.03
N TRP A 188 4.74 -22.46 0.75
CA TRP A 188 4.46 -23.12 2.03
C TRP A 188 5.60 -22.90 3.02
N LEU A 189 6.31 -21.79 2.88
CA LEU A 189 7.48 -21.52 3.73
C LEU A 189 7.17 -21.47 5.23
N PRO A 190 6.02 -20.97 5.70
CA PRO A 190 5.77 -21.01 7.15
C PRO A 190 5.81 -22.41 7.73
N TRP A 191 5.36 -23.42 6.99
CA TRP A 191 5.40 -24.80 7.45
C TRP A 191 6.74 -25.48 7.16
N LEU A 192 7.36 -25.17 6.02
CA LEU A 192 8.58 -25.86 5.64
C LEU A 192 9.82 -25.25 6.29
N VAL A 193 9.82 -23.93 6.51
CA VAL A 193 10.98 -23.24 7.06
C VAL A 193 10.62 -22.48 8.34
N GLY A 194 9.42 -21.89 8.38
CA GLY A 194 9.03 -21.13 9.56
C GLY A 194 8.90 -21.99 10.80
N MET A 195 8.23 -23.13 10.66
CA MET A 195 8.02 -24.02 11.81
C MET A 195 9.33 -24.56 12.38
N PRO A 196 10.25 -25.11 11.57
CA PRO A 196 11.52 -25.58 12.17
C PRO A 196 12.32 -24.47 12.81
N ALA A 197 12.25 -23.24 12.29
CA ALA A 197 12.98 -22.13 12.89
C ALA A 197 12.34 -21.68 14.19
N GLU A 198 11.01 -21.66 14.23
CA GLU A 198 10.31 -21.35 15.47
C GLU A 198 10.71 -22.32 16.59
N THR A 199 10.96 -23.58 16.23
CA THR A 199 11.36 -24.57 17.23
C THR A 199 12.82 -24.41 17.63
N THR A 200 13.70 -24.04 16.68
CA THR A 200 15.09 -23.82 17.03
C THR A 200 15.24 -22.63 17.97
N ILE A 201 14.43 -21.59 17.77
CA ILE A 201 14.45 -20.46 18.68
C ILE A 201 13.97 -20.89 20.07
N ALA A 202 12.99 -21.79 20.12
CA ALA A 202 12.41 -22.18 21.41
C ALA A 202 13.40 -22.98 22.23
N ILE A 203 14.19 -23.85 21.58
CA ILE A 203 15.19 -24.61 22.31
C ILE A 203 16.28 -23.68 22.84
N CYS A 204 16.69 -22.70 22.03
CA CYS A 204 17.72 -21.75 22.47
C CYS A 204 17.25 -20.91 23.64
N SER A 205 15.99 -20.42 23.60
CA SER A 205 15.49 -19.59 24.68
C SER A 205 15.40 -20.37 25.98
N MET A 206 14.96 -21.63 25.91
CA MET A 206 14.88 -22.44 27.12
C MET A 206 16.27 -22.72 27.70
N ILE A 207 17.25 -23.02 26.84
CA ILE A 207 18.60 -23.27 27.32
C ILE A 207 19.21 -22.01 27.90
N MET A 208 19.32 -20.96 27.09
CA MET A 208 19.95 -19.72 27.49
C MET A 208 19.12 -18.91 28.49
N GLY A 209 17.85 -19.24 28.67
CA GLY A 209 17.07 -18.64 29.74
C GLY A 209 17.20 -19.34 31.07
N GLY A 210 17.87 -20.49 31.10
CA GLY A 210 18.07 -21.21 32.35
C GLY A 210 16.93 -22.09 32.78
N VAL A 211 16.03 -22.48 31.87
CA VAL A 211 14.84 -23.23 32.26
C VAL A 211 15.21 -24.65 32.68
N PHE A 212 16.12 -25.30 31.95
CA PHE A 212 16.49 -26.66 32.29
C PHE A 212 17.37 -26.71 33.54
N GLU A 213 18.14 -25.65 33.79
CA GLU A 213 18.95 -25.61 35.00
C GLU A 213 18.08 -25.35 36.22
N LYS A 214 17.12 -24.44 36.13
CA LYS A 214 16.28 -24.08 37.25
C LYS A 214 15.17 -25.09 37.52
N PHE A 215 14.77 -25.86 36.52
CA PHE A 215 13.75 -26.91 36.67
C PHE A 215 14.29 -28.21 36.09
N PRO A 216 15.22 -28.86 36.78
CA PRO A 216 15.89 -30.04 36.21
C PRO A 216 14.97 -31.25 36.04
N LYS A 217 13.84 -31.29 36.74
CA LYS A 217 12.91 -32.41 36.60
C LYS A 217 11.78 -32.11 35.62
N LEU A 218 11.83 -30.97 34.93
CA LEU A 218 10.84 -30.66 33.91
C LEU A 218 11.07 -31.53 32.67
N LYS A 219 10.01 -32.15 32.18
CA LYS A 219 10.08 -32.99 30.99
C LYS A 219 9.52 -32.22 29.81
N VAL A 220 10.37 -31.94 28.82
CA VAL A 220 10.03 -31.11 27.67
C VAL A 220 10.36 -31.88 26.39
N CYS A 221 9.41 -31.88 25.44
CA CYS A 221 9.62 -32.45 24.13
C CYS A 221 9.33 -31.41 23.06
N PHE A 222 10.21 -31.32 22.07
CA PHE A 222 10.07 -30.38 20.96
C PHE A 222 9.64 -31.12 19.70
N ALA A 223 8.93 -30.41 18.83
CA ALA A 223 8.36 -31.03 17.65
C ALA A 223 9.33 -31.00 16.47
N HIS A 224 9.06 -31.89 15.50
CA HIS A 224 9.76 -31.92 14.22
C HIS A 224 11.27 -32.08 14.39
N GLY A 225 11.68 -32.96 15.29
CA GLY A 225 13.09 -33.22 15.48
C GLY A 225 13.89 -32.03 15.94
N GLY A 226 13.26 -31.09 16.65
CA GLY A 226 13.92 -29.89 17.11
C GLY A 226 14.14 -28.84 16.05
N GLY A 227 13.52 -28.98 14.88
CA GLY A 227 13.71 -28.03 13.80
C GLY A 227 15.08 -28.13 13.19
N ALA A 228 15.91 -27.12 13.41
CA ALA A 228 17.28 -27.09 12.91
C ALA A 228 18.32 -27.39 13.97
N PHE A 229 17.91 -27.52 15.23
CA PHE A 229 18.88 -27.58 16.32
C PHE A 229 19.89 -28.72 16.19
N PRO A 230 19.51 -29.97 15.86
CA PRO A 230 20.53 -31.03 15.78
C PRO A 230 21.62 -30.73 14.77
N PHE A 231 21.31 -29.99 13.71
CA PHE A 231 22.28 -29.67 12.68
C PHE A 231 23.09 -28.42 13.00
N THR A 232 22.48 -27.44 13.67
CA THR A 232 23.12 -26.15 13.91
C THR A 232 23.59 -25.98 15.36
N VAL A 233 23.54 -27.04 16.16
CA VAL A 233 23.99 -26.93 17.55
C VAL A 233 25.46 -26.59 17.62
N GLY A 234 26.25 -27.03 16.64
CA GLY A 234 27.66 -26.66 16.63
C GLY A 234 27.85 -25.16 16.53
N ARG A 235 27.12 -24.52 15.62
CA ARG A 235 27.20 -23.07 15.47
C ARG A 235 26.63 -22.36 16.69
N ILE A 236 25.54 -22.88 17.24
CA ILE A 236 24.94 -22.26 18.43
C ILE A 236 25.86 -22.41 19.64
N SER A 237 26.43 -23.60 19.82
CA SER A 237 27.39 -23.79 20.91
C SER A 237 28.61 -22.90 20.74
N HIS A 238 29.10 -22.77 19.52
CA HIS A 238 30.29 -21.95 19.27
C HIS A 238 29.99 -20.47 19.51
N GLY A 239 28.85 -19.99 19.03
CA GLY A 239 28.46 -18.61 19.27
C GLY A 239 28.21 -18.28 20.72
N PHE A 240 27.90 -19.29 21.54
CA PHE A 240 27.75 -19.06 22.98
C PHE A 240 29.10 -18.83 23.63
N SER A 241 30.12 -19.58 23.22
CA SER A 241 31.45 -19.46 23.82
C SER A 241 32.16 -18.20 23.36
N MET A 242 31.86 -17.71 22.16
CA MET A 242 32.55 -16.55 21.61
C MET A 242 31.96 -15.22 22.05
N ARG A 243 30.70 -15.20 22.50
CA ARG A 243 30.04 -13.98 22.95
C ARG A 243 29.27 -14.27 24.23
N PRO A 244 29.96 -14.43 25.36
CA PRO A 244 29.24 -14.59 26.64
C PRO A 244 28.48 -13.34 27.06
N ASP A 245 28.80 -12.17 26.49
CA ASP A 245 28.12 -10.92 26.81
C ASP A 245 26.76 -10.80 26.15
N LEU A 246 26.46 -11.64 25.15
CA LEU A 246 25.16 -11.64 24.49
C LEU A 246 24.30 -12.83 24.86
N CYS A 247 24.90 -13.96 25.23
CA CYS A 247 24.17 -15.20 25.46
C CYS A 247 24.24 -15.71 26.88
N ALA A 248 25.37 -15.50 27.57
CA ALA A 248 25.63 -16.14 28.86
C ALA A 248 25.33 -15.23 30.04
N GLN A 249 24.37 -14.31 29.89
CA GLN A 249 24.03 -13.41 30.99
C GLN A 249 22.89 -13.91 31.85
N ASP A 250 22.15 -14.92 31.40
CA ASP A 250 21.09 -15.54 32.19
C ASP A 250 21.37 -16.99 32.52
N ASN A 251 22.41 -17.60 31.95
CA ASN A 251 22.79 -18.98 32.19
C ASN A 251 24.21 -19.20 31.65
N PRO A 252 25.18 -19.49 32.53
CA PRO A 252 26.57 -19.62 32.07
C PRO A 252 26.89 -20.95 31.39
N MET A 253 26.03 -21.95 31.55
CA MET A 253 26.32 -23.28 31.02
C MET A 253 26.21 -23.28 29.49
N ASN A 254 27.11 -24.02 28.85
CA ASN A 254 27.13 -24.09 27.40
C ASN A 254 25.94 -24.92 26.89
N PRO A 255 25.38 -24.57 25.73
CA PRO A 255 24.24 -25.35 25.20
C PRO A 255 24.53 -26.83 24.99
N LYS A 256 25.78 -27.20 24.72
CA LYS A 256 26.11 -28.61 24.52
C LYS A 256 25.82 -29.42 25.78
N LYS A 257 26.02 -28.82 26.96
CA LYS A 257 25.74 -29.51 28.22
C LYS A 257 24.28 -29.91 28.37
N TYR A 258 23.39 -29.43 27.50
CA TYR A 258 21.97 -29.72 27.61
C TYR A 258 21.50 -30.74 26.58
N LEU A 259 22.41 -31.26 25.75
CA LEU A 259 22.09 -32.41 24.91
C LEU A 259 21.84 -33.61 25.82
N GLY A 260 20.59 -34.06 25.88
CA GLY A 260 20.17 -35.09 26.81
C GLY A 260 19.22 -34.61 27.88
N SER A 261 18.93 -33.32 27.94
CA SER A 261 18.03 -32.75 28.95
C SER A 261 16.63 -32.50 28.40
N PHE A 262 16.35 -32.86 27.15
CA PHE A 262 15.03 -32.67 26.57
C PHE A 262 14.80 -33.70 25.46
N TYR A 263 13.54 -33.84 25.06
CA TYR A 263 13.14 -34.75 24.01
C TYR A 263 12.78 -34.00 22.73
N THR A 264 12.87 -34.71 21.61
CA THR A 264 12.30 -34.26 20.34
C THR A 264 11.57 -35.44 19.71
N ASP A 265 10.61 -35.14 18.84
CA ASP A 265 10.02 -36.23 18.09
C ASP A 265 10.95 -36.64 16.95
N ALA A 266 10.58 -37.72 16.26
CA ALA A 266 11.39 -38.26 15.18
C ALA A 266 10.89 -37.85 13.80
N LEU A 267 10.04 -36.82 13.72
CA LEU A 267 9.38 -36.44 12.48
C LEU A 267 10.36 -35.62 11.63
N VAL A 268 11.25 -36.33 10.95
CA VAL A 268 12.26 -35.69 10.10
C VAL A 268 12.32 -36.29 8.69
N HIS A 269 11.52 -37.32 8.40
CA HIS A 269 11.26 -37.79 7.03
C HIS A 269 12.44 -38.51 6.38
N ASP A 270 13.66 -38.06 6.61
CA ASP A 270 14.76 -38.69 5.89
C ASP A 270 15.65 -39.50 6.81
N PRO A 271 16.20 -40.62 6.31
CA PRO A 271 17.05 -41.46 7.18
C PRO A 271 18.25 -40.75 7.75
N LEU A 272 18.97 -40.00 6.91
CA LEU A 272 20.17 -39.29 7.36
C LEU A 272 19.84 -38.25 8.41
N SER A 273 18.68 -37.60 8.29
CA SER A 273 18.25 -36.66 9.32
C SER A 273 17.94 -37.38 10.62
N LEU A 274 17.31 -38.55 10.52
CA LEU A 274 16.95 -39.30 11.72
C LEU A 274 18.19 -39.83 12.44
N LYS A 275 19.16 -40.35 11.69
CA LYS A 275 20.39 -40.84 12.31
C LYS A 275 21.12 -39.72 13.03
N LEU A 276 21.22 -38.55 12.40
CA LEU A 276 21.83 -37.40 13.07
C LEU A 276 21.02 -36.99 14.28
N LEU A 277 19.70 -37.10 14.20
CA LEU A 277 18.83 -36.73 15.32
C LEU A 277 19.16 -37.57 16.56
N THR A 278 19.30 -38.89 16.39
CA THR A 278 19.65 -39.74 17.51
C THR A 278 21.12 -39.61 17.90
N ASP A 279 21.97 -39.14 16.99
CA ASP A 279 23.38 -38.92 17.35
C ASP A 279 23.55 -37.70 18.24
N VAL A 280 22.73 -36.67 18.04
CA VAL A 280 22.87 -35.43 18.81
C VAL A 280 21.95 -35.42 20.02
N ILE A 281 20.66 -35.71 19.81
CA ILE A 281 19.70 -35.66 20.91
C ILE A 281 19.81 -36.89 21.80
N GLY A 282 20.08 -38.05 21.22
CA GLY A 282 20.31 -39.23 22.03
C GLY A 282 19.26 -40.30 21.77
N LYS A 283 19.71 -41.55 21.75
CA LYS A 283 18.81 -42.67 21.45
C LYS A 283 17.70 -42.80 22.49
N ASP A 284 17.85 -42.21 23.67
CA ASP A 284 16.84 -42.28 24.73
C ASP A 284 15.98 -41.03 24.80
N LYS A 285 16.11 -40.11 23.85
CA LYS A 285 15.41 -38.84 23.90
C LYS A 285 14.70 -38.50 22.59
N VAL A 286 14.51 -39.47 21.70
CA VAL A 286 13.81 -39.27 20.45
C VAL A 286 12.53 -40.11 20.47
N ILE A 287 11.40 -39.48 20.15
CA ILE A 287 10.09 -40.09 20.29
C ILE A 287 9.42 -40.13 18.91
N LEU A 288 8.69 -41.21 18.65
CA LEU A 288 7.96 -41.30 17.40
C LEU A 288 6.82 -40.29 17.38
N GLY A 289 6.78 -39.46 16.34
CA GLY A 289 5.70 -38.52 16.15
C GLY A 289 5.29 -38.50 14.70
N THR A 290 4.02 -38.22 14.46
CA THR A 290 3.43 -38.44 13.14
C THR A 290 2.70 -37.24 12.55
N ASP A 291 2.23 -36.30 13.37
CA ASP A 291 1.44 -35.16 12.89
C ASP A 291 0.13 -35.64 12.26
N TYR A 292 -0.33 -36.80 12.71
CA TYR A 292 -1.63 -37.31 12.29
C TYR A 292 -2.71 -36.28 12.60
N PRO A 293 -3.66 -36.06 11.69
CA PRO A 293 -3.79 -36.74 10.39
C PRO A 293 -3.32 -35.91 9.20
N PHE A 294 -2.49 -34.91 9.44
CA PHE A 294 -2.18 -33.94 8.39
C PHE A 294 -1.14 -34.49 7.42
N PRO A 295 -1.25 -34.11 6.14
CA PRO A 295 -0.39 -34.74 5.10
C PRO A 295 1.08 -34.44 5.25
N LEU A 296 1.47 -33.37 5.95
CA LEU A 296 2.90 -33.11 6.11
C LEU A 296 3.59 -34.08 7.06
N GLY A 297 2.82 -34.90 7.77
CA GLY A 297 3.40 -35.86 8.69
C GLY A 297 3.81 -37.15 8.00
N GLU A 298 3.92 -38.21 8.81
CA GLU A 298 4.33 -39.52 8.32
C GLU A 298 3.10 -40.39 8.09
N LEU A 299 2.92 -40.83 6.84
CA LEU A 299 1.74 -41.61 6.48
C LEU A 299 1.72 -42.94 7.23
N GLU A 300 2.85 -43.65 7.25
CA GLU A 300 2.93 -44.95 7.91
C GLU A 300 3.84 -44.83 9.12
N PRO A 301 3.30 -44.68 10.33
CA PRO A 301 4.14 -44.38 11.49
C PRO A 301 5.16 -45.47 11.75
N GLY A 302 6.40 -45.06 12.04
CA GLY A 302 7.48 -45.97 12.35
C GLY A 302 8.17 -46.59 11.16
N LYS A 303 7.65 -46.41 9.94
CA LYS A 303 8.25 -47.02 8.77
C LYS A 303 9.70 -46.56 8.58
N LEU A 304 9.97 -45.28 8.80
CA LEU A 304 11.33 -44.78 8.68
C LEU A 304 12.23 -45.40 9.74
N ILE A 305 11.77 -45.42 10.99
CA ILE A 305 12.56 -46.01 12.07
C ILE A 305 12.85 -47.47 11.78
N GLU A 306 11.81 -48.23 11.38
CA GLU A 306 11.98 -49.66 11.13
C GLU A 306 12.95 -49.94 9.99
N SER A 307 13.07 -49.00 9.05
CA SER A 307 13.95 -49.19 7.90
C SER A 307 15.41 -48.87 8.19
N MET A 308 15.72 -48.36 9.37
CA MET A 308 17.09 -47.96 9.72
C MET A 308 17.89 -49.20 10.06
N GLU A 309 18.76 -49.63 9.15
CA GLU A 309 19.64 -50.76 9.41
C GLU A 309 20.68 -50.45 10.46
N GLU A 310 21.00 -49.17 10.67
CA GLU A 310 21.99 -48.78 11.67
C GLU A 310 21.51 -49.01 13.08
N PHE A 311 20.20 -49.08 13.30
CA PHE A 311 19.64 -49.24 14.64
C PHE A 311 19.49 -50.72 14.99
N ASP A 312 19.72 -51.03 16.26
CA ASP A 312 19.39 -52.34 16.80
C ASP A 312 17.92 -52.36 17.21
N GLU A 313 17.42 -53.56 17.55
CA GLU A 313 16.01 -53.70 17.89
C GLU A 313 15.69 -52.97 19.19
N GLU A 314 16.65 -52.95 20.13
CA GLU A 314 16.46 -52.21 21.38
C GLU A 314 16.27 -50.73 21.13
N THR A 315 17.01 -50.16 20.18
CA THR A 315 16.87 -48.74 19.86
C THR A 315 15.52 -48.46 19.20
N LYS A 316 15.13 -49.30 18.24
CA LYS A 316 13.87 -49.07 17.53
C LYS A 316 12.68 -49.08 18.49
N ASN A 317 12.69 -49.98 19.47
CA ASN A 317 11.61 -50.03 20.45
C ASN A 317 11.60 -48.80 21.35
N LYS A 318 12.79 -48.24 21.66
CA LYS A 318 12.84 -46.99 22.39
C LYS A 318 12.19 -45.85 21.62
N LEU A 319 12.48 -45.76 20.32
CA LEU A 319 11.89 -44.72 19.49
C LEU A 319 10.40 -44.97 19.26
N LYS A 320 9.99 -46.24 19.16
CA LYS A 320 8.61 -46.55 18.82
C LYS A 320 7.65 -46.35 20.00
N ALA A 321 8.13 -46.52 21.23
CA ALA A 321 7.23 -46.46 22.38
C ALA A 321 7.96 -46.16 23.68
N GLY A 322 9.18 -46.67 23.82
CA GLY A 322 9.87 -46.58 25.09
C GLY A 322 10.11 -45.15 25.54
N ASN A 323 10.59 -44.30 24.62
CA ASN A 323 10.90 -42.92 24.98
C ASN A 323 9.63 -42.10 25.23
N ALA A 324 8.54 -42.42 24.53
CA ALA A 324 7.27 -41.73 24.78
C ALA A 324 6.79 -41.98 26.20
N LEU A 325 6.91 -43.22 26.69
CA LEU A 325 6.46 -43.55 28.03
C LEU A 325 7.32 -42.86 29.09
N ALA A 326 8.63 -42.84 28.90
CA ALA A 326 9.51 -42.15 29.84
C ALA A 326 9.26 -40.65 29.85
N PHE A 327 9.05 -40.06 28.66
CA PHE A 327 8.73 -38.64 28.60
C PHE A 327 7.38 -38.36 29.25
N LEU A 328 6.34 -39.10 28.87
CA LEU A 328 5.03 -38.90 29.47
C LEU A 328 4.96 -39.36 30.91
N GLY A 329 5.94 -40.14 31.38
CA GLY A 329 5.91 -40.65 32.74
C GLY A 329 4.74 -41.59 32.99
N LEU A 330 4.52 -42.51 32.05
CA LEU A 330 3.48 -43.52 32.19
C LEU A 330 4.10 -44.91 32.07
N GLU A 331 3.43 -45.89 32.67
CA GLU A 331 3.82 -47.28 32.56
C GLU A 331 2.99 -47.98 31.50
N ARG A 332 3.39 -49.22 31.18
CA ARG A 332 2.72 -50.01 30.14
C ARG A 332 1.39 -50.51 30.67
N LYS A 333 0.43 -49.59 30.73
CA LYS A 333 -0.97 -49.87 31.01
C LYS A 333 -1.74 -50.20 29.74
N GLN A 334 -1.03 -50.49 28.65
CA GLN A 334 -1.64 -50.68 27.34
C GLN A 334 -1.33 -52.06 26.79
N PHE A 335 -1.60 -53.09 27.58
CA PHE A 335 -1.36 -54.48 27.20
C PHE A 335 0.10 -54.71 26.81
N LYS B 2 43.86 -24.94 2.73
CA LYS B 2 44.37 -24.50 1.43
C LYS B 2 43.66 -23.25 0.97
N ILE B 3 42.41 -23.40 0.50
CA ILE B 3 41.61 -22.28 -0.01
C ILE B 3 40.46 -22.03 0.95
N ASP B 4 40.27 -20.77 1.32
CA ASP B 4 39.18 -20.33 2.19
C ASP B 4 38.21 -19.53 1.33
N ILE B 5 37.06 -20.14 1.03
CA ILE B 5 36.07 -19.50 0.15
C ILE B 5 35.27 -18.41 0.84
N HIS B 6 35.30 -18.36 2.17
CA HIS B 6 34.48 -17.43 2.95
C HIS B 6 35.39 -16.60 3.84
N SER B 7 35.76 -15.42 3.36
CA SER B 7 36.53 -14.46 4.13
C SER B 7 36.12 -13.06 3.72
N HIS B 8 36.10 -12.14 4.68
CA HIS B 8 35.67 -10.77 4.45
C HIS B 8 36.83 -9.81 4.63
N ILE B 9 36.78 -8.71 3.87
CA ILE B 9 37.81 -7.67 3.92
C ILE B 9 37.15 -6.33 3.66
N LEU B 10 37.71 -5.29 4.27
CA LEU B 10 37.28 -3.92 4.07
C LEU B 10 38.45 -3.06 3.61
N PRO B 11 38.18 -1.97 2.91
CA PRO B 11 39.25 -1.02 2.59
C PRO B 11 39.81 -0.39 3.86
N LYS B 12 41.04 0.10 3.76
CA LYS B 12 41.70 0.70 4.92
C LYS B 12 40.96 1.95 5.40
N GLU B 13 40.24 2.60 4.50
CA GLU B 13 39.41 3.76 4.82
C GLU B 13 38.49 3.99 3.63
N TRP B 14 37.52 4.89 3.82
CA TRP B 14 36.66 5.34 2.74
C TRP B 14 35.91 6.58 3.22
N PRO B 15 35.46 7.44 2.29
CA PRO B 15 34.93 8.75 2.69
C PRO B 15 33.66 8.63 3.52
N ASP B 16 33.25 9.77 4.07
CA ASP B 16 31.96 9.86 4.75
C ASP B 16 30.85 9.64 3.75
N LEU B 17 30.13 8.52 3.90
CA LEU B 17 29.13 8.14 2.90
C LEU B 17 27.83 8.94 3.05
N LYS B 18 27.58 9.52 4.23
CA LYS B 18 26.46 10.43 4.36
C LYS B 18 26.71 11.72 3.58
N LYS B 19 27.97 12.17 3.56
CA LYS B 19 28.34 13.36 2.78
C LYS B 19 28.29 13.05 1.29
N ARG B 20 28.80 11.88 0.89
CA ARG B 20 28.88 11.54 -0.52
C ARG B 20 27.50 11.40 -1.16
N PHE B 21 26.51 10.94 -0.41
CA PHE B 21 25.22 10.57 -0.97
C PHE B 21 24.05 11.39 -0.46
N GLY B 22 24.15 11.99 0.72
CA GLY B 22 23.12 12.90 1.20
C GLY B 22 22.04 12.30 2.06
N TYR B 23 22.27 11.14 2.66
CA TYR B 23 21.34 10.58 3.63
C TYR B 23 22.07 9.52 4.44
N GLY B 24 21.50 9.21 5.61
CA GLY B 24 22.14 8.32 6.56
C GLY B 24 21.80 6.86 6.33
N GLY B 25 22.30 6.03 7.24
CA GLY B 25 22.13 4.59 7.17
C GLY B 25 23.37 3.83 6.77
N TRP B 26 24.50 4.50 6.58
CA TRP B 26 25.69 3.90 6.03
C TRP B 26 26.62 3.42 7.14
N VAL B 27 27.70 2.75 6.73
CA VAL B 27 28.71 2.21 7.64
C VAL B 27 30.02 2.92 7.36
N GLN B 28 30.69 3.37 8.42
CA GLN B 28 32.00 3.99 8.34
C GLN B 28 33.00 3.18 9.15
N LEU B 29 34.24 3.68 9.19
CA LEU B 29 35.33 2.99 9.88
C LEU B 29 36.23 4.03 10.54
N GLN B 30 36.58 3.80 11.81
CA GLN B 30 37.42 4.71 12.58
C GLN B 30 38.62 3.95 13.14
N HIS B 31 39.82 4.43 12.85
CA HIS B 31 41.04 3.91 13.48
C HIS B 31 41.24 4.66 14.79
N HIS B 32 40.69 4.12 15.88
CA HIS B 32 40.76 4.81 17.16
C HIS B 32 42.09 4.57 17.87
N SER B 33 42.70 3.39 17.69
CA SER B 33 44.00 3.11 18.26
C SER B 33 44.79 2.28 17.26
N LYS B 34 45.96 1.82 17.68
CA LYS B 34 46.83 1.03 16.81
C LYS B 34 46.34 -0.40 16.74
N GLY B 35 46.21 -0.92 15.52
CA GLY B 35 45.82 -2.30 15.31
C GLY B 35 44.34 -2.58 15.37
N GLU B 36 43.53 -1.68 15.92
CA GLU B 36 42.10 -1.88 16.06
C GLU B 36 41.34 -0.77 15.36
N ALA B 37 40.04 -0.99 15.19
CA ALA B 37 39.18 -0.02 14.52
C ALA B 37 37.72 -0.31 14.90
N LYS B 38 36.89 0.71 14.74
CA LYS B 38 35.47 0.61 15.05
C LYS B 38 34.64 0.70 13.78
N LEU B 39 33.53 -0.03 13.77
CA LEU B 39 32.53 0.04 12.70
C LEU B 39 31.31 0.76 13.25
N LEU B 40 30.95 1.88 12.63
CA LEU B 40 29.89 2.74 13.14
C LEU B 40 28.73 2.79 12.15
N LYS B 41 27.57 3.21 12.66
CA LYS B 41 26.37 3.40 11.85
C LYS B 41 25.68 4.67 12.38
N ASP B 42 26.01 5.80 11.76
CA ASP B 42 25.48 7.11 12.17
C ASP B 42 25.86 7.43 13.62
N GLY B 43 27.11 7.11 13.99
CA GLY B 43 27.67 7.44 15.27
C GLY B 43 27.68 6.29 16.27
N LYS B 44 26.73 5.37 16.17
CA LYS B 44 26.59 4.29 17.13
C LYS B 44 27.46 3.12 16.70
N VAL B 45 28.50 2.82 17.48
CA VAL B 45 29.36 1.68 17.22
C VAL B 45 28.56 0.39 17.40
N PHE B 46 28.80 -0.58 16.52
CA PHE B 46 28.22 -1.91 16.69
C PHE B 46 29.25 -3.03 16.73
N ARG B 47 30.47 -2.84 16.22
CA ARG B 47 31.48 -3.89 16.32
C ARG B 47 32.87 -3.29 16.19
N VAL B 48 33.83 -3.97 16.81
CA VAL B 48 35.26 -3.66 16.71
C VAL B 48 35.93 -4.74 15.89
N VAL B 49 36.79 -4.33 14.95
CA VAL B 49 37.55 -5.26 14.12
C VAL B 49 39.04 -5.00 14.33
N ARG B 50 39.85 -5.92 13.83
CA ARG B 50 41.30 -5.85 13.97
C ARG B 50 41.94 -5.52 12.62
N GLU B 51 43.27 -5.44 12.63
CA GLU B 51 44.04 -5.12 11.44
C GLU B 51 43.79 -6.13 10.32
N ASN B 52 43.54 -7.39 10.67
CA ASN B 52 43.33 -8.42 9.64
C ASN B 52 42.07 -8.20 8.82
N CYS B 53 41.24 -7.21 9.16
CA CYS B 53 40.05 -6.92 8.39
C CYS B 53 40.33 -6.06 7.16
N TRP B 54 41.49 -5.40 7.11
CA TRP B 54 41.76 -4.49 6.01
C TRP B 54 43.17 -4.62 5.46
N ASP B 55 44.11 -5.02 6.33
CA ASP B 55 45.53 -4.98 5.99
C ASP B 55 45.93 -6.29 5.34
N PRO B 56 46.21 -6.32 4.04
CA PRO B 56 46.62 -7.58 3.40
C PRO B 56 47.93 -8.13 3.93
N GLU B 57 48.86 -7.26 4.36
CA GLU B 57 50.12 -7.76 4.91
C GLU B 57 49.86 -8.68 6.10
N VAL B 58 48.96 -8.26 7.00
CA VAL B 58 48.66 -9.06 8.17
C VAL B 58 47.97 -10.36 7.78
N ARG B 59 47.08 -10.30 6.79
CA ARG B 59 46.35 -11.50 6.38
C ARG B 59 47.30 -12.56 5.83
N ILE B 60 48.24 -12.15 4.97
CA ILE B 60 49.20 -13.10 4.41
C ILE B 60 50.01 -13.76 5.51
N ARG B 61 50.34 -13.00 6.57
CA ARG B 61 51.06 -13.58 7.69
C ARG B 61 50.24 -14.66 8.39
N GLU B 62 48.98 -14.34 8.71
CA GLU B 62 48.12 -15.32 9.37
C GLU B 62 47.70 -16.45 8.43
N MET B 63 47.75 -16.22 7.12
CA MET B 63 47.43 -17.28 6.17
C MET B 63 48.53 -18.34 6.16
N ASP B 64 49.79 -17.90 6.08
CA ASP B 64 50.91 -18.84 6.14
C ASP B 64 50.94 -19.58 7.47
N GLN B 65 50.59 -18.89 8.56
CA GLN B 65 50.61 -19.49 9.88
C GLN B 65 49.59 -20.63 9.99
N LYS B 66 48.40 -20.43 9.44
CA LYS B 66 47.33 -21.43 9.52
C LYS B 66 47.37 -22.43 8.38
N GLY B 67 48.28 -22.26 7.41
CA GLY B 67 48.39 -23.17 6.29
C GLY B 67 47.52 -22.81 5.10
N VAL B 68 46.81 -21.69 5.15
CA VAL B 68 45.93 -21.29 4.06
C VAL B 68 46.77 -20.82 2.87
N THR B 69 46.37 -21.23 1.68
CA THR B 69 47.07 -20.82 0.46
C THR B 69 46.39 -19.63 -0.20
N VAL B 70 45.07 -19.70 -0.40
CA VAL B 70 44.31 -18.67 -1.08
C VAL B 70 43.10 -18.29 -0.24
N GLN B 71 42.78 -17.01 -0.23
CA GLN B 71 41.55 -16.50 0.35
C GLN B 71 40.70 -15.87 -0.74
N ALA B 72 39.43 -16.26 -0.81
CA ALA B 72 38.48 -15.60 -1.70
C ALA B 72 37.93 -14.39 -0.94
N LEU B 73 38.39 -13.21 -1.30
CA LEU B 73 38.04 -12.00 -0.57
C LEU B 73 36.69 -11.46 -1.04
N SER B 74 35.83 -11.14 -0.09
CA SER B 74 34.57 -10.47 -0.36
C SER B 74 34.34 -9.43 0.73
N THR B 75 33.42 -8.50 0.46
CA THR B 75 33.16 -7.44 1.43
C THR B 75 32.39 -7.97 2.62
N VAL B 76 32.28 -7.14 3.65
CA VAL B 76 31.45 -7.46 4.81
C VAL B 76 29.98 -7.26 4.42
N PRO B 77 29.12 -8.25 4.63
CA PRO B 77 27.76 -8.17 4.06
C PRO B 77 26.95 -6.95 4.48
N VAL B 78 27.29 -6.29 5.59
CA VAL B 78 26.61 -5.07 6.00
C VAL B 78 26.79 -3.94 4.98
N MET B 79 27.73 -4.09 4.06
CA MET B 79 27.98 -3.10 3.01
C MET B 79 27.13 -3.32 1.76
N PHE B 80 26.31 -4.38 1.71
CA PHE B 80 25.50 -4.65 0.54
C PHE B 80 24.68 -3.44 0.12
N SER B 81 24.06 -2.77 1.09
CA SER B 81 23.40 -1.49 0.87
C SER B 81 22.29 -1.58 -0.18
N TYR B 82 21.59 -2.72 -0.23
CA TYR B 82 20.49 -2.87 -1.17
C TYR B 82 19.35 -1.90 -0.88
N TRP B 83 19.30 -1.34 0.33
CA TRP B 83 18.24 -0.43 0.74
C TRP B 83 18.41 0.97 0.15
N ALA B 84 19.63 1.37 -0.20
CA ALA B 84 19.89 2.72 -0.64
C ALA B 84 19.37 2.94 -2.06
N LYS B 85 19.47 4.18 -2.52
CA LYS B 85 19.12 4.47 -3.90
C LYS B 85 20.07 3.76 -4.85
N PRO B 86 19.57 3.24 -5.97
CA PRO B 86 20.41 2.38 -6.83
C PRO B 86 21.70 3.03 -7.30
N GLU B 87 21.64 4.29 -7.76
CA GLU B 87 22.84 4.96 -8.25
C GLU B 87 23.90 5.07 -7.14
N ASP B 88 23.47 5.21 -5.89
CA ASP B 88 24.41 5.33 -4.79
C ASP B 88 25.01 3.99 -4.41
N THR B 89 24.22 2.91 -4.49
CA THR B 89 24.78 1.59 -4.21
C THR B 89 25.80 1.19 -5.29
N LEU B 90 25.50 1.49 -6.55
CA LEU B 90 26.45 1.21 -7.62
C LEU B 90 27.76 1.95 -7.39
N ASN B 91 27.67 3.24 -7.01
CA ASN B 91 28.86 4.00 -6.66
C ASN B 91 29.68 3.31 -5.59
N LEU B 92 29.02 2.86 -4.52
CA LEU B 92 29.73 2.18 -3.44
C LEU B 92 30.29 0.84 -3.89
N CYS B 93 29.52 0.09 -4.69
CA CYS B 93 29.99 -1.18 -5.21
C CYS B 93 31.28 -1.00 -6.01
N GLN B 94 31.31 0.00 -6.89
CA GLN B 94 32.52 0.26 -7.67
C GLN B 94 33.69 0.62 -6.76
N LEU B 95 33.43 1.35 -5.67
CA LEU B 95 34.50 1.68 -4.74
C LEU B 95 35.03 0.43 -4.07
N LEU B 96 34.13 -0.45 -3.62
CA LEU B 96 34.55 -1.66 -2.92
C LEU B 96 35.18 -2.67 -3.86
N ASN B 97 34.67 -2.76 -5.09
CA ASN B 97 35.22 -3.72 -6.06
C ASN B 97 36.63 -3.32 -6.50
N ASN B 98 36.87 -2.02 -6.69
CA ASN B 98 38.19 -1.57 -7.12
C ASN B 98 39.24 -1.83 -6.04
N ASP B 99 38.92 -1.56 -4.77
CA ASP B 99 39.84 -1.86 -3.69
C ASP B 99 40.14 -3.36 -3.62
N LEU B 100 39.13 -4.19 -3.91
CA LEU B 100 39.36 -5.63 -3.99
C LEU B 100 40.34 -5.98 -5.10
N ALA B 101 40.13 -5.41 -6.30
CA ALA B 101 40.98 -5.72 -7.43
C ALA B 101 42.43 -5.35 -7.15
N SER B 102 42.65 -4.21 -6.50
CA SER B 102 44.01 -3.79 -6.17
C SER B 102 44.66 -4.76 -5.18
N THR B 103 43.89 -5.22 -4.17
CA THR B 103 44.43 -6.17 -3.21
C THR B 103 44.74 -7.50 -3.86
N VAL B 104 43.95 -7.92 -4.84
CA VAL B 104 44.21 -9.18 -5.52
C VAL B 104 45.44 -9.08 -6.41
N VAL B 105 45.53 -8.01 -7.21
CA VAL B 105 46.66 -7.86 -8.11
C VAL B 105 47.95 -7.64 -7.36
N SER B 106 47.88 -7.21 -6.09
CA SER B 106 49.09 -7.12 -5.28
C SER B 106 49.65 -8.50 -4.96
N TYR B 107 48.77 -9.47 -4.71
CA TYR B 107 49.17 -10.84 -4.39
C TYR B 107 48.29 -11.79 -5.18
N PRO B 108 48.53 -11.91 -6.50
CA PRO B 108 47.66 -12.77 -7.33
C PRO B 108 47.79 -14.25 -7.01
N ARG B 109 48.84 -14.68 -6.31
CA ARG B 109 48.99 -16.07 -5.92
C ARG B 109 48.29 -16.38 -4.60
N ARG B 110 47.74 -15.38 -3.92
CA ARG B 110 47.15 -15.58 -2.60
C ARG B 110 45.72 -15.07 -2.46
N PHE B 111 45.20 -14.32 -3.44
CA PHE B 111 43.87 -13.73 -3.33
C PHE B 111 43.11 -13.85 -4.63
N VAL B 112 41.81 -14.03 -4.51
CA VAL B 112 40.85 -13.84 -5.60
C VAL B 112 39.72 -12.98 -5.05
N GLY B 113 39.00 -12.34 -5.97
CA GLY B 113 37.98 -11.35 -5.61
C GLY B 113 36.58 -11.86 -5.85
N LEU B 114 35.68 -11.52 -4.91
CA LEU B 114 34.25 -11.77 -5.03
C LEU B 114 33.54 -10.43 -4.88
N GLY B 115 33.01 -9.91 -5.98
CA GLY B 115 32.51 -8.55 -6.02
C GLY B 115 31.16 -8.38 -5.33
N THR B 116 30.70 -7.13 -5.35
CA THR B 116 29.41 -6.74 -4.80
C THR B 116 28.59 -6.05 -5.88
N LEU B 117 27.28 -6.31 -5.89
CA LEU B 117 26.44 -5.82 -6.96
C LEU B 117 25.29 -4.98 -6.41
N PRO B 118 24.88 -3.95 -7.15
CA PRO B 118 23.66 -3.21 -6.77
C PRO B 118 22.41 -4.02 -7.09
N MET B 119 22.12 -5.02 -6.26
CA MET B 119 21.09 -6.01 -6.60
C MET B 119 19.69 -5.41 -6.66
N GLN B 120 19.45 -4.26 -6.00
CA GLN B 120 18.12 -3.69 -6.07
CA GLN B 120 18.15 -3.61 -6.05
C GLN B 120 17.78 -3.19 -7.47
N ALA B 121 18.78 -2.84 -8.27
CA ALA B 121 18.59 -2.41 -9.66
C ALA B 121 19.25 -3.41 -10.58
N PRO B 122 18.50 -4.39 -11.12
CA PRO B 122 19.15 -5.47 -11.88
C PRO B 122 19.88 -4.99 -13.13
N GLU B 123 19.34 -3.99 -13.84
CA GLU B 123 20.01 -3.50 -15.04
C GLU B 123 21.37 -2.90 -14.72
N LEU B 124 21.49 -2.27 -13.55
CA LEU B 124 22.78 -1.75 -13.09
C LEU B 124 23.68 -2.86 -12.55
N ALA B 125 23.09 -3.89 -11.93
CA ALA B 125 23.88 -4.98 -11.38
C ALA B 125 24.50 -5.82 -12.49
N VAL B 126 23.77 -6.03 -13.59
CA VAL B 126 24.32 -6.75 -14.73
C VAL B 126 25.56 -6.03 -15.26
N LYS B 127 25.48 -4.70 -15.38
CA LYS B 127 26.59 -3.92 -15.91
C LYS B 127 27.80 -3.99 -14.98
N GLU B 128 27.57 -3.84 -13.68
CA GLU B 128 28.67 -3.93 -12.72
C GLU B 128 29.24 -5.34 -12.65
N MET B 129 28.42 -6.36 -12.91
CA MET B 129 28.94 -7.71 -13.03
C MET B 129 29.83 -7.85 -14.27
N GLU B 130 29.39 -7.29 -15.40
CA GLU B 130 30.21 -7.33 -16.61
CA GLU B 130 30.20 -7.32 -16.60
C GLU B 130 31.55 -6.65 -16.37
N ARG B 131 31.55 -5.55 -15.60
CA ARG B 131 32.81 -4.89 -15.29
C ARG B 131 33.65 -5.72 -14.33
N CYS B 132 33.01 -6.42 -13.40
CA CYS B 132 33.74 -7.24 -12.42
C CYS B 132 34.46 -8.40 -13.10
N VAL B 133 33.86 -8.99 -14.13
CA VAL B 133 34.44 -10.17 -14.76
C VAL B 133 35.45 -9.79 -15.83
N LYS B 134 35.05 -8.92 -16.77
CA LYS B 134 35.92 -8.56 -17.88
C LYS B 134 37.07 -7.68 -17.43
N GLU B 135 36.77 -6.60 -16.71
CA GLU B 135 37.79 -5.61 -16.38
C GLU B 135 38.57 -6.00 -15.12
N LEU B 136 37.87 -6.25 -14.01
CA LEU B 136 38.53 -6.57 -12.75
C LEU B 136 38.98 -8.02 -12.66
N GLY B 137 38.51 -8.89 -13.56
CA GLY B 137 38.95 -10.28 -13.54
C GLY B 137 38.44 -11.09 -12.38
N PHE B 138 37.29 -10.73 -11.83
CA PHE B 138 36.74 -11.43 -10.67
C PHE B 138 36.13 -12.75 -11.10
N PRO B 139 36.45 -13.86 -10.42
CA PRO B 139 35.78 -15.13 -10.72
C PRO B 139 34.33 -15.16 -10.28
N GLY B 140 33.91 -14.29 -9.38
CA GLY B 140 32.52 -14.31 -8.93
C GLY B 140 32.19 -13.08 -8.11
N VAL B 141 30.96 -13.07 -7.61
CA VAL B 141 30.43 -11.98 -6.79
C VAL B 141 29.73 -12.58 -5.58
N GLN B 142 29.62 -11.77 -4.53
CA GLN B 142 28.90 -12.15 -3.31
C GLN B 142 27.61 -11.34 -3.26
N ILE B 143 26.49 -12.04 -3.05
CA ILE B 143 25.18 -11.39 -2.95
C ILE B 143 24.46 -11.92 -1.73
N GLY B 144 23.42 -11.19 -1.31
CA GLY B 144 22.65 -11.57 -0.14
C GLY B 144 21.63 -12.67 -0.43
N THR B 145 21.06 -13.19 0.65
CA THR B 145 20.02 -14.20 0.52
C THR B 145 18.68 -13.60 0.11
N HIS B 146 18.55 -12.28 0.11
CA HIS B 146 17.35 -11.60 -0.36
C HIS B 146 17.69 -10.14 -0.61
N VAL B 147 16.85 -9.48 -1.41
CA VAL B 147 17.07 -8.10 -1.84
C VAL B 147 15.81 -7.32 -1.52
N ASN B 148 15.77 -6.69 -0.34
CA ASN B 148 14.59 -5.96 0.15
C ASN B 148 13.42 -6.93 0.19
N GLU B 149 12.32 -6.67 -0.52
CA GLU B 149 11.17 -7.58 -0.53
C GLU B 149 11.33 -8.71 -1.53
N TRP B 150 12.45 -8.80 -2.23
CA TRP B 150 12.70 -9.85 -3.22
C TRP B 150 13.46 -10.99 -2.57
N ASP B 151 12.92 -12.19 -2.68
CA ASP B 151 13.72 -13.39 -2.45
C ASP B 151 14.41 -13.77 -3.77
N LEU B 152 15.42 -14.64 -3.67
CA LEU B 152 16.17 -14.98 -4.88
C LEU B 152 15.33 -15.73 -5.94
N ASN B 153 14.02 -15.84 -5.77
CA ASN B 153 13.12 -16.35 -6.78
C ASN B 153 12.55 -15.27 -7.68
N ALA B 154 12.70 -14.01 -7.28
CA ALA B 154 12.03 -12.90 -7.94
C ALA B 154 12.44 -12.83 -9.41
N GLN B 155 11.44 -12.71 -10.29
CA GLN B 155 11.70 -12.63 -11.73
C GLN B 155 12.58 -11.45 -12.08
N GLU B 156 12.47 -10.33 -11.33
CA GLU B 156 13.27 -9.15 -11.62
C GLU B 156 14.76 -9.46 -11.58
N LEU B 157 15.17 -10.49 -10.84
CA LEU B 157 16.56 -10.86 -10.70
C LEU B 157 17.05 -11.80 -11.80
N PHE B 158 16.15 -12.27 -12.66
CA PHE B 158 16.54 -13.24 -13.69
C PHE B 158 17.56 -12.71 -14.69
N PRO B 159 17.51 -11.44 -15.13
CA PRO B 159 18.61 -10.95 -15.98
C PRO B 159 19.97 -11.03 -15.31
N VAL B 160 20.04 -10.85 -13.99
CA VAL B 160 21.31 -10.98 -13.28
C VAL B 160 21.80 -12.43 -13.33
N TYR B 161 20.90 -13.38 -13.08
CA TYR B 161 21.26 -14.80 -13.22
C TYR B 161 21.64 -15.12 -14.67
N ALA B 162 20.88 -14.59 -15.62
CA ALA B 162 21.18 -14.82 -17.03
C ALA B 162 22.56 -14.28 -17.39
N ALA B 163 22.90 -13.10 -16.87
CA ALA B 163 24.23 -12.54 -17.14
C ALA B 163 25.31 -13.36 -16.46
N ALA B 164 25.08 -13.77 -15.21
CA ALA B 164 26.08 -14.54 -14.48
C ALA B 164 26.35 -15.88 -15.14
N GLU B 165 25.29 -16.55 -15.61
CA GLU B 165 25.48 -17.80 -16.34
C GLU B 165 26.21 -17.56 -17.66
N ARG B 166 25.90 -16.44 -18.32
CA ARG B 166 26.58 -16.12 -19.58
C ARG B 166 28.03 -15.72 -19.34
N LEU B 167 28.28 -14.91 -18.31
CA LEU B 167 29.62 -14.45 -17.99
C LEU B 167 30.46 -15.48 -17.24
N LYS B 168 29.89 -16.65 -16.95
CA LYS B 168 30.55 -17.65 -16.11
C LYS B 168 30.98 -17.03 -14.78
N CYS B 169 30.05 -16.29 -14.17
CA CYS B 169 30.30 -15.60 -12.91
C CYS B 169 29.67 -16.39 -11.76
N SER B 170 30.51 -16.87 -10.86
CA SER B 170 30.02 -17.65 -9.72
C SER B 170 29.27 -16.75 -8.74
N LEU B 171 28.31 -17.34 -8.02
CA LEU B 171 27.53 -16.63 -7.02
C LEU B 171 27.81 -17.21 -5.65
N PHE B 172 28.20 -16.35 -4.71
CA PHE B 172 28.28 -16.71 -3.31
C PHE B 172 27.12 -16.02 -2.59
N VAL B 173 26.19 -16.81 -2.07
CA VAL B 173 24.97 -16.30 -1.44
C VAL B 173 25.19 -16.27 0.06
N HIS B 174 25.27 -15.07 0.62
CA HIS B 174 25.54 -14.87 2.03
C HIS B 174 24.30 -14.33 2.74
N PRO B 175 23.91 -14.89 3.88
CA PRO B 175 22.73 -14.37 4.58
C PRO B 175 22.99 -13.01 5.20
N TRP B 176 21.99 -12.15 5.13
CA TRP B 176 22.07 -10.83 5.74
C TRP B 176 20.67 -10.25 5.85
N ASP B 177 20.57 -9.19 6.67
CA ASP B 177 19.33 -8.44 6.85
C ASP B 177 18.25 -9.30 7.51
N MET B 178 18.66 -10.10 8.48
CA MET B 178 17.69 -10.78 9.32
C MET B 178 16.98 -9.77 10.22
N GLN B 179 15.94 -10.22 10.89
CA GLN B 179 15.31 -9.38 11.90
C GLN B 179 16.26 -9.19 13.07
N MET B 180 16.52 -7.93 13.41
CA MET B 180 17.48 -7.59 14.46
C MET B 180 16.82 -7.22 15.78
N ASP B 181 15.52 -6.93 15.78
CA ASP B 181 14.83 -6.51 16.99
C ASP B 181 13.77 -7.52 17.41
N GLY B 182 12.76 -7.05 18.14
CA GLY B 182 11.70 -7.94 18.59
C GLY B 182 12.25 -9.05 19.47
N ARG B 183 11.78 -10.27 19.23
CA ARG B 183 12.30 -11.42 19.96
C ARG B 183 13.75 -11.72 19.59
N MET B 184 14.22 -11.27 18.44
CA MET B 184 15.56 -11.58 17.96
C MET B 184 16.62 -10.62 18.48
N ALA B 185 16.27 -9.69 19.38
CA ALA B 185 17.24 -8.78 19.99
C ALA B 185 17.93 -9.37 21.22
N LYS B 186 18.13 -10.68 21.26
CA LYS B 186 18.72 -11.33 22.42
C LYS B 186 19.49 -12.57 22.00
N TYR B 187 20.41 -13.01 22.86
CA TYR B 187 21.11 -14.28 22.73
C TYR B 187 21.85 -14.43 21.40
N TRP B 188 22.15 -13.31 20.74
CA TRP B 188 22.78 -13.33 19.42
C TRP B 188 21.97 -14.16 18.43
N LEU B 189 20.65 -14.15 18.60
CA LEU B 189 19.77 -14.99 17.78
C LEU B 189 19.84 -14.69 16.29
N PRO B 190 19.96 -13.44 15.82
CA PRO B 190 20.08 -13.24 14.37
C PRO B 190 21.30 -13.93 13.77
N TRP B 191 22.39 -14.05 14.54
CA TRP B 191 23.57 -14.73 14.03
C TRP B 191 23.46 -16.23 14.17
N LEU B 192 22.93 -16.72 15.30
CA LEU B 192 22.92 -18.15 15.55
C LEU B 192 21.78 -18.86 14.84
N VAL B 193 20.62 -18.20 14.73
CA VAL B 193 19.42 -18.81 14.17
C VAL B 193 18.93 -18.06 12.93
N GLY B 194 18.99 -16.73 12.95
CA GLY B 194 18.41 -15.97 11.85
C GLY B 194 19.16 -16.16 10.53
N MET B 195 20.48 -16.26 10.59
CA MET B 195 21.27 -16.42 9.36
C MET B 195 21.09 -17.80 8.73
N PRO B 196 21.10 -18.90 9.51
CA PRO B 196 20.79 -20.20 8.88
C PRO B 196 19.39 -20.24 8.28
N ALA B 197 18.41 -19.61 8.93
CA ALA B 197 17.07 -19.55 8.37
C ALA B 197 17.05 -18.78 7.06
N GLU B 198 17.83 -17.69 6.98
CA GLU B 198 17.89 -16.90 5.75
C GLU B 198 18.45 -17.74 4.60
N THR B 199 19.53 -18.47 4.85
CA THR B 199 20.11 -19.32 3.81
C THR B 199 19.12 -20.40 3.38
N THR B 200 18.41 -21.01 4.33
CA THR B 200 17.44 -22.03 3.99
C THR B 200 16.33 -21.46 3.12
N ILE B 201 15.85 -20.25 3.44
CA ILE B 201 14.87 -19.60 2.58
C ILE B 201 15.45 -19.34 1.19
N ALA B 202 16.71 -18.92 1.11
CA ALA B 202 17.31 -18.63 -0.18
C ALA B 202 17.45 -19.88 -1.03
N ILE B 203 17.86 -21.00 -0.42
CA ILE B 203 17.99 -22.25 -1.16
C ILE B 203 16.63 -22.70 -1.70
N CYS B 204 15.61 -22.68 -0.84
CA CYS B 204 14.27 -23.06 -1.27
C CYS B 204 13.76 -22.14 -2.36
N SER B 205 14.02 -20.83 -2.22
CA SER B 205 13.49 -19.86 -3.18
C SER B 205 14.10 -20.02 -4.56
N MET B 206 15.40 -20.35 -4.63
CA MET B 206 16.01 -20.58 -5.93
C MET B 206 15.59 -21.91 -6.53
N ILE B 207 15.30 -22.91 -5.70
CA ILE B 207 14.87 -24.21 -6.21
C ILE B 207 13.43 -24.14 -6.72
N MET B 208 12.52 -23.67 -5.88
CA MET B 208 11.11 -23.60 -6.26
C MET B 208 10.80 -22.40 -7.14
N GLY B 209 11.73 -21.48 -7.30
CA GLY B 209 11.59 -20.41 -8.26
C GLY B 209 12.09 -20.73 -9.64
N GLY B 210 12.56 -21.96 -9.86
CA GLY B 210 13.05 -22.38 -11.15
C GLY B 210 14.41 -21.81 -11.54
N VAL B 211 15.16 -21.27 -10.58
CA VAL B 211 16.45 -20.65 -10.91
C VAL B 211 17.43 -21.69 -11.43
N PHE B 212 17.69 -22.73 -10.62
CA PHE B 212 18.59 -23.79 -11.08
C PHE B 212 18.06 -24.47 -12.33
N GLU B 213 16.74 -24.53 -12.50
CA GLU B 213 16.17 -25.16 -13.69
C GLU B 213 16.39 -24.30 -14.93
N LYS B 214 16.12 -23.00 -14.83
CA LYS B 214 16.24 -22.12 -15.99
C LYS B 214 17.70 -21.89 -16.35
N PHE B 215 18.58 -21.83 -15.37
CA PHE B 215 20.01 -21.55 -15.58
C PHE B 215 20.82 -22.74 -15.06
N PRO B 216 20.84 -23.85 -15.81
CA PRO B 216 21.52 -25.05 -15.30
C PRO B 216 23.02 -24.87 -15.14
N LYS B 217 23.63 -23.96 -15.89
CA LYS B 217 25.07 -23.74 -15.79
C LYS B 217 25.45 -22.73 -14.71
N LEU B 218 24.47 -22.10 -14.07
CA LEU B 218 24.76 -21.12 -13.02
C LEU B 218 25.35 -21.81 -11.80
N LYS B 219 26.49 -21.31 -11.33
CA LYS B 219 27.22 -21.92 -10.23
C LYS B 219 27.00 -21.09 -8.97
N VAL B 220 26.36 -21.70 -7.98
CA VAL B 220 25.94 -21.01 -6.76
C VAL B 220 26.52 -21.74 -5.56
N CYS B 221 26.92 -20.96 -4.56
CA CYS B 221 27.39 -21.50 -3.28
C CYS B 221 26.68 -20.76 -2.16
N PHE B 222 26.26 -21.51 -1.15
CA PHE B 222 25.55 -20.96 0.00
C PHE B 222 26.41 -21.04 1.24
N ALA B 223 26.31 -20.03 2.09
CA ALA B 223 27.17 -19.94 3.26
C ALA B 223 26.62 -20.79 4.41
N HIS B 224 27.52 -21.09 5.35
CA HIS B 224 27.16 -21.77 6.61
C HIS B 224 26.50 -23.12 6.35
N GLY B 225 27.02 -23.85 5.37
CA GLY B 225 26.53 -25.20 5.10
C GLY B 225 25.07 -25.27 4.73
N GLY B 226 24.56 -24.28 3.99
CA GLY B 226 23.18 -24.28 3.60
C GLY B 226 22.19 -23.95 4.70
N GLY B 227 22.68 -23.50 5.86
CA GLY B 227 21.82 -23.19 6.98
C GLY B 227 21.24 -24.43 7.63
N ALA B 228 19.92 -24.61 7.54
CA ALA B 228 19.25 -25.79 8.03
C ALA B 228 18.86 -26.76 6.91
N PHE B 229 19.11 -26.37 5.66
CA PHE B 229 18.64 -27.17 4.54
C PHE B 229 19.13 -28.62 4.55
N PRO B 230 20.41 -28.94 4.82
CA PRO B 230 20.82 -30.35 4.79
C PRO B 230 20.07 -31.21 5.79
N PHE B 231 19.53 -30.64 6.85
CA PHE B 231 18.79 -31.39 7.84
C PHE B 231 17.29 -31.39 7.55
N THR B 232 16.75 -30.27 7.11
CA THR B 232 15.31 -30.11 6.87
C THR B 232 14.91 -30.38 5.43
N VAL B 233 15.83 -30.89 4.59
CA VAL B 233 15.50 -31.15 3.19
C VAL B 233 14.38 -32.18 3.08
N GLY B 234 14.37 -33.17 3.98
CA GLY B 234 13.31 -34.17 3.97
C GLY B 234 11.95 -33.55 4.17
N ARG B 235 11.82 -32.68 5.16
CA ARG B 235 10.56 -31.96 5.37
C ARG B 235 10.20 -31.14 4.14
N ILE B 236 11.17 -30.40 3.59
CA ILE B 236 10.91 -29.57 2.42
C ILE B 236 10.52 -30.43 1.23
N SER B 237 11.26 -31.51 1.00
CA SER B 237 10.95 -32.40 -0.12
C SER B 237 9.59 -33.05 0.07
N HIS B 238 9.27 -33.50 1.28
CA HIS B 238 7.97 -34.11 1.55
C HIS B 238 6.84 -33.10 1.37
N GLY B 239 7.05 -31.87 1.86
CA GLY B 239 6.02 -30.85 1.71
C GLY B 239 5.72 -30.50 0.27
N PHE B 240 6.76 -30.48 -0.56
CA PHE B 240 6.58 -30.27 -2.00
C PHE B 240 5.68 -31.34 -2.60
N SER B 241 5.94 -32.60 -2.25
CA SER B 241 5.12 -33.70 -2.75
C SER B 241 3.68 -33.59 -2.27
N MET B 242 3.49 -33.21 -1.00
CA MET B 242 2.15 -33.21 -0.42
C MET B 242 1.29 -32.04 -0.88
N ARG B 243 1.90 -30.87 -1.10
CA ARG B 243 1.17 -29.69 -1.55
C ARG B 243 1.83 -29.10 -2.78
N PRO B 244 1.71 -29.76 -3.93
CA PRO B 244 2.21 -29.15 -5.18
C PRO B 244 1.43 -27.91 -5.59
N ASP B 245 0.20 -27.74 -5.10
CA ASP B 245 -0.55 -26.53 -5.40
C ASP B 245 0.12 -25.29 -4.82
N LEU B 246 0.86 -25.44 -3.73
CA LEU B 246 1.57 -24.33 -3.09
C LEU B 246 3.02 -24.25 -3.49
N CYS B 247 3.67 -25.38 -3.82
CA CYS B 247 5.11 -25.41 -4.00
C CYS B 247 5.56 -25.64 -5.44
N ALA B 248 4.71 -26.17 -6.31
CA ALA B 248 5.10 -26.60 -7.65
C ALA B 248 4.50 -25.72 -8.75
N GLN B 249 4.24 -24.45 -8.46
CA GLN B 249 3.60 -23.60 -9.45
C GLN B 249 4.59 -22.80 -10.30
N ASP B 250 5.75 -22.46 -9.75
CA ASP B 250 6.80 -21.80 -10.51
C ASP B 250 7.87 -22.75 -11.02
N ASN B 251 8.02 -23.91 -10.40
CA ASN B 251 8.93 -24.94 -10.85
C ASN B 251 8.40 -26.30 -10.41
N PRO B 252 8.16 -27.22 -11.34
CA PRO B 252 7.47 -28.47 -10.99
C PRO B 252 8.37 -29.58 -10.47
N MET B 253 9.67 -29.35 -10.33
CA MET B 253 10.57 -30.42 -9.92
C MET B 253 10.73 -30.46 -8.41
N ASN B 254 10.80 -31.67 -7.86
CA ASN B 254 10.99 -31.84 -6.43
C ASN B 254 12.34 -31.26 -6.01
N PRO B 255 12.40 -30.59 -4.86
CA PRO B 255 13.68 -29.97 -4.44
C PRO B 255 14.84 -30.96 -4.31
N LYS B 256 14.57 -32.25 -4.13
CA LYS B 256 15.67 -33.20 -4.05
C LYS B 256 16.37 -33.41 -5.39
N LYS B 257 15.74 -33.03 -6.50
CA LYS B 257 16.38 -33.19 -7.80
C LYS B 257 17.62 -32.32 -7.92
N TYR B 258 17.67 -31.22 -7.21
CA TYR B 258 18.75 -30.25 -7.33
C TYR B 258 19.88 -30.48 -6.33
N LEU B 259 19.83 -31.56 -5.55
CA LEU B 259 20.96 -31.94 -4.73
C LEU B 259 22.13 -32.30 -5.63
N GLY B 260 23.24 -31.58 -5.49
CA GLY B 260 24.36 -31.70 -6.40
C GLY B 260 24.39 -30.65 -7.49
N SER B 261 23.46 -29.70 -7.49
CA SER B 261 23.43 -28.62 -8.46
C SER B 261 23.96 -27.30 -7.89
N PHE B 262 24.29 -27.27 -6.60
CA PHE B 262 24.85 -26.08 -5.98
C PHE B 262 25.83 -26.49 -4.88
N TYR B 263 26.59 -25.52 -4.40
CA TYR B 263 27.61 -25.74 -3.38
C TYR B 263 27.16 -25.11 -2.07
N THR B 264 27.81 -25.54 -0.99
CA THR B 264 27.78 -24.84 0.30
C THR B 264 29.19 -24.81 0.84
N ASP B 265 29.43 -23.93 1.81
CA ASP B 265 30.72 -24.00 2.50
C ASP B 265 30.63 -25.00 3.63
N ALA B 266 31.78 -25.31 4.22
CA ALA B 266 31.89 -26.36 5.22
C ALA B 266 31.80 -25.84 6.66
N LEU B 267 31.33 -24.60 6.84
CA LEU B 267 31.35 -23.94 8.14
C LEU B 267 30.15 -24.41 8.96
N VAL B 268 30.33 -25.51 9.69
CA VAL B 268 29.26 -26.10 10.49
C VAL B 268 29.78 -26.48 11.87
N HIS B 269 31.09 -26.38 12.08
CA HIS B 269 31.72 -26.49 13.39
C HIS B 269 31.74 -27.90 13.97
N ASP B 270 30.79 -28.75 13.60
CA ASP B 270 30.69 -30.06 14.23
C ASP B 270 30.93 -31.18 13.22
N PRO B 271 31.61 -32.26 13.63
CA PRO B 271 31.87 -33.35 12.69
C PRO B 271 30.60 -34.07 12.24
N LEU B 272 29.65 -34.27 13.16
CA LEU B 272 28.37 -34.87 12.77
C LEU B 272 27.65 -34.02 11.75
N SER B 273 27.65 -32.69 11.94
CA SER B 273 27.01 -31.80 10.97
C SER B 273 27.74 -31.81 9.65
N LEU B 274 29.08 -31.90 9.68
CA LEU B 274 29.85 -31.93 8.45
C LEU B 274 29.63 -33.21 7.67
N LYS B 275 29.51 -34.35 8.36
CA LYS B 275 29.29 -35.60 7.66
C LYS B 275 27.93 -35.61 6.96
N LEU B 276 26.88 -35.16 7.66
CA LEU B 276 25.57 -35.03 7.02
C LEU B 276 25.65 -34.06 5.84
N LEU B 277 26.40 -32.97 5.99
CA LEU B 277 26.57 -32.00 4.92
C LEU B 277 27.14 -32.67 3.67
N THR B 278 28.28 -33.34 3.82
CA THR B 278 28.87 -34.05 2.69
C THR B 278 27.96 -35.17 2.20
N ASP B 279 27.25 -35.83 3.12
CA ASP B 279 26.35 -36.91 2.73
C ASP B 279 25.20 -36.39 1.88
N VAL B 280 24.64 -35.24 2.24
CA VAL B 280 23.46 -34.72 1.54
C VAL B 280 23.86 -33.89 0.32
N ILE B 281 24.77 -32.94 0.50
CA ILE B 281 25.12 -32.02 -0.59
C ILE B 281 26.07 -32.69 -1.58
N GLY B 282 26.97 -33.53 -1.09
CA GLY B 282 27.92 -34.21 -1.95
C GLY B 282 29.35 -33.89 -1.59
N LYS B 283 30.27 -34.86 -1.81
CA LYS B 283 31.68 -34.60 -1.51
C LYS B 283 32.33 -33.69 -2.54
N ASP B 284 31.68 -33.45 -3.68
CA ASP B 284 32.19 -32.52 -4.69
C ASP B 284 31.60 -31.13 -4.56
N LYS B 285 30.66 -30.92 -3.64
CA LYS B 285 29.94 -29.65 -3.53
C LYS B 285 30.10 -28.98 -2.17
N VAL B 286 31.08 -29.39 -1.38
CA VAL B 286 31.35 -28.79 -0.08
C VAL B 286 32.72 -28.12 -0.15
N ILE B 287 32.78 -26.86 0.27
CA ILE B 287 33.97 -26.03 0.12
C ILE B 287 34.38 -25.48 1.47
N LEU B 288 35.69 -25.50 1.75
CA LEU B 288 36.19 -24.99 3.02
C LEU B 288 35.96 -23.48 3.11
N GLY B 289 35.29 -23.06 4.18
CA GLY B 289 35.13 -21.64 4.46
C GLY B 289 35.32 -21.39 5.93
N THR B 290 35.73 -20.16 6.25
CA THR B 290 36.16 -19.81 7.60
C THR B 290 35.45 -18.60 8.20
N ASP B 291 34.88 -17.72 7.38
CA ASP B 291 34.31 -16.44 7.87
C ASP B 291 35.40 -15.57 8.49
N TYR B 292 36.62 -15.70 7.97
CA TYR B 292 37.74 -14.90 8.43
C TYR B 292 37.46 -13.42 8.18
N PRO B 293 37.79 -12.53 9.13
CA PRO B 293 38.42 -12.83 10.42
C PRO B 293 37.49 -12.72 11.62
N PHE B 294 36.24 -13.11 11.46
CA PHE B 294 35.29 -12.90 12.54
C PHE B 294 35.27 -14.11 13.48
N PRO B 295 35.02 -13.89 14.77
CA PRO B 295 35.22 -14.97 15.74
C PRO B 295 34.16 -16.06 15.69
N LEU B 296 33.02 -15.81 15.07
CA LEU B 296 32.02 -16.85 14.90
C LEU B 296 32.45 -17.92 13.88
N GLY B 297 33.58 -17.72 13.22
CA GLY B 297 34.08 -18.67 12.23
C GLY B 297 35.09 -19.64 12.80
N GLU B 298 35.76 -20.35 11.88
CA GLU B 298 36.69 -21.41 12.25
C GLU B 298 38.01 -20.80 12.68
N LEU B 299 38.44 -21.13 13.91
CA LEU B 299 39.68 -20.58 14.45
C LEU B 299 40.90 -21.21 13.80
N GLU B 300 40.88 -22.53 13.63
CA GLU B 300 41.95 -23.24 12.92
C GLU B 300 41.41 -23.69 11.57
N PRO B 301 41.69 -22.97 10.49
CA PRO B 301 41.07 -23.28 9.18
C PRO B 301 41.40 -24.69 8.72
N GLY B 302 40.36 -25.50 8.52
CA GLY B 302 40.50 -26.84 8.01
C GLY B 302 40.73 -27.91 9.06
N LYS B 303 40.81 -27.55 10.35
CA LYS B 303 41.04 -28.54 11.39
CA LYS B 303 41.05 -28.54 11.38
C LYS B 303 39.90 -29.54 11.46
N LEU B 304 38.67 -29.07 11.25
CA LEU B 304 37.51 -29.97 11.31
C LEU B 304 37.55 -31.00 10.18
N ILE B 305 38.12 -30.64 9.03
CA ILE B 305 38.21 -31.59 7.93
C ILE B 305 39.41 -32.51 8.11
N GLU B 306 40.51 -32.01 8.69
CA GLU B 306 41.64 -32.87 9.00
C GLU B 306 41.28 -33.95 10.01
N SER B 307 40.33 -33.65 10.91
CA SER B 307 40.01 -34.56 12.00
C SER B 307 39.03 -35.65 11.61
N MET B 308 38.28 -35.48 10.52
CA MET B 308 37.33 -36.49 10.08
C MET B 308 38.08 -37.75 9.64
N GLU B 309 38.08 -38.79 10.46
CA GLU B 309 38.70 -40.05 10.05
C GLU B 309 37.92 -40.76 8.96
N GLU B 310 36.69 -40.34 8.67
CA GLU B 310 35.86 -41.01 7.69
C GLU B 310 36.21 -40.64 6.25
N PHE B 311 36.82 -39.48 6.03
CA PHE B 311 37.16 -39.04 4.69
C PHE B 311 38.53 -39.58 4.30
N ASP B 312 38.63 -40.10 3.07
CA ASP B 312 39.94 -40.44 2.53
C ASP B 312 40.68 -39.16 2.15
N GLU B 313 41.92 -39.30 1.69
CA GLU B 313 42.73 -38.13 1.42
C GLU B 313 42.27 -37.39 0.17
N GLU B 314 41.69 -38.10 -0.80
CA GLU B 314 41.15 -37.42 -1.97
C GLU B 314 39.97 -36.53 -1.59
N THR B 315 39.17 -36.96 -0.61
CA THR B 315 38.01 -36.19 -0.20
C THR B 315 38.40 -34.99 0.65
N LYS B 316 39.40 -35.15 1.53
CA LYS B 316 39.89 -34.01 2.30
C LYS B 316 40.42 -32.92 1.38
N ASN B 317 41.19 -33.31 0.35
CA ASN B 317 41.73 -32.33 -0.59
C ASN B 317 40.66 -31.71 -1.47
N LYS B 318 39.52 -32.39 -1.63
CA LYS B 318 38.41 -31.79 -2.38
C LYS B 318 37.75 -30.69 -1.57
N LEU B 319 37.46 -30.96 -0.29
CA LEU B 319 36.85 -29.95 0.57
C LEU B 319 37.81 -28.81 0.88
N LYS B 320 39.12 -29.11 0.96
CA LYS B 320 40.09 -28.09 1.33
C LYS B 320 40.34 -27.12 0.19
N ALA B 321 40.35 -27.59 -1.05
CA ALA B 321 40.72 -26.72 -2.16
C ALA B 321 40.13 -27.16 -3.49
N GLY B 322 39.96 -28.47 -3.68
CA GLY B 322 39.53 -28.97 -4.98
C GLY B 322 38.17 -28.43 -5.39
N ASN B 323 37.19 -28.51 -4.49
CA ASN B 323 35.85 -28.05 -4.83
C ASN B 323 35.79 -26.53 -5.01
N ALA B 324 36.68 -25.79 -4.33
CA ALA B 324 36.72 -24.34 -4.53
C ALA B 324 37.13 -24.00 -5.96
N LEU B 325 38.13 -24.70 -6.48
CA LEU B 325 38.57 -24.46 -7.86
C LEU B 325 37.44 -24.73 -8.84
N ALA B 326 36.64 -25.76 -8.60
CA ALA B 326 35.54 -26.09 -9.50
C ALA B 326 34.45 -25.03 -9.46
N PHE B 327 34.07 -24.58 -8.26
CA PHE B 327 33.02 -23.57 -8.14
C PHE B 327 33.46 -22.22 -8.70
N LEU B 328 34.73 -21.87 -8.51
CA LEU B 328 35.23 -20.60 -9.03
C LEU B 328 35.59 -20.67 -10.50
N GLY B 329 35.73 -21.88 -11.06
CA GLY B 329 36.14 -22.01 -12.44
C GLY B 329 37.58 -21.63 -12.69
N LEU B 330 38.49 -22.00 -11.78
CA LEU B 330 39.90 -21.67 -11.88
C LEU B 330 40.74 -22.95 -11.87
N GLU B 331 42.01 -22.80 -12.19
CA GLU B 331 42.97 -23.90 -12.21
C GLU B 331 43.94 -23.76 -11.05
N ARG B 332 44.86 -24.71 -10.94
CA ARG B 332 45.89 -24.69 -9.90
C ARG B 332 47.04 -23.80 -10.36
N LYS B 333 46.95 -22.52 -10.02
CA LYS B 333 47.95 -21.52 -10.38
C LYS B 333 48.42 -20.76 -9.15
N GLN B 334 48.35 -21.40 -7.99
CA GLN B 334 48.61 -20.74 -6.71
C GLN B 334 49.54 -21.57 -5.84
N PHE B 335 50.60 -22.12 -6.42
CA PHE B 335 51.59 -22.85 -5.64
C PHE B 335 52.53 -21.87 -4.95
N LYS C 2 0.61 5.46 1.13
CA LYS C 2 0.37 4.93 2.46
C LYS C 2 -1.09 4.50 2.62
N ILE C 3 -1.97 5.45 2.88
CA ILE C 3 -3.38 5.18 3.15
C ILE C 3 -4.24 5.88 2.12
N ASP C 4 -5.15 5.14 1.49
CA ASP C 4 -6.05 5.64 0.47
C ASP C 4 -7.46 5.75 1.06
N ILE C 5 -7.97 6.97 1.17
CA ILE C 5 -9.27 7.19 1.78
C ILE C 5 -10.43 6.94 0.79
N HIS C 6 -10.15 6.89 -0.50
CA HIS C 6 -11.17 6.85 -1.55
C HIS C 6 -10.99 5.60 -2.39
N SER C 7 -11.66 4.51 -2.00
CA SER C 7 -11.65 3.28 -2.77
C SER C 7 -13.02 2.63 -2.64
N HIS C 8 -13.47 1.99 -3.73
CA HIS C 8 -14.79 1.38 -3.77
C HIS C 8 -14.67 -0.12 -3.96
N ILE C 9 -15.66 -0.85 -3.44
CA ILE C 9 -15.66 -2.31 -3.48
C ILE C 9 -17.11 -2.78 -3.47
N LEU C 10 -17.32 -4.01 -3.91
CA LEU C 10 -18.64 -4.62 -3.96
C LEU C 10 -18.55 -6.05 -3.47
N PRO C 11 -19.67 -6.64 -3.04
CA PRO C 11 -19.68 -8.08 -2.76
C PRO C 11 -19.48 -8.87 -4.03
N LYS C 12 -19.04 -10.13 -3.85
CA LYS C 12 -18.86 -11.03 -4.98
C LYS C 12 -20.14 -11.14 -5.80
N GLU C 13 -21.22 -11.57 -5.18
CA GLU C 13 -22.55 -11.55 -5.78
C GLU C 13 -23.56 -11.16 -4.70
N TRP C 14 -24.76 -10.80 -5.13
CA TRP C 14 -25.84 -10.48 -4.21
C TRP C 14 -27.16 -10.79 -4.89
N PRO C 15 -28.20 -11.13 -4.12
CA PRO C 15 -29.45 -11.61 -4.74
C PRO C 15 -30.14 -10.53 -5.56
N ASP C 16 -31.13 -10.98 -6.33
CA ASP C 16 -31.89 -10.11 -7.20
C ASP C 16 -32.69 -9.11 -6.36
N LEU C 17 -32.47 -7.82 -6.59
CA LEU C 17 -33.19 -6.79 -5.87
C LEU C 17 -34.56 -6.50 -6.48
N LYS C 18 -34.81 -6.96 -7.72
CA LYS C 18 -36.14 -6.79 -8.31
C LYS C 18 -37.16 -7.69 -7.64
N LYS C 19 -36.77 -8.92 -7.32
CA LYS C 19 -37.68 -9.83 -6.62
C LYS C 19 -37.67 -9.60 -5.12
N ARG C 20 -36.55 -9.15 -4.57
CA ARG C 20 -36.47 -8.94 -3.12
C ARG C 20 -37.38 -7.80 -2.68
N PHE C 21 -37.41 -6.70 -3.44
CA PHE C 21 -38.14 -5.51 -3.05
C PHE C 21 -39.39 -5.27 -3.90
N GLY C 22 -39.50 -5.90 -5.05
CA GLY C 22 -40.71 -5.80 -5.85
C GLY C 22 -40.76 -4.67 -6.85
N TYR C 23 -39.63 -4.02 -7.14
CA TYR C 23 -39.58 -3.01 -8.19
C TYR C 23 -38.16 -2.86 -8.67
N GLY C 24 -38.01 -2.28 -9.86
CA GLY C 24 -36.74 -2.19 -10.54
C GLY C 24 -35.95 -0.95 -10.15
N GLY C 25 -35.00 -0.61 -11.02
CA GLY C 25 -34.11 0.51 -10.77
C GLY C 25 -32.87 0.19 -9.96
N TRP C 26 -32.66 -1.07 -9.60
CA TRP C 26 -31.50 -1.48 -8.82
C TRP C 26 -30.37 -1.90 -9.75
N VAL C 27 -29.25 -2.32 -9.15
CA VAL C 27 -28.06 -2.70 -9.89
C VAL C 27 -27.71 -4.15 -9.57
N GLN C 28 -27.30 -4.90 -10.60
CA GLN C 28 -26.88 -6.27 -10.45
C GLN C 28 -25.47 -6.46 -11.00
N LEU C 29 -24.84 -7.55 -10.59
CA LEU C 29 -23.48 -7.88 -11.00
C LEU C 29 -23.50 -9.22 -11.72
N GLN C 30 -23.13 -9.22 -13.00
CA GLN C 30 -23.15 -10.45 -13.78
C GLN C 30 -21.74 -10.92 -14.13
N ALA C 37 -16.69 -8.88 -15.51
CA ALA C 37 -18.03 -8.73 -14.96
C ALA C 37 -18.71 -7.47 -15.48
N LYS C 38 -20.04 -7.50 -15.56
CA LYS C 38 -20.82 -6.38 -16.05
C LYS C 38 -21.83 -5.94 -15.00
N LEU C 39 -22.10 -4.63 -14.96
CA LEU C 39 -23.08 -4.04 -14.06
C LEU C 39 -24.31 -3.65 -14.87
N LEU C 40 -25.44 -4.27 -14.55
CA LEU C 40 -26.67 -4.08 -15.31
C LEU C 40 -27.65 -3.19 -14.55
N LYS C 41 -28.54 -2.55 -15.29
CA LYS C 41 -29.61 -1.73 -14.71
C LYS C 41 -30.96 -2.12 -15.30
N VAL C 45 -26.64 -2.80 -19.85
CA VAL C 45 -25.29 -2.74 -19.30
C VAL C 45 -24.93 -1.30 -18.97
N PHE C 46 -24.20 -1.12 -17.88
CA PHE C 46 -23.86 0.20 -17.36
C PHE C 46 -22.36 0.41 -17.19
N ARG C 47 -21.62 -0.61 -16.77
CA ARG C 47 -20.18 -0.51 -16.62
C ARG C 47 -19.59 -1.91 -16.61
N VAL C 48 -18.30 -2.00 -16.90
CA VAL C 48 -17.53 -3.23 -16.81
C VAL C 48 -16.46 -3.05 -15.72
N VAL C 49 -16.33 -4.05 -14.86
CA VAL C 49 -15.35 -4.02 -13.77
C VAL C 49 -14.52 -5.30 -13.83
N ARG C 50 -13.37 -5.25 -13.17
CA ARG C 50 -12.44 -6.38 -13.11
C ARG C 50 -12.54 -7.07 -11.76
N GLU C 51 -11.58 -7.94 -11.47
CA GLU C 51 -11.60 -8.69 -10.21
C GLU C 51 -11.35 -7.79 -9.01
N ASN C 52 -10.55 -6.73 -9.17
CA ASN C 52 -10.19 -5.86 -8.07
C ASN C 52 -11.35 -5.03 -7.52
N CYS C 53 -12.55 -5.22 -8.06
CA CYS C 53 -13.73 -4.52 -7.56
C CYS C 53 -14.46 -5.30 -6.48
N TRP C 54 -14.32 -6.62 -6.42
CA TRP C 54 -15.05 -7.41 -5.43
C TRP C 54 -14.13 -8.31 -4.62
N ASP C 55 -13.05 -8.80 -5.24
CA ASP C 55 -12.18 -9.77 -4.59
C ASP C 55 -11.14 -9.05 -3.74
N PRO C 56 -11.09 -9.27 -2.43
CA PRO C 56 -10.08 -8.60 -1.60
C PRO C 56 -8.68 -9.16 -1.77
N GLU C 57 -8.53 -10.40 -2.23
CA GLU C 57 -7.20 -10.97 -2.40
C GLU C 57 -6.44 -10.27 -3.53
N VAL C 58 -7.11 -10.06 -4.67
CA VAL C 58 -6.47 -9.35 -5.77
C VAL C 58 -6.30 -7.87 -5.45
N ARG C 59 -7.08 -7.34 -4.51
CA ARG C 59 -6.84 -5.98 -4.05
C ARG C 59 -5.60 -5.91 -3.16
N ILE C 60 -5.43 -6.89 -2.27
CA ILE C 60 -4.26 -6.92 -1.39
C ILE C 60 -2.99 -7.08 -2.20
N ARG C 61 -3.05 -7.89 -3.27
CA ARG C 61 -1.89 -8.05 -4.14
C ARG C 61 -1.54 -6.74 -4.84
N GLU C 62 -2.56 -6.05 -5.37
CA GLU C 62 -2.31 -4.78 -6.04
C GLU C 62 -1.93 -3.68 -5.05
N MET C 63 -2.45 -3.75 -3.82
CA MET C 63 -2.05 -2.79 -2.79
C MET C 63 -0.57 -2.93 -2.47
N ASP C 64 -0.10 -4.17 -2.25
CA ASP C 64 1.31 -4.40 -1.98
C ASP C 64 2.18 -3.95 -3.14
N GLN C 65 1.68 -4.07 -4.38
CA GLN C 65 2.45 -3.64 -5.53
C GLN C 65 2.55 -2.12 -5.59
N LYS C 66 1.52 -1.40 -5.14
CA LYS C 66 1.51 0.05 -5.16
C LYS C 66 2.01 0.67 -3.86
N GLY C 67 2.35 -0.15 -2.86
CA GLY C 67 2.78 0.38 -1.58
C GLY C 67 1.67 0.93 -0.71
N VAL C 68 0.42 0.57 -1.00
CA VAL C 68 -0.72 1.07 -0.23
C VAL C 68 -0.83 0.26 1.06
N THR C 69 -0.80 0.96 2.19
CA THR C 69 -0.89 0.28 3.48
C THR C 69 -2.34 -0.07 3.81
N VAL C 70 -3.24 0.92 3.79
CA VAL C 70 -4.63 0.74 4.17
C VAL C 70 -5.52 1.32 3.09
N GLN C 71 -6.67 0.68 2.87
CA GLN C 71 -7.72 1.17 1.98
C GLN C 71 -8.98 1.43 2.77
N ALA C 72 -9.62 2.57 2.51
CA ALA C 72 -10.89 2.92 3.13
C ALA C 72 -12.01 2.45 2.21
N LEU C 73 -12.61 1.31 2.53
CA LEU C 73 -13.59 0.70 1.65
C LEU C 73 -14.95 1.39 1.80
N SER C 74 -15.58 1.68 0.67
CA SER C 74 -16.94 2.19 0.64
C SER C 74 -17.63 1.60 -0.57
N THR C 75 -18.96 1.43 -0.46
CA THR C 75 -19.71 0.91 -1.58
C THR C 75 -19.65 1.88 -2.76
N VAL C 76 -19.88 1.35 -3.95
CA VAL C 76 -19.99 2.21 -5.13
C VAL C 76 -21.15 3.18 -4.94
N PRO C 77 -20.97 4.48 -5.19
CA PRO C 77 -22.04 5.44 -4.87
C PRO C 77 -23.36 5.18 -5.59
N VAL C 78 -23.36 4.39 -6.67
CA VAL C 78 -24.62 4.06 -7.32
C VAL C 78 -25.49 3.18 -6.42
N MET C 79 -24.90 2.58 -5.38
CA MET C 79 -25.62 1.76 -4.42
C MET C 79 -26.21 2.57 -3.28
N PHE C 80 -26.15 3.90 -3.35
CA PHE C 80 -26.76 4.73 -2.31
C PHE C 80 -28.25 4.46 -2.18
N SER C 81 -28.96 4.45 -3.31
CA SER C 81 -30.36 4.03 -3.38
C SER C 81 -31.25 4.93 -2.52
N TYR C 82 -31.02 6.24 -2.58
CA TYR C 82 -31.85 7.18 -1.84
C TYR C 82 -33.23 7.34 -2.47
N TRP C 83 -33.38 6.97 -3.74
CA TRP C 83 -34.65 7.11 -4.44
C TRP C 83 -35.68 6.08 -3.98
N ALA C 84 -35.23 4.96 -3.42
CA ALA C 84 -36.12 3.84 -3.14
C ALA C 84 -36.86 4.05 -1.83
N LYS C 85 -37.74 3.11 -1.52
CA LYS C 85 -38.47 3.15 -0.27
C LYS C 85 -37.50 2.92 0.90
N PRO C 86 -37.69 3.62 2.02
CA PRO C 86 -36.68 3.58 3.09
C PRO C 86 -36.34 2.18 3.60
N GLU C 87 -37.36 1.37 3.93
CA GLU C 87 -37.09 0.03 4.44
C GLU C 87 -36.32 -0.82 3.43
N ASP C 88 -36.52 -0.57 2.13
CA ASP C 88 -35.77 -1.32 1.12
C ASP C 88 -34.33 -0.85 1.04
N THR C 89 -34.10 0.47 1.08
CA THR C 89 -32.73 0.97 1.12
C THR C 89 -32.02 0.52 2.39
N LEU C 90 -32.74 0.50 3.52
CA LEU C 90 -32.14 0.04 4.77
C LEU C 90 -31.75 -1.42 4.68
N ASN C 91 -32.57 -2.23 4.01
CA ASN C 91 -32.23 -3.64 3.80
C ASN C 91 -30.94 -3.77 3.00
N LEU C 92 -30.78 -2.96 1.96
CA LEU C 92 -29.57 -3.03 1.12
C LEU C 92 -28.37 -2.48 1.86
N CYS C 93 -28.56 -1.41 2.64
CA CYS C 93 -27.45 -0.88 3.43
C CYS C 93 -26.93 -1.91 4.43
N GLN C 94 -27.85 -2.70 5.01
CA GLN C 94 -27.43 -3.80 5.88
C GLN C 94 -26.54 -4.79 5.15
N LEU C 95 -26.99 -5.25 3.98
CA LEU C 95 -26.27 -6.28 3.25
C LEU C 95 -24.89 -5.79 2.82
N LEU C 96 -24.80 -4.54 2.36
CA LEU C 96 -23.52 -4.01 1.89
C LEU C 96 -22.57 -3.77 3.05
N ASN C 97 -23.06 -3.21 4.15
CA ASN C 97 -22.21 -2.94 5.31
C ASN C 97 -21.76 -4.22 6.01
N ASN C 98 -22.48 -5.32 5.81
CA ASN C 98 -22.05 -6.59 6.39
C ASN C 98 -20.99 -7.27 5.54
N ASP C 99 -21.14 -7.24 4.21
CA ASP C 99 -20.05 -7.67 3.35
C ASP C 99 -18.83 -6.77 3.52
N LEU C 100 -19.06 -5.51 3.88
CA LEU C 100 -17.96 -4.61 4.20
C LEU C 100 -17.21 -5.09 5.44
N ALA C 101 -17.94 -5.48 6.49
CA ALA C 101 -17.28 -5.85 7.74
C ALA C 101 -16.56 -7.19 7.62
N SER C 102 -17.15 -8.13 6.88
CA SER C 102 -16.50 -9.43 6.69
C SER C 102 -15.21 -9.30 5.90
N THR C 103 -15.11 -8.28 5.03
CA THR C 103 -13.85 -8.00 4.35
C THR C 103 -12.86 -7.29 5.26
N VAL C 104 -13.36 -6.44 6.17
CA VAL C 104 -12.47 -5.73 7.08
C VAL C 104 -11.87 -6.69 8.11
N VAL C 105 -12.68 -7.60 8.65
CA VAL C 105 -12.19 -8.50 9.68
C VAL C 105 -11.27 -9.57 9.10
N SER C 106 -11.32 -9.81 7.78
CA SER C 106 -10.40 -10.77 7.19
C SER C 106 -8.98 -10.21 7.08
N TYR C 107 -8.86 -8.88 6.95
CA TYR C 107 -7.55 -8.22 6.89
C TYR C 107 -7.59 -6.97 7.76
N PRO C 108 -7.71 -7.13 9.08
CA PRO C 108 -7.97 -5.97 9.94
C PRO C 108 -6.88 -4.91 9.94
N ARG C 109 -5.66 -5.25 9.53
CA ARG C 109 -4.58 -4.29 9.49
C ARG C 109 -4.46 -3.60 8.13
N ARG C 110 -5.29 -3.98 7.16
CA ARG C 110 -5.20 -3.48 5.81
C ARG C 110 -6.42 -2.70 5.33
N PHE C 111 -7.59 -2.91 5.94
CA PHE C 111 -8.84 -2.32 5.48
C PHE C 111 -9.56 -1.63 6.62
N VAL C 112 -10.13 -0.45 6.32
CA VAL C 112 -11.17 0.15 7.15
C VAL C 112 -12.42 0.27 6.28
N GLY C 113 -13.56 0.38 6.96
CA GLY C 113 -14.86 0.35 6.30
C GLY C 113 -15.57 1.70 6.41
N LEU C 114 -16.27 2.06 5.34
CA LEU C 114 -17.14 3.24 5.31
C LEU C 114 -18.50 2.79 4.81
N GLY C 115 -19.49 2.79 5.69
CA GLY C 115 -20.80 2.27 5.38
C GLY C 115 -21.63 3.22 4.54
N THR C 116 -22.91 2.87 4.43
CA THR C 116 -23.89 3.67 3.70
C THR C 116 -25.19 3.67 4.48
N LEU C 117 -25.94 4.77 4.36
CA LEU C 117 -27.14 4.97 5.17
C LEU C 117 -28.33 5.29 4.29
N PRO C 118 -29.54 4.91 4.71
CA PRO C 118 -30.75 5.40 4.03
C PRO C 118 -31.02 6.87 4.37
N MET C 119 -30.33 7.77 3.69
CA MET C 119 -30.37 9.19 4.02
C MET C 119 -31.73 9.84 3.78
N GLN C 120 -32.63 9.18 3.05
CA GLN C 120 -33.96 9.74 2.82
C GLN C 120 -34.89 9.49 4.00
N ALA C 121 -34.53 8.61 4.92
CA ALA C 121 -35.26 8.39 6.17
C ALA C 121 -34.30 8.64 7.31
N PRO C 122 -34.21 9.88 7.82
CA PRO C 122 -33.19 10.19 8.83
C PRO C 122 -33.29 9.34 10.09
N GLU C 123 -34.50 8.93 10.49
CA GLU C 123 -34.63 8.09 11.68
CA GLU C 123 -34.64 8.10 11.68
C GLU C 123 -34.06 6.69 11.47
N LEU C 124 -33.99 6.23 10.22
CA LEU C 124 -33.41 4.94 9.91
C LEU C 124 -31.91 5.03 9.62
N ALA C 125 -31.46 6.16 9.07
CA ALA C 125 -30.02 6.34 8.84
C ALA C 125 -29.26 6.39 10.16
N VAL C 126 -29.81 7.10 11.15
CA VAL C 126 -29.20 7.11 12.48
C VAL C 126 -29.19 5.72 13.07
N LYS C 127 -30.26 4.94 12.85
CA LYS C 127 -30.33 3.58 13.34
C LYS C 127 -29.20 2.73 12.77
N GLU C 128 -29.05 2.73 11.44
CA GLU C 128 -27.97 1.98 10.81
C GLU C 128 -26.61 2.58 11.11
N MET C 129 -26.54 3.87 11.44
CA MET C 129 -25.25 4.48 11.75
C MET C 129 -24.74 4.02 13.11
N GLU C 130 -25.62 3.97 14.12
CA GLU C 130 -25.24 3.40 15.41
C GLU C 130 -24.86 1.95 15.27
N ARG C 131 -25.51 1.22 14.37
CA ARG C 131 -25.15 -0.17 14.12
C ARG C 131 -23.76 -0.27 13.50
N CYS C 132 -23.41 0.65 12.61
CA CYS C 132 -22.12 0.58 11.94
C CYS C 132 -20.97 0.90 12.90
N VAL C 133 -21.18 1.84 13.82
CA VAL C 133 -20.10 2.26 14.71
C VAL C 133 -19.93 1.28 15.86
N LYS C 134 -21.03 0.91 16.52
CA LYS C 134 -20.95 0.10 17.74
C LYS C 134 -20.80 -1.38 17.43
N GLU C 135 -21.48 -1.88 16.40
CA GLU C 135 -21.46 -3.31 16.11
C GLU C 135 -20.40 -3.71 15.09
N LEU C 136 -20.09 -2.84 14.13
CA LEU C 136 -19.07 -3.15 13.13
C LEU C 136 -17.73 -2.47 13.38
N GLY C 137 -17.69 -1.46 14.25
CA GLY C 137 -16.45 -0.75 14.48
C GLY C 137 -16.00 0.12 13.32
N PHE C 138 -16.92 0.53 12.46
CA PHE C 138 -16.57 1.41 11.36
C PHE C 138 -16.15 2.78 11.88
N PRO C 139 -15.12 3.39 11.30
CA PRO C 139 -14.76 4.76 11.67
C PRO C 139 -15.63 5.82 11.02
N GLY C 140 -16.58 5.44 10.17
CA GLY C 140 -17.41 6.42 9.51
C GLY C 140 -18.20 5.78 8.38
N VAL C 141 -18.86 6.65 7.61
CA VAL C 141 -19.75 6.23 6.53
C VAL C 141 -19.48 7.12 5.31
N GLN C 142 -20.11 6.75 4.19
CA GLN C 142 -20.02 7.50 2.95
C GLN C 142 -21.43 7.89 2.51
N ILE C 143 -21.71 9.18 2.44
CA ILE C 143 -23.00 9.66 1.98
C ILE C 143 -22.83 10.42 0.67
N GLY C 144 -23.93 10.88 0.09
CA GLY C 144 -23.91 11.62 -1.14
C GLY C 144 -23.98 13.12 -0.92
N THR C 145 -23.68 13.86 -2.00
CA THR C 145 -23.71 15.32 -1.95
C THR C 145 -25.11 15.88 -1.82
N HIS C 146 -26.14 15.06 -1.98
CA HIS C 146 -27.52 15.48 -1.76
C HIS C 146 -28.38 14.22 -1.66
N VAL C 147 -29.48 14.35 -0.93
CA VAL C 147 -30.42 13.24 -0.72
C VAL C 147 -31.67 13.58 -1.52
N ASN C 148 -31.80 12.98 -2.70
CA ASN C 148 -32.89 13.27 -3.62
C ASN C 148 -33.03 14.76 -3.86
N GLU C 149 -34.14 15.35 -3.45
CA GLU C 149 -34.35 16.79 -3.61
C GLU C 149 -33.94 17.59 -2.38
N TRP C 150 -33.62 16.92 -1.27
CA TRP C 150 -33.01 17.60 -0.14
C TRP C 150 -31.61 18.08 -0.51
N ASP C 151 -31.03 18.86 0.38
CA ASP C 151 -29.64 19.28 0.28
C ASP C 151 -28.86 18.66 1.42
N LEU C 152 -27.63 19.10 1.60
CA LEU C 152 -26.87 18.77 2.79
C LEU C 152 -27.04 19.81 3.90
N ASN C 153 -27.82 20.87 3.64
CA ASN C 153 -28.21 21.80 4.68
C ASN C 153 -29.67 21.64 5.10
N ALA C 154 -30.39 20.71 4.45
CA ALA C 154 -31.77 20.45 4.81
C ALA C 154 -31.88 20.05 6.28
N GLN C 155 -32.80 20.69 7.00
CA GLN C 155 -32.96 20.45 8.43
C GLN C 155 -33.31 18.99 8.74
N GLU C 156 -33.86 18.26 7.78
CA GLU C 156 -34.17 16.85 8.02
C GLU C 156 -32.92 16.01 8.21
N LEU C 157 -31.79 16.45 7.65
CA LEU C 157 -30.55 15.69 7.79
C LEU C 157 -29.81 15.99 9.08
N PHE C 158 -30.16 17.08 9.77
CA PHE C 158 -29.46 17.43 11.00
C PHE C 158 -29.47 16.33 12.06
N PRO C 159 -30.55 15.54 12.26
CA PRO C 159 -30.46 14.42 13.20
C PRO C 159 -29.33 13.44 12.87
N VAL C 160 -28.99 13.28 11.59
CA VAL C 160 -27.87 12.41 11.24
C VAL C 160 -26.55 13.05 11.63
N TYR C 161 -26.40 14.35 11.39
CA TYR C 161 -25.20 15.06 11.83
C TYR C 161 -25.08 15.01 13.35
N ALA C 162 -26.20 15.20 14.06
CA ALA C 162 -26.18 15.14 15.51
C ALA C 162 -25.68 13.79 16.00
N ALA C 163 -26.19 12.71 15.43
CA ALA C 163 -25.71 11.38 15.80
C ALA C 163 -24.28 11.15 15.38
N ALA C 164 -23.85 11.77 14.28
CA ALA C 164 -22.47 11.60 13.82
C ALA C 164 -21.49 12.27 14.77
N GLU C 165 -21.79 13.51 15.17
CA GLU C 165 -20.94 14.20 16.14
C GLU C 165 -20.92 13.47 17.48
N ARG C 166 -22.00 12.77 17.82
CA ARG C 166 -22.08 12.06 19.09
C ARG C 166 -21.21 10.81 19.08
N LEU C 167 -21.35 9.97 18.06
CA LEU C 167 -20.64 8.70 17.98
C LEU C 167 -19.21 8.85 17.50
N LYS C 168 -18.74 10.05 17.23
CA LYS C 168 -17.46 10.29 16.56
C LYS C 168 -17.41 9.51 15.25
N CYS C 169 -18.45 9.68 14.45
CA CYS C 169 -18.57 9.06 13.14
C CYS C 169 -18.12 10.03 12.06
N SER C 170 -17.23 9.58 11.19
CA SER C 170 -16.69 10.43 10.14
C SER C 170 -17.59 10.39 8.91
N LEU C 171 -17.65 11.52 8.19
CA LEU C 171 -18.46 11.66 7.00
C LEU C 171 -17.56 11.85 5.78
N PHE C 172 -17.82 11.07 4.74
CA PHE C 172 -17.10 11.19 3.47
C PHE C 172 -18.14 11.51 2.39
N VAL C 173 -18.28 12.79 2.06
CA VAL C 173 -19.28 13.23 1.10
C VAL C 173 -18.75 12.96 -0.31
N HIS C 174 -19.47 12.13 -1.06
CA HIS C 174 -19.09 11.75 -2.41
C HIS C 174 -20.18 12.18 -3.39
N PRO C 175 -19.81 12.81 -4.51
CA PRO C 175 -20.84 13.29 -5.44
C PRO C 175 -21.51 12.15 -6.18
N TRP C 176 -22.78 12.38 -6.54
CA TRP C 176 -23.56 11.45 -7.34
C TRP C 176 -24.84 12.14 -7.77
N ASP C 177 -25.51 11.55 -8.75
CA ASP C 177 -26.82 11.99 -9.22
C ASP C 177 -26.77 13.43 -9.76
N LYS C 186 -23.19 14.60 -22.72
CA LYS C 186 -22.22 14.32 -23.76
C LYS C 186 -20.81 14.69 -23.33
N TYR C 187 -19.81 14.19 -24.07
CA TYR C 187 -18.39 14.49 -23.83
C TYR C 187 -17.95 14.11 -22.42
N TRP C 188 -18.63 13.14 -21.81
CA TRP C 188 -18.35 12.69 -20.45
C TRP C 188 -18.33 13.87 -19.46
N LEU C 189 -19.21 14.84 -19.70
CA LEU C 189 -19.28 16.04 -18.88
C LEU C 189 -19.80 15.77 -17.46
N PRO C 190 -20.77 14.88 -17.25
CA PRO C 190 -21.21 14.62 -15.86
C PRO C 190 -20.08 14.18 -14.94
N TRP C 191 -19.10 13.43 -15.43
CA TRP C 191 -17.98 12.97 -14.62
C TRP C 191 -16.82 13.94 -14.60
N LEU C 192 -16.81 14.96 -15.48
CA LEU C 192 -15.70 15.88 -15.59
C LEU C 192 -16.04 17.30 -15.14
N VAL C 193 -17.31 17.70 -15.19
CA VAL C 193 -17.73 19.03 -14.77
C VAL C 193 -18.91 18.90 -13.82
N GLY C 194 -19.75 17.89 -14.05
CA GLY C 194 -20.91 17.69 -13.20
C GLY C 194 -20.54 17.28 -11.78
N MET C 195 -19.57 16.38 -11.64
CA MET C 195 -19.13 16.00 -10.29
C MET C 195 -18.43 17.14 -9.56
N PRO C 196 -17.48 17.87 -10.17
CA PRO C 196 -16.93 19.05 -9.48
C PRO C 196 -17.98 20.07 -9.08
N ALA C 197 -18.95 20.35 -9.96
CA ALA C 197 -20.00 21.29 -9.63
C ALA C 197 -20.88 20.79 -8.49
N GLU C 198 -21.17 19.48 -8.48
CA GLU C 198 -22.04 18.93 -7.45
C GLU C 198 -21.37 18.96 -6.08
N THR C 199 -20.07 18.64 -6.03
CA THR C 199 -19.34 18.71 -4.76
C THR C 199 -19.29 20.14 -4.23
N THR C 200 -19.03 21.10 -5.12
CA THR C 200 -18.98 22.50 -4.71
C THR C 200 -20.30 22.94 -4.08
N ILE C 201 -21.42 22.45 -4.63
CA ILE C 201 -22.73 22.78 -4.06
C ILE C 201 -22.89 22.17 -2.67
N ALA C 202 -22.41 20.94 -2.49
CA ALA C 202 -22.51 20.31 -1.17
C ALA C 202 -21.69 21.06 -0.13
N ILE C 203 -20.51 21.53 -0.51
CA ILE C 203 -19.67 22.28 0.41
C ILE C 203 -20.35 23.58 0.80
N CYS C 204 -20.85 24.33 -0.19
CA CYS C 204 -21.56 25.57 0.11
C CYS C 204 -22.80 25.30 0.96
N SER C 205 -23.51 24.19 0.69
CA SER C 205 -24.74 23.90 1.41
C SER C 205 -24.48 23.71 2.89
N MET C 206 -23.54 22.83 3.24
CA MET C 206 -23.22 22.60 4.65
C MET C 206 -22.67 23.85 5.31
N ILE C 207 -21.89 24.64 4.57
CA ILE C 207 -21.34 25.87 5.12
C ILE C 207 -22.45 26.89 5.35
N MET C 208 -23.10 27.35 4.27
CA MET C 208 -24.13 28.38 4.38
C MET C 208 -25.36 27.90 5.14
N GLY C 209 -25.56 26.59 5.26
CA GLY C 209 -26.60 26.05 6.10
C GLY C 209 -26.24 25.95 7.57
N GLY C 210 -25.09 26.50 7.96
CA GLY C 210 -24.68 26.51 9.35
C GLY C 210 -24.44 25.15 9.96
N VAL C 211 -24.15 24.14 9.13
CA VAL C 211 -23.95 22.79 9.64
C VAL C 211 -22.67 22.72 10.47
N PHE C 212 -21.57 23.25 9.95
CA PHE C 212 -20.31 23.23 10.69
C PHE C 212 -20.38 24.11 11.93
N GLU C 213 -21.20 25.16 11.91
CA GLU C 213 -21.44 25.95 13.12
C GLU C 213 -22.15 25.11 14.17
N LYS C 214 -23.27 24.49 13.80
CA LYS C 214 -24.06 23.73 14.76
C LYS C 214 -23.32 22.50 15.27
N PHE C 215 -22.50 21.87 14.43
CA PHE C 215 -21.80 20.63 14.78
C PHE C 215 -20.30 20.85 14.58
N PRO C 216 -19.64 21.55 15.51
CA PRO C 216 -18.20 21.80 15.33
C PRO C 216 -17.35 20.54 15.33
N LYS C 217 -17.65 19.59 16.22
CA LYS C 217 -16.85 18.38 16.35
C LYS C 217 -17.10 17.36 15.24
N LEU C 218 -17.95 17.67 14.27
CA LEU C 218 -18.22 16.75 13.17
C LEU C 218 -17.10 16.84 12.15
N LYS C 219 -16.63 15.67 11.70
CA LYS C 219 -15.51 15.56 10.77
C LYS C 219 -16.05 15.16 9.39
N VAL C 220 -15.81 16.01 8.40
CA VAL C 220 -16.33 15.82 7.05
C VAL C 220 -15.16 15.83 6.07
N CYS C 221 -15.29 15.01 5.02
CA CYS C 221 -14.31 14.99 3.94
C CYS C 221 -15.05 14.97 2.61
N PHE C 222 -14.65 15.85 1.70
CA PHE C 222 -15.28 15.97 0.39
C PHE C 222 -14.39 15.34 -0.68
N ALA C 223 -15.03 14.72 -1.67
CA ALA C 223 -14.31 13.97 -2.68
C ALA C 223 -13.81 14.87 -3.81
N HIS C 224 -12.76 14.40 -4.47
CA HIS C 224 -12.20 15.04 -5.67
C HIS C 224 -11.73 16.46 -5.39
N GLY C 225 -10.97 16.61 -4.30
CA GLY C 225 -10.37 17.89 -3.97
C GLY C 225 -11.37 19.00 -3.71
N GLY C 226 -12.56 18.67 -3.23
CA GLY C 226 -13.57 19.68 -3.00
C GLY C 226 -14.21 20.23 -4.25
N GLY C 227 -14.07 19.52 -5.37
CA GLY C 227 -14.63 19.97 -6.63
C GLY C 227 -13.97 21.23 -7.16
N ALA C 228 -14.73 22.31 -7.25
CA ALA C 228 -14.23 23.59 -7.72
C ALA C 228 -14.12 24.63 -6.61
N PHE C 229 -14.48 24.27 -5.38
CA PHE C 229 -14.42 25.20 -4.26
C PHE C 229 -13.05 25.84 -4.06
N PRO C 230 -11.92 25.11 -4.06
CA PRO C 230 -10.64 25.75 -3.76
C PRO C 230 -10.26 26.86 -4.72
N PHE C 231 -10.74 26.83 -5.97
CA PHE C 231 -10.47 27.89 -6.93
C PHE C 231 -11.52 28.98 -6.89
N THR C 232 -12.80 28.59 -6.80
CA THR C 232 -13.90 29.53 -6.78
C THR C 232 -14.26 30.01 -5.38
N VAL C 233 -13.43 29.71 -4.38
CA VAL C 233 -13.73 30.18 -3.03
C VAL C 233 -13.65 31.69 -2.95
N GLY C 234 -12.75 32.30 -3.73
CA GLY C 234 -12.67 33.75 -3.75
C GLY C 234 -13.94 34.40 -4.27
N ARG C 235 -14.48 33.86 -5.37
CA ARG C 235 -15.72 34.41 -5.92
C ARG C 235 -16.90 34.18 -4.98
N ILE C 236 -17.02 32.97 -4.42
CA ILE C 236 -18.13 32.65 -3.55
C ILE C 236 -18.12 33.54 -2.32
N SER C 237 -16.98 33.61 -1.64
CA SER C 237 -16.85 34.46 -0.45
C SER C 237 -17.22 35.90 -0.75
N HIS C 238 -16.82 36.40 -1.93
CA HIS C 238 -17.19 37.75 -2.33
C HIS C 238 -18.70 37.89 -2.47
N GLY C 239 -19.36 36.87 -3.03
CA GLY C 239 -20.81 36.94 -3.19
C GLY C 239 -21.55 37.01 -1.87
N PHE C 240 -21.14 36.19 -0.90
CA PHE C 240 -21.73 36.24 0.42
C PHE C 240 -21.62 37.64 1.03
N SER C 241 -20.53 38.34 0.74
CA SER C 241 -20.32 39.69 1.22
C SER C 241 -21.04 40.70 0.34
N ASN C 254 -19.21 33.96 7.19
CA ASN C 254 -18.62 34.00 5.85
C ASN C 254 -18.01 32.64 5.48
N PRO C 255 -18.17 32.23 4.23
CA PRO C 255 -17.65 30.92 3.80
C PRO C 255 -16.15 30.74 4.02
N LYS C 256 -15.33 31.74 3.68
CA LYS C 256 -13.89 31.57 3.84
C LYS C 256 -13.49 31.41 5.28
N LYS C 257 -14.34 31.80 6.23
CA LYS C 257 -14.03 31.63 7.65
C LYS C 257 -14.06 30.17 8.08
N TYR C 258 -14.67 29.29 7.29
CA TYR C 258 -14.74 27.88 7.61
C TYR C 258 -13.61 27.07 6.97
N LEU C 259 -12.64 27.72 6.34
CA LEU C 259 -11.50 27.00 5.77
C LEU C 259 -10.71 26.33 6.88
N GLY C 260 -10.51 25.03 6.75
CA GLY C 260 -9.85 24.23 7.77
C GLY C 260 -10.80 23.46 8.67
N SER C 261 -12.11 23.55 8.45
CA SER C 261 -13.08 22.81 9.24
C SER C 261 -13.49 21.49 8.60
N PHE C 262 -12.97 21.17 7.42
CA PHE C 262 -13.35 19.96 6.72
C PHE C 262 -12.19 19.48 5.86
N TYR C 263 -12.24 18.20 5.52
CA TYR C 263 -11.21 17.57 4.71
C TYR C 263 -11.66 17.46 3.26
N THR C 264 -10.68 17.28 2.39
CA THR C 264 -10.89 16.84 1.02
C THR C 264 -9.83 15.80 0.69
N ASP C 265 -10.08 15.02 -0.35
CA ASP C 265 -9.04 14.12 -0.82
C ASP C 265 -8.14 14.86 -1.83
N ALA C 266 -7.01 14.22 -2.17
CA ALA C 266 -6.01 14.83 -3.01
C ALA C 266 -6.11 14.40 -4.47
N LEU C 267 -7.29 13.97 -4.91
CA LEU C 267 -7.49 13.47 -6.27
C LEU C 267 -7.76 14.66 -7.18
N VAL C 268 -6.68 15.21 -7.77
CA VAL C 268 -6.78 16.37 -8.63
C VAL C 268 -5.95 16.18 -9.90
N HIS C 269 -5.06 15.19 -9.88
CA HIS C 269 -4.29 14.73 -11.05
C HIS C 269 -3.31 15.78 -11.57
N ASP C 270 -3.17 16.93 -10.91
CA ASP C 270 -2.28 17.97 -11.41
C ASP C 270 -1.49 18.60 -10.27
N PRO C 271 -0.20 18.86 -10.47
CA PRO C 271 0.60 19.47 -9.39
C PRO C 271 0.15 20.86 -9.03
N LEU C 272 -0.19 21.70 -10.01
CA LEU C 272 -0.63 23.05 -9.71
C LEU C 272 -1.92 23.06 -8.90
N SER C 273 -2.79 22.08 -9.13
CA SER C 273 -4.02 22.00 -8.36
C SER C 273 -3.77 21.45 -6.96
N LEU C 274 -2.93 20.43 -6.84
CA LEU C 274 -2.60 19.89 -5.52
C LEU C 274 -1.94 20.94 -4.65
N LYS C 275 -1.10 21.80 -5.25
CA LYS C 275 -0.49 22.88 -4.50
C LYS C 275 -1.55 23.91 -4.08
N LEU C 276 -2.44 24.28 -4.99
CA LEU C 276 -3.54 25.19 -4.64
C LEU C 276 -4.46 24.55 -3.61
N LEU C 277 -4.70 23.24 -3.74
CA LEU C 277 -5.60 22.55 -2.83
C LEU C 277 -5.10 22.63 -1.40
N THR C 278 -3.82 22.33 -1.18
CA THR C 278 -3.24 22.43 0.15
C THR C 278 -3.13 23.87 0.63
N ASP C 279 -3.06 24.84 -0.28
CA ASP C 279 -2.97 26.24 0.13
C ASP C 279 -4.30 26.75 0.67
N VAL C 280 -5.42 26.29 0.10
CA VAL C 280 -6.73 26.80 0.49
C VAL C 280 -7.35 25.95 1.59
N ILE C 281 -7.23 24.62 1.48
CA ILE C 281 -7.83 23.71 2.46
C ILE C 281 -6.92 23.53 3.67
N GLY C 282 -5.63 23.31 3.46
CA GLY C 282 -4.71 23.14 4.57
C GLY C 282 -3.77 21.95 4.46
N LYS C 283 -2.61 22.03 5.10
CA LYS C 283 -1.66 20.93 5.06
C LYS C 283 -2.19 19.71 5.82
N ASP C 284 -2.99 19.94 6.85
CA ASP C 284 -3.52 18.88 7.69
C ASP C 284 -4.95 18.50 7.32
N LYS C 285 -5.44 18.95 6.15
CA LYS C 285 -6.83 18.75 5.78
C LYS C 285 -6.99 18.16 4.38
N VAL C 286 -5.96 17.50 3.84
CA VAL C 286 -6.01 16.88 2.53
C VAL C 286 -5.54 15.43 2.66
N ILE C 287 -6.34 14.50 2.15
CA ILE C 287 -6.11 13.08 2.35
C ILE C 287 -5.85 12.42 0.99
N LEU C 288 -5.03 11.37 1.00
CA LEU C 288 -4.72 10.66 -0.23
C LEU C 288 -5.96 9.94 -0.74
N GLY C 289 -6.38 10.28 -1.96
CA GLY C 289 -7.47 9.60 -2.62
C GLY C 289 -7.01 8.94 -3.90
N THR C 290 -7.74 7.95 -4.36
CA THR C 290 -7.36 7.19 -5.56
C THR C 290 -8.54 6.81 -6.43
N ASP C 291 -9.75 6.64 -5.87
CA ASP C 291 -10.91 6.14 -6.62
C ASP C 291 -10.66 4.74 -7.17
N TYR C 292 -9.84 3.99 -6.46
CA TYR C 292 -9.57 2.60 -6.83
C TYR C 292 -10.88 1.81 -6.83
N PRO C 293 -11.13 0.98 -7.85
CA PRO C 293 -10.24 0.74 -9.00
C PRO C 293 -10.77 1.31 -10.31
N PHE C 294 -11.14 2.59 -10.31
CA PHE C 294 -11.73 3.14 -11.53
C PHE C 294 -10.68 3.94 -12.32
N PRO C 295 -10.84 3.99 -13.65
CA PRO C 295 -9.79 4.65 -14.46
C PRO C 295 -9.67 6.14 -14.24
N LEU C 296 -10.76 6.82 -13.83
CA LEU C 296 -10.69 8.26 -13.63
C LEU C 296 -9.82 8.65 -12.43
N GLY C 297 -9.39 7.70 -11.63
CA GLY C 297 -8.61 7.97 -10.44
C GLY C 297 -7.12 7.98 -10.70
N GLU C 298 -6.35 7.80 -9.63
CA GLU C 298 -4.89 7.82 -9.70
C GLU C 298 -4.37 6.40 -9.88
N LEU C 299 -3.68 6.16 -11.00
CA LEU C 299 -3.15 4.82 -11.28
C LEU C 299 -2.07 4.45 -10.26
N GLU C 300 -1.08 5.31 -10.08
CA GLU C 300 -0.01 5.09 -9.11
C GLU C 300 -0.32 5.91 -7.86
N PRO C 301 -0.87 5.32 -6.80
CA PRO C 301 -1.21 6.12 -5.62
C PRO C 301 0.03 6.76 -5.00
N GLY C 302 -0.14 7.99 -4.52
CA GLY C 302 0.93 8.73 -3.91
C GLY C 302 2.01 9.22 -4.85
N LYS C 303 1.96 8.86 -6.14
CA LYS C 303 2.97 9.32 -7.09
C LYS C 303 2.95 10.83 -7.23
N LEU C 304 1.74 11.41 -7.29
CA LEU C 304 1.63 12.86 -7.47
C LEU C 304 2.18 13.62 -6.27
N ILE C 305 1.96 13.10 -5.07
CA ILE C 305 2.39 13.80 -3.86
C ILE C 305 3.92 13.80 -3.76
N GLU C 306 4.56 12.70 -4.17
CA GLU C 306 6.01 12.62 -4.07
C GLU C 306 6.71 13.54 -5.05
N SER C 307 6.11 13.79 -6.21
CA SER C 307 6.75 14.62 -7.23
C SER C 307 6.85 16.08 -6.82
N MET C 308 6.09 16.51 -5.81
CA MET C 308 6.08 17.91 -5.39
C MET C 308 7.36 18.20 -4.62
N GLU C 309 8.32 18.82 -5.29
CA GLU C 309 9.53 19.28 -4.59
C GLU C 309 9.20 20.34 -3.55
N GLU C 310 8.04 20.98 -3.67
CA GLU C 310 7.65 22.04 -2.73
C GLU C 310 7.30 21.50 -1.36
N PHE C 311 6.99 20.22 -1.25
CA PHE C 311 6.55 19.61 0.00
C PHE C 311 7.74 18.94 0.69
N ASP C 312 7.96 19.28 1.95
CA ASP C 312 8.93 18.57 2.76
C ASP C 312 8.38 17.20 3.16
N GLU C 313 9.22 16.40 3.81
CA GLU C 313 8.81 15.04 4.17
C GLU C 313 7.68 15.05 5.19
N GLU C 314 7.58 16.11 6.00
CA GLU C 314 6.56 16.14 7.04
C GLU C 314 5.16 16.22 6.44
N THR C 315 4.96 17.14 5.50
CA THR C 315 3.63 17.30 4.91
C THR C 315 3.28 16.14 3.98
N LYS C 316 4.28 15.50 3.36
CA LYS C 316 4.00 14.37 2.49
C LYS C 316 3.40 13.20 3.25
N ASN C 317 3.83 13.00 4.50
CA ASN C 317 3.29 11.91 5.31
C ASN C 317 1.89 12.22 5.83
N LYS C 318 1.59 13.50 6.04
CA LYS C 318 0.22 13.88 6.39
C LYS C 318 -0.75 13.53 5.27
N LEU C 319 -0.39 13.90 4.03
CA LEU C 319 -1.27 13.63 2.90
C LEU C 319 -1.36 12.14 2.60
N LYS C 320 -0.30 11.38 2.87
CA LYS C 320 -0.29 9.96 2.54
C LYS C 320 -1.07 9.13 3.55
N ALA C 321 -0.98 9.46 4.84
CA ALA C 321 -1.66 8.68 5.86
C ALA C 321 -1.97 9.50 7.10
N GLY C 322 -1.15 10.52 7.37
CA GLY C 322 -1.32 11.29 8.60
C GLY C 322 -2.69 11.93 8.70
N ASN C 323 -3.13 12.59 7.62
CA ASN C 323 -4.44 13.24 7.65
C ASN C 323 -5.58 12.24 7.54
N ALA C 324 -5.34 11.05 7.00
CA ALA C 324 -6.36 10.01 7.01
C ALA C 324 -6.60 9.50 8.43
N LEU C 325 -5.57 9.53 9.28
CA LEU C 325 -5.72 9.05 10.66
C LEU C 325 -6.46 10.07 11.51
N ALA C 326 -6.12 11.35 11.40
CA ALA C 326 -6.80 12.37 12.18
C ALA C 326 -8.27 12.47 11.80
N PHE C 327 -8.57 12.39 10.50
CA PHE C 327 -9.95 12.46 10.04
C PHE C 327 -10.78 11.30 10.57
N LEU C 328 -10.25 10.08 10.49
CA LEU C 328 -10.99 8.91 10.92
C LEU C 328 -10.94 8.68 12.42
N GLY C 329 -10.01 9.33 13.12
CA GLY C 329 -9.86 9.11 14.54
C GLY C 329 -9.45 7.68 14.86
N LEU C 330 -8.32 7.24 14.32
CA LEU C 330 -7.84 5.88 14.49
C LEU C 330 -6.35 5.89 14.76
N GLU C 331 -5.87 4.80 15.36
CA GLU C 331 -4.46 4.64 15.75
C GLU C 331 -3.96 5.82 16.57
N LYS D 2 -5.47 49.44 -16.50
CA LYS D 2 -5.38 50.11 -17.79
CA LYS D 2 -5.38 50.10 -17.79
C LYS D 2 -6.62 49.84 -18.64
N ILE D 3 -6.76 48.62 -19.14
CA ILE D 3 -7.86 48.23 -20.02
C ILE D 3 -8.76 47.26 -19.28
N ASP D 4 -10.07 47.52 -19.33
CA ASP D 4 -11.07 46.63 -18.75
C ASP D 4 -11.78 45.91 -19.88
N ILE D 5 -11.56 44.60 -19.97
CA ILE D 5 -12.17 43.81 -21.04
C ILE D 5 -13.61 43.43 -20.74
N HIS D 6 -14.03 43.51 -19.47
CA HIS D 6 -15.32 43.01 -19.04
C HIS D 6 -16.11 44.14 -18.36
N SER D 7 -16.95 44.81 -19.14
CA SER D 7 -17.85 45.84 -18.63
C SER D 7 -19.12 45.84 -19.46
N HIS D 8 -20.23 46.23 -18.83
CA HIS D 8 -21.55 46.15 -19.45
C HIS D 8 -22.19 47.52 -19.54
N ILE D 9 -22.67 47.85 -20.74
CA ILE D 9 -23.35 49.11 -21.01
C ILE D 9 -24.80 48.82 -21.34
N LEU D 10 -25.62 49.85 -21.24
CA LEU D 10 -27.03 49.80 -21.63
C LEU D 10 -27.44 51.13 -22.25
N PRO D 11 -28.41 51.12 -23.15
CA PRO D 11 -28.94 52.38 -23.67
C PRO D 11 -29.67 53.15 -22.58
N LYS D 12 -29.76 54.48 -22.78
CA LYS D 12 -30.53 55.31 -21.86
C LYS D 12 -31.99 54.90 -21.83
N GLU D 13 -32.50 54.36 -22.93
CA GLU D 13 -33.90 53.97 -23.05
C GLU D 13 -34.04 53.05 -24.24
N TRP D 14 -35.18 52.34 -24.28
CA TRP D 14 -35.55 51.56 -25.45
C TRP D 14 -37.06 51.35 -25.41
N PRO D 15 -37.71 51.18 -26.57
CA PRO D 15 -39.17 51.07 -26.59
C PRO D 15 -39.70 49.79 -25.96
N ASP D 16 -41.02 49.65 -25.93
CA ASP D 16 -41.66 48.49 -25.33
C ASP D 16 -41.55 47.31 -26.29
N LEU D 17 -40.74 46.32 -25.91
CA LEU D 17 -40.54 45.16 -26.78
C LEU D 17 -41.78 44.27 -26.85
N LYS D 18 -42.62 44.28 -25.82
CA LYS D 18 -43.84 43.50 -25.86
C LYS D 18 -44.75 43.93 -27.00
N LYS D 19 -44.73 45.22 -27.34
CA LYS D 19 -45.45 45.74 -28.50
C LYS D 19 -44.64 45.64 -29.78
N ARG D 20 -43.31 45.79 -29.70
CA ARG D 20 -42.49 45.80 -30.90
C ARG D 20 -42.50 44.45 -31.61
N PHE D 21 -42.64 43.35 -30.86
CA PHE D 21 -42.57 42.02 -31.44
C PHE D 21 -43.81 41.17 -31.18
N GLY D 22 -44.69 41.58 -30.28
CA GLY D 22 -45.97 40.92 -30.11
C GLY D 22 -46.02 39.84 -29.06
N TYR D 23 -44.96 39.62 -28.30
CA TYR D 23 -44.98 38.64 -27.23
C TYR D 23 -44.03 39.08 -26.12
N GLY D 24 -44.35 38.67 -24.89
CA GLY D 24 -43.59 39.08 -23.73
C GLY D 24 -42.31 38.28 -23.56
N GLY D 25 -41.67 38.52 -22.41
CA GLY D 25 -40.42 37.87 -22.07
C GLY D 25 -39.19 38.77 -22.14
N TRP D 26 -39.34 40.03 -22.54
CA TRP D 26 -38.20 40.91 -22.71
C TRP D 26 -37.97 41.75 -21.46
N VAL D 27 -36.81 42.40 -21.42
CA VAL D 27 -36.41 43.25 -20.30
C VAL D 27 -36.66 44.70 -20.66
N GLN D 28 -37.20 45.47 -19.71
CA GLN D 28 -37.43 46.90 -19.88
C GLN D 28 -36.61 47.68 -18.86
N LEU D 29 -36.65 49.00 -19.01
CA LEU D 29 -35.90 49.90 -18.14
C LEU D 29 -36.79 51.08 -17.78
N GLN D 30 -36.85 51.40 -16.50
CA GLN D 30 -37.69 52.48 -15.99
C GLN D 30 -36.86 53.42 -15.13
N HIS D 31 -36.90 54.71 -15.45
CA HIS D 31 -36.17 55.73 -14.70
C HIS D 31 -37.07 56.29 -13.60
N HIS D 32 -36.66 56.12 -12.35
CA HIS D 32 -37.41 56.67 -11.23
C HIS D 32 -36.88 58.03 -10.82
N SER D 33 -35.74 58.05 -10.13
CA SER D 33 -35.14 59.29 -9.66
C SER D 33 -33.77 59.49 -10.33
N LYS D 34 -33.00 60.43 -9.79
CA LYS D 34 -31.70 60.76 -10.35
C LYS D 34 -30.66 59.70 -9.97
N GLY D 35 -29.90 59.24 -10.96
CA GLY D 35 -28.88 58.24 -10.74
C GLY D 35 -29.39 56.90 -10.25
N GLU D 36 -30.57 56.48 -10.72
CA GLU D 36 -31.17 55.23 -10.25
C GLU D 36 -32.20 54.77 -11.26
N ALA D 37 -32.17 53.47 -11.57
CA ALA D 37 -33.13 52.85 -12.48
C ALA D 37 -33.17 51.36 -12.19
N LYS D 38 -34.19 50.69 -12.70
CA LYS D 38 -34.37 49.26 -12.49
C LYS D 38 -34.68 48.58 -13.81
N LEU D 39 -34.46 47.26 -13.83
CA LEU D 39 -34.75 46.43 -14.99
C LEU D 39 -36.05 45.69 -14.76
N LEU D 40 -36.95 45.75 -15.74
CA LEU D 40 -38.29 45.18 -15.65
C LEU D 40 -38.38 43.93 -16.51
N LYS D 41 -38.87 42.85 -15.93
CA LYS D 41 -39.07 41.58 -16.62
C LYS D 41 -40.57 41.32 -16.69
N ASP D 42 -41.19 41.73 -17.81
CA ASP D 42 -42.63 41.65 -17.99
C ASP D 42 -43.39 42.35 -16.87
N GLY D 43 -42.81 43.44 -16.37
CA GLY D 43 -43.37 44.20 -15.28
C GLY D 43 -42.79 43.92 -13.92
N LYS D 44 -41.99 42.86 -13.79
CA LYS D 44 -41.42 42.47 -12.50
C LYS D 44 -40.00 43.01 -12.39
N VAL D 45 -39.74 43.76 -11.32
CA VAL D 45 -38.39 44.27 -11.05
C VAL D 45 -37.50 43.11 -10.62
N PHE D 46 -36.24 43.13 -11.07
CA PHE D 46 -35.28 42.13 -10.64
C PHE D 46 -33.86 42.65 -10.42
N ARG D 47 -33.58 43.93 -10.65
CA ARG D 47 -32.26 44.49 -10.34
C ARG D 47 -32.33 46.01 -10.42
N VAL D 48 -31.47 46.65 -9.62
CA VAL D 48 -31.34 48.11 -9.60
C VAL D 48 -29.95 48.48 -10.09
N VAL D 49 -29.86 49.53 -10.91
CA VAL D 49 -28.61 49.98 -11.50
C VAL D 49 -28.42 51.46 -11.27
N ARG D 50 -27.17 51.90 -11.32
CA ARG D 50 -26.81 53.29 -11.09
C ARG D 50 -26.60 54.02 -12.41
N GLU D 51 -26.32 55.33 -12.32
CA GLU D 51 -26.22 56.16 -13.51
C GLU D 51 -25.09 55.72 -14.43
N ASN D 52 -24.06 55.08 -13.86
CA ASN D 52 -22.89 54.64 -14.61
C ASN D 52 -23.19 53.48 -15.55
N CYS D 53 -24.42 52.98 -15.57
CA CYS D 53 -24.78 51.84 -16.41
C CYS D 53 -25.27 52.25 -17.80
N TRP D 54 -25.47 53.54 -18.05
CA TRP D 54 -25.93 54.02 -19.36
C TRP D 54 -25.33 55.35 -19.77
N ASP D 55 -24.86 56.17 -18.84
CA ASP D 55 -24.43 57.52 -19.14
C ASP D 55 -22.91 57.57 -19.21
N PRO D 56 -22.32 57.81 -20.39
CA PRO D 56 -20.86 57.72 -20.50
C PRO D 56 -20.10 58.77 -19.70
N GLU D 57 -20.70 59.93 -19.43
CA GLU D 57 -19.98 60.98 -18.70
C GLU D 57 -19.59 60.52 -17.31
N VAL D 58 -20.57 60.00 -16.55
CA VAL D 58 -20.27 59.44 -15.24
C VAL D 58 -19.37 58.22 -15.37
N ARG D 59 -19.53 57.47 -16.46
CA ARG D 59 -18.65 56.32 -16.70
C ARG D 59 -17.21 56.78 -16.89
N ILE D 60 -17.01 57.84 -17.69
CA ILE D 60 -15.67 58.36 -17.93
C ILE D 60 -15.07 58.89 -16.63
N ARG D 61 -15.87 59.65 -15.87
CA ARG D 61 -15.35 60.25 -14.65
C ARG D 61 -15.00 59.19 -13.60
N GLU D 62 -15.69 58.05 -13.62
CA GLU D 62 -15.34 56.97 -12.71
C GLU D 62 -14.14 56.17 -13.22
N MET D 63 -14.01 56.03 -14.53
CA MET D 63 -12.79 55.47 -15.10
C MET D 63 -11.58 56.30 -14.71
N ASP D 64 -11.70 57.62 -14.80
CA ASP D 64 -10.62 58.51 -14.38
C ASP D 64 -10.39 58.44 -12.88
N GLN D 65 -11.44 58.10 -12.11
CA GLN D 65 -11.28 57.92 -10.67
C GLN D 65 -10.31 56.80 -10.36
N LYS D 66 -10.55 55.61 -10.93
CA LYS D 66 -9.71 54.45 -10.68
C LYS D 66 -8.55 54.33 -11.65
N GLY D 67 -8.47 55.20 -12.66
CA GLY D 67 -7.39 55.17 -13.61
C GLY D 67 -7.51 54.08 -14.65
N VAL D 68 -8.65 54.04 -15.34
CA VAL D 68 -8.92 53.04 -16.37
C VAL D 68 -8.81 53.73 -17.73
N THR D 69 -7.89 53.23 -18.57
CA THR D 69 -7.64 53.86 -19.87
C THR D 69 -8.84 53.72 -20.79
N VAL D 70 -9.26 52.47 -21.03
CA VAL D 70 -10.33 52.20 -21.98
C VAL D 70 -11.15 51.02 -21.48
N GLN D 71 -12.48 51.14 -21.58
CA GLN D 71 -13.39 50.04 -21.28
C GLN D 71 -13.85 49.37 -22.56
N ALA D 72 -13.92 48.04 -22.53
CA ALA D 72 -14.49 47.26 -23.63
C ALA D 72 -15.99 47.19 -23.41
N LEU D 73 -16.74 48.02 -24.11
CA LEU D 73 -18.17 48.12 -23.87
C LEU D 73 -18.91 46.96 -24.53
N SER D 74 -19.73 46.28 -23.75
CA SER D 74 -20.61 45.23 -24.24
C SER D 74 -21.94 45.33 -23.50
N THR D 75 -22.95 44.63 -24.02
CA THR D 75 -24.27 44.73 -23.42
C THR D 75 -24.39 43.79 -22.23
N VAL D 76 -25.46 43.96 -21.48
CA VAL D 76 -25.73 43.10 -20.32
C VAL D 76 -26.22 41.75 -20.82
N PRO D 77 -25.67 40.63 -20.33
CA PRO D 77 -25.99 39.32 -20.92
C PRO D 77 -27.46 38.95 -20.87
N VAL D 78 -28.28 39.63 -20.05
CA VAL D 78 -29.71 39.34 -20.04
C VAL D 78 -30.37 39.78 -21.34
N MET D 79 -29.69 40.61 -22.13
CA MET D 79 -30.22 41.12 -23.40
C MET D 79 -29.92 40.22 -24.59
N PHE D 80 -29.25 39.08 -24.38
CA PHE D 80 -28.89 38.19 -25.47
C PHE D 80 -30.11 37.82 -26.32
N SER D 81 -31.21 37.45 -25.66
CA SER D 81 -32.50 37.20 -26.31
C SER D 81 -32.42 36.05 -27.32
N TYR D 82 -31.62 35.03 -27.03
CA TYR D 82 -31.52 33.87 -27.92
C TYR D 82 -32.83 33.09 -27.98
N TRP D 83 -33.66 33.17 -26.93
CA TRP D 83 -34.90 32.41 -26.87
C TRP D 83 -35.95 32.91 -27.85
N ALA D 84 -35.89 34.19 -28.23
CA ALA D 84 -36.94 34.79 -29.03
C ALA D 84 -36.82 34.38 -30.50
N LYS D 85 -37.69 34.94 -31.32
CA LYS D 85 -37.68 34.63 -32.74
C LYS D 85 -36.46 35.28 -33.41
N PRO D 86 -35.81 34.59 -34.35
CA PRO D 86 -34.53 35.11 -34.89
C PRO D 86 -34.59 36.53 -35.42
N GLU D 87 -35.65 36.91 -36.14
CA GLU D 87 -35.71 38.25 -36.70
C GLU D 87 -35.90 39.32 -35.62
N ASP D 88 -36.58 38.97 -34.52
CA ASP D 88 -36.78 39.92 -33.44
C ASP D 88 -35.49 40.13 -32.65
N THR D 89 -34.70 39.07 -32.47
CA THR D 89 -33.40 39.22 -31.82
C THR D 89 -32.42 39.97 -32.73
N LEU D 90 -32.45 39.68 -34.03
CA LEU D 90 -31.66 40.44 -34.99
C LEU D 90 -32.04 41.91 -34.95
N ASN D 91 -33.34 42.21 -34.80
CA ASN D 91 -33.78 43.59 -34.66
C ASN D 91 -33.24 44.21 -33.37
N LEU D 92 -33.18 43.42 -32.30
CA LEU D 92 -32.68 43.93 -31.03
C LEU D 92 -31.17 44.11 -31.02
N CYS D 93 -30.44 43.26 -31.75
CA CYS D 93 -28.99 43.39 -31.81
C CYS D 93 -28.58 44.69 -32.50
N GLN D 94 -29.21 45.01 -33.63
CA GLN D 94 -28.92 46.27 -34.31
C GLN D 94 -29.24 47.48 -33.44
N LEU D 95 -30.29 47.37 -32.62
CA LEU D 95 -30.63 48.45 -31.71
C LEU D 95 -29.53 48.69 -30.69
N LEU D 96 -29.07 47.62 -30.04
CA LEU D 96 -28.04 47.76 -29.02
C LEU D 96 -26.69 48.12 -29.64
N ASN D 97 -26.36 47.53 -30.78
CA ASN D 97 -25.08 47.80 -31.41
C ASN D 97 -24.99 49.24 -31.92
N ASN D 98 -26.10 49.80 -32.37
CA ASN D 98 -26.11 51.19 -32.82
C ASN D 98 -25.86 52.13 -31.64
N ASP D 99 -26.59 51.94 -30.55
CA ASP D 99 -26.32 52.70 -29.33
C ASP D 99 -24.90 52.46 -28.84
N LEU D 100 -24.41 51.23 -29.01
CA LEU D 100 -23.04 50.91 -28.61
C LEU D 100 -22.03 51.65 -29.49
N ALA D 101 -22.28 51.71 -30.80
CA ALA D 101 -21.32 52.33 -31.71
C ALA D 101 -21.27 53.84 -31.52
N SER D 102 -22.38 54.47 -31.13
CA SER D 102 -22.38 55.92 -30.91
C SER D 102 -21.51 56.31 -29.72
N THR D 103 -21.41 55.43 -28.72
CA THR D 103 -20.56 55.71 -27.58
C THR D 103 -19.08 55.57 -27.92
N VAL D 104 -18.76 54.76 -28.93
CA VAL D 104 -17.37 54.63 -29.36
C VAL D 104 -16.93 55.86 -30.15
N VAL D 105 -17.78 56.34 -31.07
CA VAL D 105 -17.42 57.50 -31.88
C VAL D 105 -17.41 58.79 -31.09
N SER D 106 -17.95 58.80 -29.88
CA SER D 106 -17.95 60.01 -29.05
C SER D 106 -16.73 60.12 -28.16
N TYR D 107 -16.15 58.99 -27.76
CA TYR D 107 -14.93 58.96 -26.96
C TYR D 107 -14.03 57.85 -27.50
N PRO D 108 -13.52 58.00 -28.73
CA PRO D 108 -12.75 56.90 -29.34
C PRO D 108 -11.47 56.55 -28.62
N ARG D 109 -11.06 57.32 -27.63
CA ARG D 109 -9.86 57.03 -26.85
C ARG D 109 -10.17 56.31 -25.54
N ARG D 110 -11.45 56.08 -25.23
CA ARG D 110 -11.82 55.50 -23.95
C ARG D 110 -12.77 54.31 -24.05
N PHE D 111 -13.26 53.96 -25.25
CA PHE D 111 -14.24 52.90 -25.39
C PHE D 111 -13.97 52.09 -26.65
N VAL D 112 -14.25 50.79 -26.57
CA VAL D 112 -14.34 49.91 -27.73
C VAL D 112 -15.59 49.06 -27.59
N GLY D 113 -16.14 48.63 -28.72
CA GLY D 113 -17.45 47.99 -28.75
C GLY D 113 -17.35 46.49 -28.97
N LEU D 114 -18.10 45.76 -28.16
CA LEU D 114 -18.31 44.32 -28.33
C LEU D 114 -19.81 44.11 -28.52
N GLY D 115 -20.21 43.80 -29.76
CA GLY D 115 -21.61 43.68 -30.08
C GLY D 115 -22.22 42.36 -29.64
N THR D 116 -23.49 42.19 -29.97
CA THR D 116 -24.22 40.95 -29.71
C THR D 116 -24.89 40.50 -30.99
N LEU D 117 -25.06 39.18 -31.12
CA LEU D 117 -25.55 38.58 -32.36
C LEU D 117 -26.75 37.69 -32.11
N PRO D 118 -27.60 37.50 -33.12
CA PRO D 118 -28.70 36.52 -33.02
C PRO D 118 -28.21 35.08 -33.22
N MET D 119 -27.70 34.51 -32.14
CA MET D 119 -26.96 33.26 -32.23
C MET D 119 -27.84 32.07 -32.57
N GLN D 120 -29.14 32.13 -32.24
CA GLN D 120 -30.02 31.01 -32.57
C GLN D 120 -30.13 30.81 -34.08
N ALA D 121 -29.98 31.88 -34.85
CA ALA D 121 -29.95 31.79 -36.31
C ALA D 121 -28.53 32.05 -36.79
N PRO D 122 -27.75 31.02 -37.11
CA PRO D 122 -26.36 31.24 -37.52
C PRO D 122 -26.20 32.10 -38.76
N GLU D 123 -27.19 32.10 -39.65
CA GLU D 123 -27.11 32.92 -40.85
C GLU D 123 -27.27 34.39 -40.52
N LEU D 124 -28.27 34.73 -39.70
CA LEU D 124 -28.47 36.12 -39.30
C LEU D 124 -27.35 36.60 -38.37
N ALA D 125 -26.76 35.68 -37.60
CA ALA D 125 -25.66 36.05 -36.72
C ALA D 125 -24.43 36.49 -37.52
N VAL D 126 -24.12 35.78 -38.61
CA VAL D 126 -22.99 36.17 -39.44
C VAL D 126 -23.27 37.49 -40.15
N LYS D 127 -24.51 37.68 -40.61
CA LYS D 127 -24.85 38.91 -41.32
C LYS D 127 -24.71 40.12 -40.41
N GLU D 128 -25.11 40.01 -39.16
CA GLU D 128 -24.99 41.13 -38.23
C GLU D 128 -23.54 41.32 -37.78
N MET D 129 -22.76 40.24 -37.71
CA MET D 129 -21.37 40.35 -37.28
C MET D 129 -20.54 41.14 -38.28
N GLU D 130 -20.70 40.85 -39.58
CA GLU D 130 -19.98 41.59 -40.60
C GLU D 130 -20.34 43.06 -40.59
N ARG D 131 -21.58 43.38 -40.22
CA ARG D 131 -21.95 44.79 -40.08
C ARG D 131 -21.24 45.43 -38.90
N CYS D 132 -21.11 44.70 -37.78
CA CYS D 132 -20.41 45.25 -36.62
C CYS D 132 -18.94 45.52 -36.92
N VAL D 133 -18.31 44.64 -37.68
CA VAL D 133 -16.87 44.78 -37.95
C VAL D 133 -16.62 45.79 -39.06
N LYS D 134 -17.32 45.65 -40.19
CA LYS D 134 -17.02 46.46 -41.37
C LYS D 134 -17.62 47.87 -41.27
N GLU D 135 -18.76 48.03 -40.60
CA GLU D 135 -19.45 49.31 -40.54
C GLU D 135 -19.37 49.97 -39.17
N LEU D 136 -19.71 49.23 -38.10
CA LEU D 136 -19.69 49.83 -36.76
C LEU D 136 -18.28 49.97 -36.22
N GLY D 137 -17.33 49.16 -36.69
CA GLY D 137 -15.96 49.29 -36.26
C GLY D 137 -15.60 48.57 -34.99
N PHE D 138 -16.33 47.51 -34.64
CA PHE D 138 -16.09 46.76 -33.41
C PHE D 138 -15.02 45.70 -33.63
N PRO D 139 -14.08 45.56 -32.70
CA PRO D 139 -13.05 44.52 -32.82
C PRO D 139 -13.51 43.16 -32.31
N GLY D 140 -14.75 43.02 -31.88
CA GLY D 140 -15.23 41.76 -31.38
C GLY D 140 -16.69 41.87 -30.97
N VAL D 141 -17.21 40.74 -30.46
CA VAL D 141 -18.59 40.65 -30.01
C VAL D 141 -18.63 39.84 -28.72
N GLN D 142 -19.73 40.00 -27.98
CA GLN D 142 -19.97 39.25 -26.76
C GLN D 142 -21.14 38.29 -26.98
N ILE D 143 -20.91 37.01 -26.68
CA ILE D 143 -21.91 35.96 -26.81
C ILE D 143 -21.98 35.19 -25.49
N GLY D 144 -22.91 34.24 -25.43
CA GLY D 144 -23.15 33.45 -24.25
C GLY D 144 -22.45 32.09 -24.29
N THR D 145 -22.54 31.39 -23.16
CA THR D 145 -21.91 30.08 -23.06
C THR D 145 -22.70 28.98 -23.77
N HIS D 146 -23.96 29.24 -24.12
CA HIS D 146 -24.77 28.29 -24.86
C HIS D 146 -25.91 29.03 -25.52
N VAL D 147 -26.44 28.42 -26.59
CA VAL D 147 -27.51 29.01 -27.40
C VAL D 147 -28.70 28.05 -27.33
N ASN D 148 -29.54 28.22 -26.31
CA ASN D 148 -30.72 27.36 -26.08
C ASN D 148 -30.24 25.92 -25.96
N GLU D 149 -30.62 25.02 -26.86
CA GLU D 149 -30.17 23.65 -26.82
C GLU D 149 -28.85 23.43 -27.58
N TRP D 150 -28.17 24.50 -27.97
CA TRP D 150 -26.90 24.41 -28.68
C TRP D 150 -25.76 24.78 -27.74
N ASP D 151 -24.74 23.95 -27.69
CA ASP D 151 -23.48 24.29 -27.04
C ASP D 151 -22.49 24.79 -28.09
N LEU D 152 -21.34 25.26 -27.62
CA LEU D 152 -20.36 25.83 -28.54
C LEU D 152 -19.72 24.78 -29.44
N ASN D 153 -19.88 23.50 -29.12
CA ASN D 153 -19.42 22.45 -30.02
C ASN D 153 -20.34 22.26 -31.21
N ALA D 154 -21.57 22.78 -31.14
CA ALA D 154 -22.57 22.52 -32.15
C ALA D 154 -22.07 22.91 -33.54
N GLN D 155 -22.21 21.97 -34.48
CA GLN D 155 -21.74 22.22 -35.83
C GLN D 155 -22.49 23.36 -36.49
N GLU D 156 -23.73 23.62 -36.06
CA GLU D 156 -24.52 24.69 -36.64
C GLU D 156 -23.92 26.07 -36.37
N LEU D 157 -23.12 26.19 -35.31
CA LEU D 157 -22.46 27.46 -34.99
C LEU D 157 -21.14 27.64 -35.72
N PHE D 158 -20.62 26.61 -36.38
CA PHE D 158 -19.35 26.73 -37.08
C PHE D 158 -19.34 27.78 -38.19
N PRO D 159 -20.45 28.11 -38.86
CA PRO D 159 -20.40 29.27 -39.78
C PRO D 159 -20.03 30.57 -39.09
N VAL D 160 -20.36 30.74 -37.81
CA VAL D 160 -19.99 31.96 -37.11
C VAL D 160 -18.52 31.93 -36.72
N TYR D 161 -18.01 30.76 -36.37
CA TYR D 161 -16.58 30.63 -36.08
C TYR D 161 -15.75 30.89 -37.33
N ALA D 162 -16.12 30.27 -38.45
CA ALA D 162 -15.38 30.48 -39.69
C ALA D 162 -15.43 31.95 -40.11
N ALA D 163 -16.58 32.59 -39.95
CA ALA D 163 -16.71 33.98 -40.36
C ALA D 163 -15.99 34.93 -39.40
N ALA D 164 -15.94 34.58 -38.11
CA ALA D 164 -15.26 35.45 -37.15
C ALA D 164 -13.75 35.40 -37.34
N GLU D 165 -13.21 34.21 -37.61
CA GLU D 165 -11.78 34.10 -37.92
C GLU D 165 -11.43 34.88 -39.18
N ARG D 166 -12.36 34.92 -40.14
CA ARG D 166 -12.11 35.64 -41.39
C ARG D 166 -12.13 37.15 -41.18
N LEU D 167 -13.10 37.64 -40.41
CA LEU D 167 -13.20 39.07 -40.15
C LEU D 167 -12.24 39.56 -39.07
N LYS D 168 -11.40 38.68 -38.53
CA LYS D 168 -10.55 38.99 -37.38
C LYS D 168 -11.38 39.59 -36.24
N CYS D 169 -12.45 38.87 -35.89
CA CYS D 169 -13.37 39.29 -34.85
C CYS D 169 -13.09 38.49 -33.58
N SER D 170 -13.06 39.18 -32.46
CA SER D 170 -12.81 38.54 -31.18
C SER D 170 -14.13 38.09 -30.54
N LEU D 171 -14.06 36.99 -29.79
CA LEU D 171 -15.22 36.41 -29.14
C LEU D 171 -15.03 36.47 -27.63
N PHE D 172 -15.94 37.16 -26.95
CA PHE D 172 -15.95 37.22 -25.49
C PHE D 172 -17.12 36.37 -25.01
N VAL D 173 -16.81 35.22 -24.40
CA VAL D 173 -17.82 34.26 -23.99
C VAL D 173 -18.20 34.54 -22.54
N HIS D 174 -19.44 34.99 -22.32
CA HIS D 174 -19.94 35.31 -21.00
C HIS D 174 -20.99 34.29 -20.58
N PRO D 175 -20.95 33.77 -19.35
CA PRO D 175 -21.93 32.76 -18.96
C PRO D 175 -23.32 33.36 -18.79
N TRP D 176 -24.32 32.65 -19.30
CA TRP D 176 -25.70 33.08 -19.10
C TRP D 176 -26.64 31.89 -19.25
N ASP D 177 -27.86 32.06 -18.73
CA ASP D 177 -28.93 31.06 -18.82
C ASP D 177 -28.52 29.76 -18.14
N MET D 178 -28.09 29.87 -16.88
CA MET D 178 -27.82 28.70 -16.06
C MET D 178 -29.14 28.13 -15.54
N GLN D 179 -29.08 27.33 -14.49
CA GLN D 179 -30.28 26.78 -13.86
C GLN D 179 -30.60 27.60 -12.62
N MET D 180 -31.73 28.31 -12.67
CA MET D 180 -32.19 29.09 -11.53
C MET D 180 -33.23 28.36 -10.68
N ASP D 181 -33.89 27.34 -11.23
CA ASP D 181 -34.89 26.58 -10.53
C ASP D 181 -34.28 25.31 -9.91
N GLY D 182 -35.12 24.56 -9.20
CA GLY D 182 -34.69 23.33 -8.57
C GLY D 182 -33.81 23.56 -7.36
N ARG D 183 -32.79 22.70 -7.18
CA ARG D 183 -31.89 22.82 -6.04
C ARG D 183 -31.10 24.12 -6.06
N MET D 184 -30.91 24.73 -7.24
CA MET D 184 -30.13 25.95 -7.38
C MET D 184 -30.84 27.19 -6.86
N ALA D 185 -32.14 27.12 -6.59
CA ALA D 185 -32.91 28.32 -6.24
C ALA D 185 -32.67 28.77 -4.80
N LYS D 186 -31.41 28.93 -4.41
CA LYS D 186 -31.08 29.39 -3.07
C LYS D 186 -29.61 29.76 -3.02
N TYR D 187 -29.24 30.55 -2.01
CA TYR D 187 -27.86 30.91 -1.71
C TYR D 187 -27.14 31.51 -2.92
N TRP D 188 -27.89 32.05 -3.88
CA TRP D 188 -27.32 32.60 -5.12
C TRP D 188 -26.43 31.59 -5.83
N LEU D 189 -26.82 30.31 -5.76
CA LEU D 189 -26.06 29.27 -6.44
C LEU D 189 -25.92 29.47 -7.95
N PRO D 190 -26.94 29.93 -8.69
CA PRO D 190 -26.76 30.07 -10.15
C PRO D 190 -25.67 31.05 -10.55
N TRP D 191 -25.31 31.99 -9.68
CA TRP D 191 -24.26 32.95 -9.98
C TRP D 191 -22.94 32.63 -9.30
N LEU D 192 -22.96 31.98 -8.14
CA LEU D 192 -21.74 31.61 -7.43
C LEU D 192 -21.20 30.25 -7.83
N VAL D 193 -22.07 29.34 -8.28
CA VAL D 193 -21.67 28.01 -8.73
C VAL D 193 -22.10 27.76 -10.17
N GLY D 194 -23.27 28.26 -10.57
CA GLY D 194 -23.78 27.97 -11.90
C GLY D 194 -23.05 28.74 -13.00
N MET D 195 -22.71 30.01 -12.73
CA MET D 195 -21.92 30.77 -13.69
C MET D 195 -20.54 30.17 -13.93
N PRO D 196 -19.74 29.83 -12.91
CA PRO D 196 -18.46 29.17 -13.19
C PRO D 196 -18.62 27.85 -13.91
N ALA D 197 -19.62 27.04 -13.54
CA ALA D 197 -19.83 25.76 -14.19
C ALA D 197 -20.21 25.95 -15.66
N GLU D 198 -21.05 26.96 -15.94
CA GLU D 198 -21.45 27.21 -17.32
C GLU D 198 -20.24 27.54 -18.20
N THR D 199 -19.32 28.36 -17.69
CA THR D 199 -18.12 28.68 -18.46
C THR D 199 -17.22 27.45 -18.60
N THR D 200 -17.12 26.62 -17.56
CA THR D 200 -16.33 25.41 -17.64
C THR D 200 -16.86 24.49 -18.74
N ILE D 201 -18.18 24.35 -18.84
CA ILE D 201 -18.78 23.60 -19.93
C ILE D 201 -18.39 24.20 -21.28
N ALA D 202 -18.47 25.54 -21.38
CA ALA D 202 -18.17 26.20 -22.65
C ALA D 202 -16.76 25.92 -23.11
N ILE D 203 -15.80 25.95 -22.19
CA ILE D 203 -14.41 25.65 -22.55
C ILE D 203 -14.26 24.21 -23.01
N CYS D 204 -14.90 23.27 -22.30
CA CYS D 204 -14.81 21.87 -22.69
C CYS D 204 -15.48 21.62 -24.05
N SER D 205 -16.53 22.38 -24.37
CA SER D 205 -17.22 22.18 -25.63
C SER D 205 -16.36 22.62 -26.80
N MET D 206 -15.70 23.78 -26.69
CA MET D 206 -14.89 24.28 -27.79
C MET D 206 -13.61 23.46 -27.97
N ILE D 207 -13.06 22.93 -26.88
CA ILE D 207 -11.85 22.10 -26.99
C ILE D 207 -12.20 20.74 -27.60
N MET D 208 -13.13 20.02 -26.96
CA MET D 208 -13.52 18.71 -27.45
C MET D 208 -14.34 18.78 -28.74
N GLY D 209 -14.85 19.95 -29.08
CA GLY D 209 -15.54 20.17 -30.34
C GLY D 209 -14.62 20.51 -31.50
N GLY D 210 -13.31 20.47 -31.29
CA GLY D 210 -12.37 20.76 -32.37
C GLY D 210 -12.46 22.16 -32.92
N VAL D 211 -13.10 23.08 -32.19
CA VAL D 211 -13.22 24.45 -32.67
C VAL D 211 -11.85 25.12 -32.74
N PHE D 212 -11.04 24.95 -31.71
CA PHE D 212 -9.72 25.56 -31.70
C PHE D 212 -8.78 24.92 -32.71
N GLU D 213 -9.05 23.69 -33.15
CA GLU D 213 -8.25 23.06 -34.18
C GLU D 213 -8.72 23.43 -35.58
N LYS D 214 -10.04 23.51 -35.77
CA LYS D 214 -10.59 23.89 -37.08
CA LYS D 214 -10.58 23.89 -37.08
C LYS D 214 -10.45 25.38 -37.35
N PHE D 215 -10.22 26.20 -36.31
CA PHE D 215 -10.10 27.65 -36.45
C PHE D 215 -8.97 28.14 -35.56
N PRO D 216 -7.72 27.95 -35.99
CA PRO D 216 -6.58 28.27 -35.11
C PRO D 216 -6.29 29.75 -34.95
N LYS D 217 -6.88 30.62 -35.78
CA LYS D 217 -6.65 32.06 -35.69
C LYS D 217 -7.83 32.79 -35.05
N LEU D 218 -8.73 32.05 -34.38
CA LEU D 218 -9.89 32.63 -33.73
C LEU D 218 -9.52 33.08 -32.32
N LYS D 219 -9.81 34.35 -32.01
CA LYS D 219 -9.51 34.94 -30.72
C LYS D 219 -10.71 34.79 -29.79
N VAL D 220 -10.54 34.05 -28.71
CA VAL D 220 -11.61 33.77 -27.75
C VAL D 220 -11.13 34.14 -26.35
N CYS D 221 -12.01 34.72 -25.55
CA CYS D 221 -11.74 35.01 -24.15
C CYS D 221 -12.96 34.66 -23.31
N PHE D 222 -12.75 33.90 -22.24
CA PHE D 222 -13.82 33.47 -21.36
C PHE D 222 -13.87 34.34 -20.11
N ALA D 223 -15.07 34.52 -19.58
CA ALA D 223 -15.29 35.45 -18.48
C ALA D 223 -15.19 34.76 -17.13
N HIS D 224 -15.03 35.58 -16.09
CA HIS D 224 -14.99 35.12 -14.71
C HIS D 224 -13.94 34.03 -14.50
N GLY D 225 -12.72 34.34 -14.92
CA GLY D 225 -11.59 33.43 -14.74
C GLY D 225 -11.74 32.09 -15.41
N GLY D 226 -12.59 31.99 -16.44
CA GLY D 226 -12.83 30.71 -17.05
C GLY D 226 -13.57 29.72 -16.19
N GLY D 227 -14.27 30.20 -15.15
CA GLY D 227 -15.03 29.33 -14.28
C GLY D 227 -14.17 28.45 -13.41
N ALA D 228 -14.36 27.13 -13.53
CA ALA D 228 -13.62 26.15 -12.74
C ALA D 228 -12.52 25.47 -13.55
N PHE D 229 -12.42 25.76 -14.84
CA PHE D 229 -11.50 25.04 -15.71
C PHE D 229 -10.04 25.10 -15.26
N PRO D 230 -9.47 26.23 -14.83
CA PRO D 230 -8.05 26.23 -14.45
C PRO D 230 -7.71 25.28 -13.31
N PHE D 231 -8.70 24.92 -12.48
CA PHE D 231 -8.46 23.99 -11.38
C PHE D 231 -8.75 22.54 -11.77
N THR D 232 -9.85 22.30 -12.48
CA THR D 232 -10.24 20.96 -12.89
C THR D 232 -9.59 20.51 -14.18
N VAL D 233 -8.63 21.28 -14.71
CA VAL D 233 -8.02 20.93 -15.99
C VAL D 233 -7.26 19.61 -15.90
N GLY D 234 -6.75 19.28 -14.72
CA GLY D 234 -6.08 17.99 -14.56
C GLY D 234 -7.05 16.82 -14.59
N ARG D 235 -8.22 16.99 -13.97
CA ARG D 235 -9.25 15.96 -14.01
C ARG D 235 -9.79 15.76 -15.41
N ILE D 236 -9.84 16.83 -16.21
CA ILE D 236 -10.39 16.74 -17.56
C ILE D 236 -9.35 16.14 -18.52
N SER D 237 -8.09 16.51 -18.37
CA SER D 237 -7.05 16.01 -19.26
C SER D 237 -6.85 14.50 -19.09
N HIS D 238 -6.79 14.04 -17.84
CA HIS D 238 -6.60 12.62 -17.59
C HIS D 238 -7.83 11.80 -17.98
N GLY D 239 -9.02 12.40 -17.88
CA GLY D 239 -10.22 11.68 -18.27
C GLY D 239 -10.28 11.41 -19.75
N PHE D 240 -9.84 12.37 -20.58
CA PHE D 240 -9.80 12.16 -22.02
C PHE D 240 -8.78 11.10 -22.39
N SER D 241 -7.72 10.93 -21.59
CA SER D 241 -6.69 9.94 -21.88
C SER D 241 -7.18 8.52 -21.59
N ASN D 254 -6.03 15.97 -26.82
CA ASN D 254 -6.00 16.18 -25.39
C ASN D 254 -6.10 17.67 -25.05
N PRO D 255 -6.86 18.01 -24.00
CA PRO D 255 -7.09 19.43 -23.69
C PRO D 255 -5.86 20.15 -23.16
N LYS D 256 -4.83 19.42 -22.68
CA LYS D 256 -3.63 20.09 -22.19
C LYS D 256 -2.86 20.78 -23.30
N LYS D 257 -2.97 20.30 -24.53
CA LYS D 257 -2.26 20.91 -25.64
C LYS D 257 -2.94 22.19 -26.14
N TYR D 258 -4.13 22.51 -25.64
CA TYR D 258 -4.82 23.74 -25.98
C TYR D 258 -4.61 24.85 -24.97
N LEU D 259 -3.79 24.62 -23.95
CA LEU D 259 -3.47 25.67 -22.98
C LEU D 259 -2.66 26.76 -23.66
N GLY D 260 -3.16 27.99 -23.58
CA GLY D 260 -2.59 29.09 -24.32
C GLY D 260 -3.23 29.36 -25.65
N SER D 261 -4.28 28.62 -26.01
CA SER D 261 -5.02 28.85 -27.24
C SER D 261 -6.24 29.75 -27.02
N PHE D 262 -6.49 30.18 -25.79
CA PHE D 262 -7.61 31.06 -25.51
C PHE D 262 -7.28 31.94 -24.32
N TYR D 263 -8.09 32.97 -24.10
CA TYR D 263 -7.91 33.93 -23.04
C TYR D 263 -8.97 33.74 -21.96
N THR D 264 -8.67 34.27 -20.77
CA THR D 264 -9.65 34.40 -19.70
C THR D 264 -9.43 35.76 -19.06
N ASP D 265 -10.49 36.30 -18.44
CA ASP D 265 -10.30 37.51 -17.66
C ASP D 265 -9.76 37.14 -16.27
N ALA D 266 -9.43 38.17 -15.49
CA ALA D 266 -8.80 37.97 -14.19
C ALA D 266 -9.78 38.08 -13.03
N LEU D 267 -11.09 38.11 -13.30
CA LEU D 267 -12.09 38.27 -12.26
C LEU D 267 -12.19 36.97 -11.45
N VAL D 268 -11.29 36.83 -10.48
CA VAL D 268 -11.23 35.63 -9.64
C VAL D 268 -11.18 36.02 -8.18
N HIS D 269 -10.97 37.31 -7.91
CA HIS D 269 -11.09 37.92 -6.58
C HIS D 269 -10.03 37.48 -5.58
N ASP D 270 -9.32 36.38 -5.86
CA ASP D 270 -8.46 35.80 -4.84
C ASP D 270 -7.02 35.70 -5.32
N PRO D 271 -6.04 36.04 -4.47
CA PRO D 271 -4.63 35.96 -4.91
C PRO D 271 -4.20 34.58 -5.39
N LEU D 272 -4.48 33.55 -4.60
CA LEU D 272 -4.08 32.19 -4.99
C LEU D 272 -4.79 31.75 -6.27
N SER D 273 -6.06 32.13 -6.43
CA SER D 273 -6.78 31.77 -7.65
C SER D 273 -6.18 32.50 -8.85
N LEU D 274 -5.78 33.76 -8.67
CA LEU D 274 -5.14 34.49 -9.76
C LEU D 274 -3.78 33.89 -10.10
N LYS D 275 -3.00 33.51 -9.09
CA LYS D 275 -1.70 32.93 -9.36
C LYS D 275 -1.83 31.60 -10.09
N LEU D 276 -2.80 30.78 -9.70
CA LEU D 276 -3.08 29.56 -10.45
C LEU D 276 -3.54 29.87 -11.86
N LEU D 277 -4.32 30.94 -12.02
CA LEU D 277 -4.84 31.30 -13.33
C LEU D 277 -3.72 31.58 -14.31
N THR D 278 -2.74 32.38 -13.91
CA THR D 278 -1.62 32.69 -14.79
C THR D 278 -0.71 31.48 -14.99
N ASP D 279 -0.55 30.65 -13.97
CA ASP D 279 0.34 29.49 -14.09
C ASP D 279 -0.21 28.46 -15.07
N VAL D 280 -1.52 28.39 -15.23
CA VAL D 280 -2.14 27.39 -16.10
C VAL D 280 -2.51 28.02 -17.44
N ILE D 281 -3.34 29.07 -17.39
CA ILE D 281 -3.85 29.66 -18.63
C ILE D 281 -2.74 30.41 -19.36
N GLY D 282 -1.88 31.10 -18.62
CA GLY D 282 -0.74 31.76 -19.24
C GLY D 282 -0.61 33.22 -18.88
N LYS D 283 0.61 33.68 -18.65
CA LYS D 283 0.85 35.08 -18.36
C LYS D 283 0.47 35.97 -19.53
N ASP D 284 0.44 35.43 -20.74
CA ASP D 284 0.08 36.18 -21.94
C ASP D 284 -1.38 35.98 -22.34
N LYS D 285 -2.19 35.33 -21.49
CA LYS D 285 -3.56 35.00 -21.84
C LYS D 285 -4.60 35.48 -20.83
N VAL D 286 -4.20 36.10 -19.73
CA VAL D 286 -5.14 36.59 -18.73
C VAL D 286 -5.31 38.09 -18.91
N ILE D 287 -6.56 38.53 -18.97
CA ILE D 287 -6.91 39.92 -19.26
C ILE D 287 -7.62 40.50 -18.04
N LEU D 288 -7.44 41.80 -17.82
CA LEU D 288 -8.08 42.45 -16.68
C LEU D 288 -9.57 42.60 -16.94
N GLY D 289 -10.38 42.05 -16.04
CA GLY D 289 -11.82 42.18 -16.13
C GLY D 289 -12.39 42.64 -14.81
N THR D 290 -13.53 43.31 -14.89
CA THR D 290 -14.13 43.96 -13.74
C THR D 290 -15.61 43.66 -13.57
N ASP D 291 -16.34 43.30 -14.64
CA ASP D 291 -17.80 43.17 -14.60
C ASP D 291 -18.43 44.48 -14.12
N TYR D 292 -17.85 45.58 -14.58
CA TYR D 292 -18.37 46.91 -14.27
C TYR D 292 -19.75 47.08 -14.90
N PRO D 293 -20.71 47.67 -14.17
CA PRO D 293 -20.56 48.19 -12.81
C PRO D 293 -21.26 47.33 -11.75
N PHE D 294 -21.33 46.02 -11.96
CA PHE D 294 -22.09 45.17 -11.05
C PHE D 294 -21.27 44.87 -9.79
N PRO D 295 -21.92 44.81 -8.62
CA PRO D 295 -21.16 44.59 -7.37
C PRO D 295 -20.50 43.22 -7.30
N LEU D 296 -20.88 42.28 -8.15
CA LEU D 296 -20.21 40.98 -8.19
C LEU D 296 -18.75 41.10 -8.61
N GLY D 297 -18.38 42.16 -9.33
CA GLY D 297 -17.06 42.32 -9.86
C GLY D 297 -16.12 43.07 -8.92
N GLU D 298 -14.98 43.47 -9.49
CA GLU D 298 -13.93 44.12 -8.71
C GLU D 298 -14.23 45.60 -8.55
N LEU D 299 -14.33 46.06 -7.29
CA LEU D 299 -14.63 47.46 -7.04
C LEU D 299 -13.43 48.35 -7.33
N GLU D 300 -12.22 47.86 -7.03
CA GLU D 300 -10.99 48.60 -7.30
C GLU D 300 -10.29 47.94 -8.48
N PRO D 301 -10.51 48.43 -9.70
CA PRO D 301 -9.98 47.74 -10.88
C PRO D 301 -8.45 47.66 -10.86
N GLY D 302 -7.93 46.44 -10.99
CA GLY D 302 -6.51 46.22 -10.99
C GLY D 302 -5.85 46.09 -9.63
N LYS D 303 -6.61 46.28 -8.55
CA LYS D 303 -6.01 46.25 -7.22
C LYS D 303 -5.44 44.88 -6.89
N LEU D 304 -6.16 43.81 -7.27
CA LEU D 304 -5.67 42.46 -7.00
C LEU D 304 -4.37 42.18 -7.74
N ILE D 305 -4.23 42.68 -8.96
CA ILE D 305 -3.04 42.40 -9.75
C ILE D 305 -1.84 43.14 -9.20
N GLU D 306 -2.02 44.39 -8.79
CA GLU D 306 -0.91 45.18 -8.24
C GLU D 306 -0.38 44.58 -6.95
N SER D 307 -1.23 43.91 -6.18
CA SER D 307 -0.85 43.35 -4.88
C SER D 307 -0.11 42.02 -4.99
N MET D 308 0.19 41.56 -6.21
CA MET D 308 0.80 40.25 -6.40
C MET D 308 2.32 40.40 -6.38
N GLU D 309 2.94 39.98 -5.28
CA GLU D 309 4.39 39.93 -5.23
C GLU D 309 4.96 38.96 -6.27
N GLU D 310 4.22 37.90 -6.59
CA GLU D 310 4.71 36.88 -7.51
C GLU D 310 4.75 37.36 -8.95
N PHE D 311 4.25 38.56 -9.23
CA PHE D 311 4.29 39.14 -10.56
C PHE D 311 5.30 40.28 -10.59
N ASP D 312 6.22 40.23 -11.55
CA ASP D 312 7.09 41.37 -11.81
C ASP D 312 6.30 42.45 -12.56
N GLU D 313 6.95 43.59 -12.82
CA GLU D 313 6.22 44.68 -13.45
C GLU D 313 5.87 44.38 -14.90
N GLU D 314 6.64 43.53 -15.57
CA GLU D 314 6.32 43.19 -16.95
C GLU D 314 5.07 42.34 -17.03
N THR D 315 4.93 41.36 -16.12
CA THR D 315 3.74 40.51 -16.13
C THR D 315 2.50 41.29 -15.74
N LYS D 316 2.63 42.23 -14.80
CA LYS D 316 1.48 43.03 -14.38
C LYS D 316 0.96 43.89 -15.53
N ASN D 317 1.87 44.44 -16.34
CA ASN D 317 1.45 45.30 -17.45
C ASN D 317 0.72 44.50 -18.53
N LYS D 318 1.14 43.26 -18.75
CA LYS D 318 0.41 42.40 -19.69
C LYS D 318 -1.02 42.18 -19.22
N LEU D 319 -1.19 41.86 -17.93
CA LEU D 319 -2.53 41.61 -17.39
C LEU D 319 -3.38 42.86 -17.38
N LYS D 320 -2.77 44.05 -17.32
CA LYS D 320 -3.54 45.28 -17.25
C LYS D 320 -3.98 45.78 -18.62
N ALA D 321 -3.20 45.50 -19.67
CA ALA D 321 -3.52 46.05 -20.98
C ALA D 321 -2.97 45.20 -22.12
N GLY D 322 -1.70 44.79 -22.01
CA GLY D 322 -1.05 44.11 -23.11
C GLY D 322 -1.82 42.91 -23.63
N ASN D 323 -2.33 42.08 -22.71
CA ASN D 323 -3.11 40.92 -23.10
C ASN D 323 -4.43 41.34 -23.75
N ALA D 324 -5.06 42.40 -23.23
CA ALA D 324 -6.30 42.88 -23.82
C ALA D 324 -6.09 43.33 -25.27
N LEU D 325 -4.95 43.97 -25.55
CA LEU D 325 -4.69 44.47 -26.89
C LEU D 325 -4.46 43.33 -27.87
N ALA D 326 -3.66 42.34 -27.48
CA ALA D 326 -3.41 41.20 -28.36
C ALA D 326 -4.69 40.43 -28.64
N PHE D 327 -5.55 40.27 -27.62
CA PHE D 327 -6.81 39.57 -27.82
C PHE D 327 -7.71 40.34 -28.78
N LEU D 328 -7.87 41.64 -28.55
CA LEU D 328 -8.69 42.45 -29.44
C LEU D 328 -8.01 42.73 -30.77
N GLY D 329 -6.72 42.42 -30.90
CA GLY D 329 -5.97 42.71 -32.10
C GLY D 329 -5.92 44.18 -32.42
N LEU D 330 -5.46 44.99 -31.46
CA LEU D 330 -5.46 46.44 -31.60
C LEU D 330 -4.07 46.99 -31.29
N GLU D 331 -3.93 48.30 -31.49
CA GLU D 331 -2.69 49.02 -31.28
C GLU D 331 -2.90 50.08 -30.20
N ARG D 332 -1.83 50.39 -29.46
CA ARG D 332 -1.91 51.33 -28.35
C ARG D 332 -2.04 52.78 -28.83
N LYS D 333 -2.70 53.59 -28.02
CA LYS D 333 -2.83 55.02 -28.29
C LYS D 333 -2.34 55.84 -27.10
#